data_5J6B
#
_entry.id   5J6B
#
_cell.length_a   83.520
_cell.length_b   143.660
_cell.length_c   167.430
_cell.angle_alpha   90.00
_cell.angle_beta   90.00
_cell.angle_gamma   90.00
#
_symmetry.space_group_name_H-M   'P 21 21 21'
#
loop_
_entity.id
_entity.type
_entity.pdbx_description
1 polymer 'Aldehyde dehydrogenase'
2 non-polymer 'CHLORIDE ION'
3 non-polymer 'NADPH DIHYDRO-NICOTINAMIDE-ADENINE-DINUCLEOTIDE PHOSPHATE'
4 water water
#
_entity_poly.entity_id   1
_entity_poly.type   'polypeptide(L)'
_entity_poly.pdbx_seq_one_letter_code
;MAHHHHHHMLKETYPYYLANEAVYANAELEVTDKYTGKVATRVALADASAIDAAIAAAVGAQKPLRALPAFRRQAILEHC
VARFRERFDELAQALCIEAGKPINDSKGEVTRLIDTFRVAAEESVRIEGGLVNLEISPRAQGYSGYYKRVPIGPCSFISP
FNFPLNLAAHKVAPALAAGCPFVLKPASRTPIGALIIGEVLAETDLPKGAFSILPAHRDGADLFTTDERFKLLSFTGSPT
VGWELKKKAGKKKVVLELGGNAAAIVDADQREVLDYVVERLAFGAYYQSGQSCIGVQRIIAHADVYDALREKLIAKTRSL
KMGDPKDPATFVGPMISESEARRLAGWMEAAVAAGAKIVAGGKVDGAMFEATLLEGVGRDQDLYRKEAFGPVALLERFSD
FDDALARVNDSDFGLQAGVFTDSLSHAQRAWDELEVGGVVINDVPSFRVDNMPYGGVKDSGLGREGIRYAIEDMTELRLM
VVRRR
;
_entity_poly.pdbx_strand_id   A,B,C,D
#
# COMPACT_ATOMS: atom_id res chain seq x y z
N HIS A 5 28.65 14.23 30.21
CA HIS A 5 29.59 13.69 31.17
C HIS A 5 30.92 14.45 31.22
N HIS A 6 31.39 14.96 30.07
CA HIS A 6 32.72 15.56 30.01
C HIS A 6 32.77 16.65 28.94
N HIS A 7 33.68 17.61 29.17
CA HIS A 7 33.93 18.67 28.19
C HIS A 7 34.92 18.18 27.13
N HIS A 8 34.49 18.16 25.87
CA HIS A 8 35.31 17.69 24.77
C HIS A 8 36.09 18.85 24.16
N MET A 9 37.21 18.51 23.53
CA MET A 9 37.96 19.43 22.69
C MET A 9 37.99 18.88 21.28
N LEU A 10 37.77 19.76 20.29
CA LEU A 10 37.88 19.35 18.90
C LEU A 10 39.29 18.88 18.58
N LYS A 11 39.40 17.95 17.64
CA LYS A 11 40.71 17.60 17.08
C LYS A 11 41.36 18.84 16.43
N GLU A 12 42.69 18.83 16.37
CA GLU A 12 43.39 19.98 15.78
C GLU A 12 43.17 20.04 14.27
N THR A 13 43.06 18.89 13.61
CA THR A 13 42.73 18.82 12.19
C THR A 13 41.80 17.63 11.95
N TYR A 14 40.98 17.76 10.92
CA TYR A 14 40.09 16.70 10.49
C TYR A 14 40.41 16.30 9.05
N PRO A 15 40.34 15.02 8.73
CA PRO A 15 40.55 14.58 7.35
C PRO A 15 39.25 14.73 6.57
N TYR A 16 39.34 14.53 5.25
CA TYR A 16 38.14 14.24 4.50
C TYR A 16 38.09 12.75 4.20
N TYR A 17 36.95 12.30 3.69
CA TYR A 17 36.72 10.87 3.47
C TYR A 17 36.60 10.62 1.98
N LEU A 18 37.59 9.90 1.44
CA LEU A 18 37.67 9.56 0.02
C LEU A 18 37.52 8.05 -0.10
N ALA A 19 36.43 7.59 -0.69
CA ALA A 19 36.16 6.16 -0.86
C ALA A 19 36.27 5.43 0.48
N ASN A 20 35.55 5.95 1.47
CA ASN A 20 35.36 5.38 2.81
C ASN A 20 36.54 5.58 3.75
N GLU A 21 37.64 6.23 3.35
CA GLU A 21 38.81 6.26 4.20
C GLU A 21 39.30 7.70 4.40
N ALA A 22 39.78 7.98 5.60
CA ALA A 22 40.30 9.29 5.96
C ALA A 22 41.54 9.64 5.13
N VAL A 23 41.55 10.86 4.57
CA VAL A 23 42.73 11.41 3.92
C VAL A 23 43.04 12.76 4.56
N TYR A 24 44.21 12.88 5.20
CA TYR A 24 44.65 14.17 5.73
C TYR A 24 45.38 14.95 4.64
N ALA A 25 44.61 15.32 3.60
CA ALA A 25 45.20 15.86 2.39
C ALA A 25 45.88 17.21 2.65
N ASN A 26 45.31 18.00 3.54
CA ASN A 26 45.77 19.35 3.82
C ASN A 26 44.95 19.84 5.02
N ALA A 27 45.19 21.09 5.41
CA ALA A 27 44.46 21.70 6.51
C ALA A 27 43.98 23.09 6.11
N GLU A 28 43.50 23.22 4.88
CA GLU A 28 43.27 24.54 4.30
C GLU A 28 41.97 25.17 4.76
N LEU A 29 40.98 24.38 5.17
CA LEU A 29 39.67 24.90 5.53
C LEU A 29 39.64 25.21 7.02
N GLU A 30 39.67 26.49 7.36
CA GLU A 30 39.52 26.92 8.75
C GLU A 30 38.05 26.96 9.13
N VAL A 31 37.72 26.42 10.31
CA VAL A 31 36.36 26.45 10.82
C VAL A 31 36.38 27.29 12.09
N THR A 32 35.53 28.32 12.11
CA THR A 32 35.49 29.24 13.24
C THR A 32 34.41 28.84 14.22
N ASP A 33 34.70 29.12 15.50
CA ASP A 33 33.65 29.23 16.50
C ASP A 33 32.77 30.42 16.15
N LYS A 34 31.50 30.17 15.85
CA LYS A 34 30.65 31.25 15.37
C LYS A 34 30.28 32.25 16.46
N TYR A 35 30.59 31.97 17.73
CA TYR A 35 30.35 32.97 18.75
C TYR A 35 31.60 33.84 19.01
N THR A 36 32.76 33.21 19.16
CA THR A 36 33.98 33.94 19.45
C THR A 36 34.70 34.45 18.22
N GLY A 37 34.34 33.98 17.03
CA GLY A 37 35.07 34.31 15.81
C GLY A 37 36.41 33.63 15.66
N LYS A 38 36.90 32.96 16.70
CA LYS A 38 38.22 32.37 16.68
C LYS A 38 38.22 31.06 15.91
N VAL A 39 39.31 30.79 15.18
CA VAL A 39 39.41 29.52 14.46
C VAL A 39 39.41 28.37 15.46
N ALA A 40 38.50 27.42 15.25
CA ALA A 40 38.33 26.29 16.16
C ALA A 40 39.11 25.07 15.72
N THR A 41 39.26 24.85 14.42
CA THR A 41 39.95 23.67 13.91
C THR A 41 40.16 23.90 12.42
N ARG A 42 40.84 22.95 11.79
CA ARG A 42 41.13 22.99 10.37
C ARG A 42 40.81 21.63 9.79
N VAL A 43 40.26 21.60 8.57
CA VAL A 43 39.91 20.34 7.95
C VAL A 43 40.44 20.32 6.52
N ALA A 44 40.58 19.11 5.99
CA ALA A 44 41.07 18.92 4.63
C ALA A 44 40.05 19.41 3.61
N LEU A 45 40.49 20.26 2.69
CA LEU A 45 39.65 20.82 1.63
C LEU A 45 39.92 20.03 0.35
N ALA A 46 38.87 19.45 -0.22
CA ALA A 46 39.00 18.64 -1.42
C ALA A 46 39.06 19.53 -2.66
N ASP A 47 40.01 19.23 -3.55
CA ASP A 47 40.07 19.90 -4.85
C ASP A 47 39.36 19.04 -5.89
N ALA A 48 39.37 19.52 -7.14
CA ALA A 48 38.60 18.87 -8.19
C ALA A 48 39.11 17.47 -8.48
N SER A 49 40.42 17.27 -8.37
CA SER A 49 40.98 15.94 -8.57
CA SER A 49 40.98 15.94 -8.57
C SER A 49 40.45 14.95 -7.54
N ALA A 50 40.35 15.38 -6.27
CA ALA A 50 39.78 14.52 -5.24
C ALA A 50 38.29 14.27 -5.49
N ILE A 51 37.55 15.28 -5.95
CA ILE A 51 36.13 15.07 -6.24
C ILE A 51 35.96 14.06 -7.36
N ASP A 52 36.72 14.21 -8.44
CA ASP A 52 36.70 13.25 -9.53
C ASP A 52 36.99 11.83 -9.04
N ALA A 53 38.05 11.67 -8.23
CA ALA A 53 38.36 10.35 -7.68
C ALA A 53 37.19 9.78 -6.87
N ALA A 54 36.51 10.62 -6.09
CA ALA A 54 35.36 10.13 -5.31
C ALA A 54 34.22 9.69 -6.22
N ILE A 55 33.94 10.47 -7.26
CA ILE A 55 32.90 10.07 -8.22
C ILE A 55 33.28 8.75 -8.88
N ALA A 56 34.54 8.62 -9.31
CA ALA A 56 34.96 7.37 -9.94
C ALA A 56 34.78 6.18 -8.99
N ALA A 57 35.19 6.35 -7.72
CA ALA A 57 35.03 5.27 -6.75
C ALA A 57 33.56 4.96 -6.49
N ALA A 58 32.69 5.98 -6.55
CA ALA A 58 31.27 5.73 -6.36
C ALA A 58 30.72 4.87 -7.49
N VAL A 59 31.11 5.16 -8.74
CA VAL A 59 30.70 4.32 -9.87
C VAL A 59 31.14 2.88 -9.64
N GLY A 60 32.40 2.68 -9.24
CA GLY A 60 32.92 1.34 -9.04
C GLY A 60 32.25 0.60 -7.90
N ALA A 61 31.66 1.31 -6.95
CA ALA A 61 31.04 0.68 -5.78
C ALA A 61 29.60 0.25 -6.02
N GLN A 62 29.01 0.59 -7.16
CA GLN A 62 27.58 0.32 -7.37
C GLN A 62 27.28 -1.17 -7.24
N LYS A 63 28.01 -2.00 -8.00
CA LYS A 63 27.73 -3.44 -7.99
C LYS A 63 27.99 -4.08 -6.63
N PRO A 64 29.13 -3.83 -5.96
CA PRO A 64 29.32 -4.38 -4.60
C PRO A 64 28.25 -3.93 -3.64
N LEU A 65 27.89 -2.64 -3.68
CA LEU A 65 26.88 -2.10 -2.77
C LEU A 65 25.52 -2.72 -3.06
N ARG A 66 25.19 -2.91 -4.34
CA ARG A 66 23.97 -3.58 -4.72
C ARG A 66 23.91 -5.01 -4.19
N ALA A 67 25.07 -5.68 -4.07
CA ALA A 67 25.10 -7.07 -3.63
C ALA A 67 24.91 -7.24 -2.13
N LEU A 68 24.88 -6.18 -1.35
CA LEU A 68 24.62 -6.33 0.08
C LEU A 68 23.15 -6.65 0.30
N PRO A 69 22.83 -7.73 1.02
CA PRO A 69 21.43 -7.97 1.40
C PRO A 69 20.92 -6.91 2.37
N ALA A 70 19.59 -6.81 2.45
CA ALA A 70 18.95 -5.75 3.25
C ALA A 70 19.45 -5.78 4.70
N PHE A 71 19.54 -6.97 5.31
CA PHE A 71 19.93 -7.02 6.72
C PHE A 71 21.36 -6.49 6.94
N ARG A 72 22.22 -6.59 5.93
CA ARG A 72 23.56 -6.01 6.07
C ARG A 72 23.50 -4.50 6.08
N ARG A 73 22.65 -3.92 5.23
CA ARG A 73 22.50 -2.47 5.24
C ARG A 73 21.90 -1.98 6.55
N GLN A 74 20.97 -2.77 7.11
CA GLN A 74 20.42 -2.44 8.42
C GLN A 74 21.51 -2.44 9.49
N ALA A 75 22.38 -3.44 9.48
CA ALA A 75 23.43 -3.52 10.50
C ALA A 75 24.39 -2.34 10.39
N ILE A 76 24.68 -1.92 9.15
CA ILE A 76 25.50 -0.73 8.94
C ILE A 76 24.83 0.50 9.56
N LEU A 77 23.53 0.66 9.31
CA LEU A 77 22.81 1.80 9.88
C LEU A 77 22.75 1.71 11.41
N GLU A 78 22.53 0.50 11.94
CA GLU A 78 22.49 0.33 13.39
CA GLU A 78 22.48 0.34 13.40
C GLU A 78 23.82 0.66 14.03
N HIS A 79 24.92 0.33 13.36
CA HIS A 79 26.23 0.69 13.88
C HIS A 79 26.36 2.20 14.04
N CYS A 80 25.89 2.96 13.05
CA CYS A 80 25.94 4.42 13.14
C CYS A 80 25.11 4.92 14.31
N VAL A 81 23.88 4.41 14.45
CA VAL A 81 23.04 4.76 15.59
C VAL A 81 23.80 4.54 16.89
N ALA A 82 24.34 3.33 17.08
CA ALA A 82 25.06 3.00 18.31
C ALA A 82 26.21 3.97 18.57
N ARG A 83 26.99 4.30 17.53
CA ARG A 83 28.16 5.15 17.73
C ARG A 83 27.77 6.62 17.94
N PHE A 84 26.67 7.07 17.31
CA PHE A 84 26.19 8.43 17.54
C PHE A 84 25.72 8.61 18.98
N ARG A 85 25.11 7.58 19.56
CA ARG A 85 24.77 7.62 20.98
C ARG A 85 26.02 7.68 21.85
N GLU A 86 27.04 6.87 21.52
CA GLU A 86 28.29 6.88 22.29
C GLU A 86 28.98 8.24 22.23
N ARG A 87 28.91 8.90 21.07
CA ARG A 87 29.59 10.16 20.82
C ARG A 87 28.61 11.33 20.80
N PHE A 88 27.54 11.22 21.61
CA PHE A 88 26.49 12.23 21.65
C PHE A 88 27.04 13.59 22.07
N ASP A 89 27.75 13.65 23.19
CA ASP A 89 28.31 14.92 23.67
C ASP A 89 29.33 15.50 22.69
N GLU A 90 30.25 14.66 22.19
CA GLU A 90 31.21 15.11 21.18
C GLU A 90 30.49 15.80 20.02
N LEU A 91 29.42 15.20 19.52
CA LEU A 91 28.71 15.75 18.37
C LEU A 91 27.97 17.04 18.74
N ALA A 92 27.32 17.06 19.90
CA ALA A 92 26.59 18.26 20.32
C ALA A 92 27.53 19.44 20.53
N GLN A 93 28.70 19.21 21.14
CA GLN A 93 29.61 20.31 21.41
C GLN A 93 30.26 20.82 20.13
N ALA A 94 30.58 19.91 19.21
CA ALA A 94 31.13 20.34 17.93
C ALA A 94 30.11 21.16 17.17
N LEU A 95 28.85 20.74 17.23
CA LEU A 95 27.77 21.48 16.59
C LEU A 95 27.62 22.87 17.22
N CYS A 96 27.66 22.93 18.56
CA CYS A 96 27.56 24.19 19.27
C CYS A 96 28.61 25.19 18.77
N ILE A 97 29.86 24.74 18.64
CA ILE A 97 30.95 25.61 18.20
C ILE A 97 30.77 26.03 16.73
N GLU A 98 30.69 25.06 15.82
CA GLU A 98 30.81 25.38 14.41
C GLU A 98 29.56 26.05 13.86
N ALA A 99 28.40 25.81 14.45
CA ALA A 99 27.19 26.48 14.01
C ALA A 99 26.73 27.59 14.97
N GLY A 100 27.44 27.80 16.08
CA GLY A 100 26.96 28.75 17.08
C GLY A 100 25.59 28.41 17.62
N LYS A 101 25.24 27.14 17.62
CA LYS A 101 23.91 26.67 17.99
CA LYS A 101 23.91 26.69 18.00
C LYS A 101 23.85 26.45 19.50
N PRO A 102 22.87 27.04 20.20
CA PRO A 102 22.75 26.83 21.65
C PRO A 102 22.79 25.35 21.99
N ILE A 103 23.52 25.05 23.06
CA ILE A 103 23.96 23.68 23.31
C ILE A 103 22.77 22.76 23.54
N ASN A 104 21.71 23.26 24.19
CA ASN A 104 20.53 22.41 24.39
C ASN A 104 19.86 22.08 23.06
N ASP A 105 19.83 23.03 22.13
CA ASP A 105 19.31 22.73 20.80
C ASP A 105 20.29 21.93 19.95
N SER A 106 21.59 22.03 20.23
CA SER A 106 22.55 21.15 19.57
C SER A 106 22.34 19.71 19.99
N LYS A 107 22.16 19.49 21.30
CA LYS A 107 21.79 18.15 21.76
C LYS A 107 20.50 17.67 21.11
N GLY A 108 19.52 18.56 20.98
CA GLY A 108 18.29 18.21 20.29
C GLY A 108 18.52 17.74 18.86
N GLU A 109 19.44 18.39 18.14
CA GLU A 109 19.71 17.96 16.78
C GLU A 109 20.43 16.62 16.74
N VAL A 110 21.35 16.36 17.69
CA VAL A 110 21.99 15.04 17.71
C VAL A 110 20.95 13.96 17.96
N THR A 111 19.95 14.24 18.79
CA THR A 111 18.84 13.31 18.98
C THR A 111 18.10 13.04 17.67
N ARG A 112 17.88 14.08 16.86
CA ARG A 112 17.25 13.90 15.57
C ARG A 112 18.15 13.10 14.62
N LEU A 113 19.46 13.36 14.64
CA LEU A 113 20.40 12.57 13.85
C LEU A 113 20.21 11.09 14.13
N ILE A 114 20.11 10.75 15.41
CA ILE A 114 19.90 9.38 15.83
C ILE A 114 18.56 8.86 15.32
N ASP A 115 17.49 9.63 15.55
CA ASP A 115 16.16 9.21 15.06
C ASP A 115 16.16 8.97 13.55
N THR A 116 16.80 9.86 12.79
CA THR A 116 16.76 9.74 11.34
C THR A 116 17.45 8.45 10.88
N PHE A 117 18.62 8.15 11.47
CA PHE A 117 19.30 6.89 11.14
C PHE A 117 18.50 5.69 11.63
N ARG A 118 17.82 5.83 12.77
CA ARG A 118 17.03 4.70 13.27
CA ARG A 118 17.03 4.71 13.28
C ARG A 118 15.87 4.39 12.34
N VAL A 119 15.19 5.42 11.85
CA VAL A 119 14.11 5.18 10.90
C VAL A 119 14.67 4.52 9.63
N ALA A 120 15.87 4.95 9.20
CA ALA A 120 16.45 4.37 7.99
C ALA A 120 16.82 2.91 8.22
N ALA A 121 17.36 2.59 9.39
CA ALA A 121 17.63 1.19 9.74
C ALA A 121 16.36 0.34 9.63
N GLU A 122 15.23 0.85 10.12
CA GLU A 122 13.97 0.12 9.99
C GLU A 122 13.52 0.00 8.54
N GLU A 123 13.63 1.08 7.77
CA GLU A 123 13.14 1.06 6.39
C GLU A 123 14.02 0.24 5.47
N SER A 124 15.29 0.03 5.84
CA SER A 124 16.22 -0.67 4.96
C SER A 124 15.77 -2.10 4.68
N VAL A 125 14.96 -2.70 5.55
CA VAL A 125 14.50 -4.06 5.33
C VAL A 125 13.05 -4.13 4.85
N ARG A 126 12.46 -3.00 4.48
CA ARG A 126 11.09 -3.03 3.95
C ARG A 126 10.94 -2.11 2.74
N ILE A 127 11.94 -2.06 1.87
CA ILE A 127 11.84 -1.22 0.68
C ILE A 127 10.78 -1.81 -0.25
N GLU A 128 9.82 -0.97 -0.65
CA GLU A 128 8.62 -1.48 -1.29
C GLU A 128 8.90 -2.02 -2.68
N GLY A 129 8.33 -3.18 -2.97
CA GLY A 129 8.12 -3.66 -4.32
C GLY A 129 6.63 -3.93 -4.52
N GLY A 130 6.30 -4.48 -5.68
CA GLY A 130 4.89 -4.72 -5.92
C GLY A 130 4.59 -5.73 -7.01
N LEU A 131 3.33 -6.14 -7.02
CA LEU A 131 2.72 -6.91 -8.08
C LEU A 131 1.75 -6.01 -8.83
N VAL A 132 1.63 -6.23 -10.13
CA VAL A 132 0.70 -5.47 -10.97
C VAL A 132 -0.12 -6.47 -11.76
N ASN A 133 -1.45 -6.38 -11.71
CA ASN A 133 -2.26 -7.17 -12.61
CA ASN A 133 -2.28 -7.15 -12.60
C ASN A 133 -2.24 -6.52 -13.98
N LEU A 134 -1.72 -7.24 -14.97
CA LEU A 134 -1.65 -6.73 -16.32
C LEU A 134 -2.77 -7.25 -17.22
N GLU A 135 -3.58 -8.19 -16.75
CA GLU A 135 -4.61 -8.79 -17.59
C GLU A 135 -5.85 -7.90 -17.62
N ILE A 136 -5.69 -6.72 -18.24
CA ILE A 136 -6.76 -5.73 -18.30
C ILE A 136 -7.47 -5.71 -19.64
N SER A 137 -7.01 -6.51 -20.60
CA SER A 137 -7.60 -6.53 -21.93
C SER A 137 -7.21 -7.84 -22.59
N PRO A 138 -7.97 -8.28 -23.61
CA PRO A 138 -7.66 -9.58 -24.24
C PRO A 138 -6.21 -9.70 -24.71
N ARG A 139 -5.64 -8.62 -25.22
CA ARG A 139 -4.27 -8.64 -25.74
C ARG A 139 -3.28 -9.08 -24.65
N ALA A 140 -3.51 -8.67 -23.41
CA ALA A 140 -2.58 -8.92 -22.33
C ALA A 140 -2.93 -10.16 -21.51
N GLN A 141 -3.74 -11.07 -22.06
CA GLN A 141 -4.04 -12.30 -21.32
C GLN A 141 -2.76 -13.11 -21.10
N GLY A 142 -2.58 -13.58 -19.87
CA GLY A 142 -1.43 -14.38 -19.53
C GLY A 142 -0.19 -13.61 -19.12
N TYR A 143 -0.25 -12.28 -19.05
CA TYR A 143 0.87 -11.47 -18.61
C TYR A 143 0.69 -11.10 -17.14
N SER A 144 1.79 -11.11 -16.40
CA SER A 144 1.77 -10.66 -15.02
C SER A 144 2.96 -9.74 -14.77
N GLY A 145 2.79 -8.84 -13.83
CA GLY A 145 3.77 -7.79 -13.57
C GLY A 145 4.31 -7.84 -12.16
N TYR A 146 5.62 -7.65 -12.03
CA TYR A 146 6.34 -7.57 -10.77
C TYR A 146 7.28 -6.38 -10.85
N TYR A 147 7.37 -5.58 -9.78
CA TYR A 147 8.37 -4.53 -9.82
C TYR A 147 9.10 -4.44 -8.48
N LYS A 148 10.37 -4.11 -8.53
CA LYS A 148 11.15 -3.83 -7.34
C LYS A 148 11.92 -2.54 -7.58
N ARG A 149 12.40 -1.94 -6.49
CA ARG A 149 13.18 -0.72 -6.56
C ARG A 149 14.67 -1.06 -6.53
N VAL A 150 15.43 -0.44 -7.42
CA VAL A 150 16.88 -0.64 -7.49
C VAL A 150 17.53 0.73 -7.29
N PRO A 151 18.80 0.75 -6.87
CA PRO A 151 19.47 2.05 -6.65
C PRO A 151 19.47 2.91 -7.91
N ILE A 152 19.30 4.22 -7.73
CA ILE A 152 19.31 5.10 -8.91
C ILE A 152 20.72 5.20 -9.49
N GLY A 153 21.75 5.01 -8.67
CA GLY A 153 23.11 5.22 -9.10
C GLY A 153 23.82 6.10 -8.10
N PRO A 154 25.01 6.60 -8.45
CA PRO A 154 25.75 7.47 -7.53
C PRO A 154 25.01 8.78 -7.28
N CYS A 155 25.00 9.21 -6.02
CA CYS A 155 24.24 10.39 -5.61
C CYS A 155 25.17 11.51 -5.17
N SER A 156 24.85 12.72 -5.60
CA SER A 156 25.54 13.92 -5.15
C SER A 156 24.69 14.61 -4.09
N PHE A 157 25.26 14.83 -2.90
CA PHE A 157 24.55 15.43 -1.77
C PHE A 157 25.24 16.74 -1.39
N ILE A 158 24.44 17.78 -1.19
CA ILE A 158 24.91 19.08 -0.73
C ILE A 158 24.02 19.53 0.42
N SER A 159 24.63 19.90 1.54
CA SER A 159 23.88 20.21 2.76
C SER A 159 24.26 21.59 3.29
N PRO A 160 23.38 22.21 4.10
CA PRO A 160 23.63 23.58 4.56
C PRO A 160 24.22 23.66 5.96
N PHE A 161 24.39 24.89 6.47
CA PHE A 161 25.09 25.10 7.73
C PHE A 161 24.21 24.92 8.95
N ASN A 162 22.87 25.08 8.84
CA ASN A 162 22.10 25.36 10.05
C ASN A 162 21.71 24.09 10.81
N PHE A 163 21.30 23.02 10.11
CA PHE A 163 21.05 21.70 10.71
C PHE A 163 22.04 20.72 10.09
N PRO A 164 23.34 20.88 10.35
CA PRO A 164 24.32 20.17 9.53
C PRO A 164 24.32 18.68 9.75
N LEU A 165 24.07 18.21 10.97
CA LEU A 165 23.98 16.77 11.21
C LEU A 165 22.71 16.20 10.58
N ASN A 166 21.56 16.74 10.96
CA ASN A 166 20.32 16.06 10.59
C ASN A 166 19.98 16.22 9.11
N LEU A 167 20.35 17.34 8.49
CA LEU A 167 20.00 17.48 7.08
C LEU A 167 20.95 16.69 6.18
N ALA A 168 22.20 16.48 6.63
CA ALA A 168 23.03 15.48 5.97
C ALA A 168 22.45 14.08 6.17
N ALA A 169 21.95 13.81 7.38
CA ALA A 169 21.42 12.48 7.69
C ALA A 169 20.23 12.13 6.81
N HIS A 170 19.43 13.13 6.44
CA HIS A 170 18.25 12.88 5.61
C HIS A 170 18.61 12.57 4.17
N LYS A 171 19.89 12.65 3.81
CA LYS A 171 20.37 12.15 2.53
C LYS A 171 21.23 10.91 2.70
N VAL A 172 22.19 10.96 3.63
CA VAL A 172 23.10 9.83 3.86
C VAL A 172 22.34 8.57 4.26
N ALA A 173 21.46 8.67 5.23
CA ALA A 173 20.81 7.46 5.78
C ALA A 173 19.92 6.78 4.76
N PRO A 174 19.10 7.52 3.99
CA PRO A 174 18.36 6.86 2.90
C PRO A 174 19.28 6.22 1.88
N ALA A 175 20.41 6.86 1.56
CA ALA A 175 21.32 6.29 0.57
C ALA A 175 21.86 4.94 1.05
N LEU A 176 22.16 4.85 2.33
CA LEU A 176 22.62 3.59 2.90
C LEU A 176 21.50 2.55 2.89
N ALA A 177 20.27 2.97 3.17
CA ALA A 177 19.14 2.05 3.11
C ALA A 177 18.88 1.59 1.68
N ALA A 178 19.01 2.49 0.71
CA ALA A 178 18.65 2.16 -0.67
C ALA A 178 19.79 1.50 -1.44
N GLY A 179 21.01 1.55 -0.93
CA GLY A 179 22.14 1.00 -1.66
C GLY A 179 22.73 1.90 -2.73
N CYS A 180 22.62 3.24 -2.56
CA CYS A 180 23.28 4.15 -3.50
C CYS A 180 24.61 4.60 -2.95
N PRO A 181 25.67 4.55 -3.73
CA PRO A 181 26.90 5.24 -3.32
C PRO A 181 26.68 6.74 -3.40
N PHE A 182 27.40 7.49 -2.58
CA PHE A 182 27.16 8.92 -2.59
C PHE A 182 28.44 9.69 -2.29
N VAL A 183 28.46 10.95 -2.70
CA VAL A 183 29.50 11.91 -2.35
C VAL A 183 28.82 13.09 -1.68
N LEU A 184 29.14 13.35 -0.42
CA LEU A 184 28.50 14.42 0.33
C LEU A 184 29.42 15.62 0.44
N LYS A 185 28.91 16.80 0.08
CA LYS A 185 29.64 18.05 0.30
C LYS A 185 28.92 18.86 1.36
N PRO A 186 29.42 18.91 2.57
CA PRO A 186 28.78 19.69 3.62
C PRO A 186 29.05 21.17 3.44
N ALA A 187 28.38 21.98 4.26
CA ALA A 187 28.64 23.41 4.28
C ALA A 187 30.04 23.68 4.81
N SER A 188 30.79 24.53 4.10
CA SER A 188 32.18 24.82 4.51
C SER A 188 32.24 25.46 5.88
N ARG A 189 31.18 26.19 6.27
CA ARG A 189 31.17 26.81 7.60
C ARG A 189 30.99 25.77 8.71
N THR A 190 30.37 24.62 8.42
CA THR A 190 30.05 23.63 9.44
C THR A 190 30.34 22.22 8.94
N PRO A 191 31.62 21.87 8.71
CA PRO A 191 31.92 20.54 8.17
C PRO A 191 32.23 19.47 9.20
N ILE A 192 32.41 19.83 10.47
CA ILE A 192 32.94 18.90 11.46
C ILE A 192 31.98 17.73 11.68
N GLY A 193 30.70 18.03 11.86
CA GLY A 193 29.74 16.97 12.14
C GLY A 193 29.71 15.94 11.03
N ALA A 194 29.66 16.41 9.77
CA ALA A 194 29.72 15.53 8.62
C ALA A 194 30.97 14.64 8.64
N LEU A 195 32.10 15.19 9.08
CA LEU A 195 33.33 14.40 9.11
C LEU A 195 33.36 13.42 10.28
N ILE A 196 32.70 13.75 11.39
CA ILE A 196 32.55 12.76 12.45
C ILE A 196 31.65 11.61 11.99
N ILE A 197 30.59 11.94 11.25
CA ILE A 197 29.76 10.90 10.64
C ILE A 197 30.61 10.03 9.69
N GLY A 198 31.43 10.68 8.86
CA GLY A 198 32.36 9.93 8.02
C GLY A 198 33.26 9.00 8.80
N GLU A 199 33.78 9.45 9.93
CA GLU A 199 34.62 8.56 10.72
C GLU A 199 33.82 7.34 11.18
N VAL A 200 32.59 7.57 11.62
CA VAL A 200 31.74 6.46 12.06
C VAL A 200 31.42 5.54 10.90
N LEU A 201 31.04 6.12 9.75
CA LEU A 201 30.77 5.32 8.56
C LEU A 201 32.00 4.53 8.12
N ALA A 202 33.21 5.07 8.32
CA ALA A 202 34.40 4.34 7.90
C ALA A 202 34.59 3.05 8.68
N GLU A 203 33.99 2.94 9.86
CA GLU A 203 34.13 1.74 10.69
C GLU A 203 33.33 0.56 10.16
N THR A 204 32.35 0.79 9.30
CA THR A 204 31.44 -0.25 8.85
C THR A 204 32.03 -1.03 7.67
N ASP A 205 31.40 -2.15 7.33
CA ASP A 205 31.86 -2.95 6.21
C ASP A 205 31.18 -2.56 4.88
N LEU A 206 30.87 -1.28 4.71
CA LEU A 206 30.46 -0.79 3.40
C LEU A 206 31.55 -1.04 2.38
N PRO A 207 31.20 -1.39 1.13
CA PRO A 207 32.25 -1.58 0.12
C PRO A 207 32.99 -0.27 -0.13
N LYS A 208 34.27 -0.39 -0.48
CA LYS A 208 35.08 0.80 -0.72
C LYS A 208 34.52 1.59 -1.89
N GLY A 209 34.40 2.91 -1.69
CA GLY A 209 33.78 3.78 -2.67
C GLY A 209 32.32 4.06 -2.41
N ALA A 210 31.70 3.39 -1.42
CA ALA A 210 30.28 3.61 -1.14
C ALA A 210 30.00 5.03 -0.67
N PHE A 211 30.95 5.67 0.00
CA PHE A 211 30.74 7.07 0.37
C PHE A 211 32.05 7.84 0.30
N SER A 212 31.91 9.13 -0.01
CA SER A 212 32.95 10.12 0.20
C SER A 212 32.29 11.34 0.81
N ILE A 213 33.03 12.02 1.69
CA ILE A 213 32.57 13.24 2.32
C ILE A 213 33.67 14.27 2.14
N LEU A 214 33.43 15.26 1.28
CA LEU A 214 34.49 16.14 0.82
C LEU A 214 34.13 17.59 1.06
N PRO A 215 34.75 18.26 2.04
CA PRO A 215 34.55 19.72 2.14
C PRO A 215 35.10 20.41 0.89
N ALA A 216 34.36 21.41 0.43
CA ALA A 216 34.75 22.21 -0.73
C ALA A 216 33.87 23.45 -0.75
N HIS A 217 34.48 24.61 -1.01
CA HIS A 217 33.71 25.83 -1.12
C HIS A 217 32.82 25.78 -2.36
N ARG A 218 31.77 26.59 -2.36
CA ARG A 218 30.86 26.64 -3.49
C ARG A 218 31.58 26.92 -4.80
N ASP A 219 32.55 27.86 -4.79
CA ASP A 219 33.27 28.21 -6.02
C ASP A 219 34.15 27.08 -6.54
N GLY A 220 34.31 26.00 -5.79
CA GLY A 220 35.09 24.87 -6.25
C GLY A 220 34.27 23.59 -6.28
N ALA A 221 32.94 23.72 -6.25
CA ALA A 221 32.04 22.57 -6.14
C ALA A 221 31.28 22.27 -7.41
N ASP A 222 31.77 22.72 -8.58
CA ASP A 222 30.97 22.60 -9.80
C ASP A 222 30.64 21.15 -10.13
N LEU A 223 31.59 20.22 -9.89
CA LEU A 223 31.35 18.83 -10.27
C LEU A 223 30.19 18.21 -9.50
N PHE A 224 29.89 18.74 -8.31
CA PHE A 224 28.76 18.19 -7.55
C PHE A 224 27.46 18.40 -8.28
N THR A 225 27.38 19.39 -9.16
CA THR A 225 26.20 19.64 -9.95
C THR A 225 26.27 19.05 -11.37
N THR A 226 27.43 19.14 -12.02
CA THR A 226 27.50 18.91 -13.46
C THR A 226 27.99 17.52 -13.87
N ASP A 227 28.70 16.77 -13.02
CA ASP A 227 29.30 15.51 -13.48
C ASP A 227 28.23 14.50 -13.87
N GLU A 228 28.36 13.95 -15.08
CA GLU A 228 27.33 13.06 -15.64
C GLU A 228 27.29 11.71 -14.96
N ARG A 229 28.30 11.35 -14.17
CA ARG A 229 28.27 10.05 -13.50
C ARG A 229 27.31 10.05 -12.31
N PHE A 230 27.00 11.21 -11.73
CA PHE A 230 25.95 11.32 -10.73
C PHE A 230 24.60 11.16 -11.40
N LYS A 231 23.73 10.33 -10.81
CA LYS A 231 22.37 10.13 -11.30
C LYS A 231 21.33 10.91 -10.50
N LEU A 232 21.72 11.49 -9.37
CA LEU A 232 20.83 12.27 -8.52
C LEU A 232 21.65 13.40 -7.91
N LEU A 233 21.14 14.61 -7.98
CA LEU A 233 21.62 15.71 -7.15
C LEU A 233 20.54 16.01 -6.12
N SER A 234 20.89 15.89 -4.84
CA SER A 234 19.95 16.26 -3.78
C SER A 234 20.56 17.40 -2.96
N PHE A 235 19.95 18.57 -3.06
CA PHE A 235 20.47 19.80 -2.49
C PHE A 235 19.55 20.31 -1.39
N THR A 236 20.12 20.66 -0.25
CA THR A 236 19.39 21.36 0.82
C THR A 236 20.12 22.66 1.11
N GLY A 237 19.41 23.79 0.98
CA GLY A 237 20.05 25.09 1.10
C GLY A 237 19.13 26.20 0.63
N SER A 238 19.73 27.31 0.23
CA SER A 238 18.94 28.50 -0.06
C SER A 238 18.20 28.35 -1.40
N PRO A 239 17.00 28.95 -1.50
CA PRO A 239 16.29 28.94 -2.79
C PRO A 239 17.10 29.50 -3.94
N THR A 240 17.83 30.61 -3.72
CA THR A 240 18.58 31.23 -4.80
C THR A 240 19.60 30.25 -5.39
N VAL A 241 20.29 29.50 -4.52
CA VAL A 241 21.29 28.54 -5.00
C VAL A 241 20.60 27.35 -5.64
N GLY A 242 19.60 26.77 -4.97
CA GLY A 242 19.00 25.53 -5.44
C GLY A 242 18.44 25.63 -6.85
N TRP A 243 17.67 26.69 -7.13
CA TRP A 243 17.09 26.77 -8.46
C TRP A 243 18.15 27.02 -9.52
N GLU A 244 19.26 27.67 -9.15
CA GLU A 244 20.36 27.83 -10.10
C GLU A 244 21.06 26.50 -10.35
N LEU A 245 21.23 25.67 -9.31
CA LEU A 245 21.89 24.40 -9.52
C LEU A 245 21.06 23.47 -10.40
N LYS A 246 19.74 23.46 -10.22
CA LYS A 246 18.88 22.68 -11.09
C LYS A 246 19.15 23.00 -12.56
N LYS A 247 19.37 24.28 -12.89
CA LYS A 247 19.61 24.68 -14.27
C LYS A 247 20.87 24.05 -14.85
N LYS A 248 21.87 23.80 -14.03
CA LYS A 248 23.15 23.29 -14.50
C LYS A 248 23.32 21.79 -14.27
N ALA A 249 22.29 21.09 -13.77
CA ALA A 249 22.45 19.70 -13.37
C ALA A 249 22.60 18.73 -14.55
N GLY A 250 22.13 19.07 -15.74
CA GLY A 250 22.24 18.11 -16.83
C GLY A 250 21.19 17.02 -16.77
N LYS A 251 21.56 15.76 -17.05
CA LYS A 251 20.56 14.70 -17.15
C LYS A 251 20.02 14.22 -15.81
N LYS A 252 20.76 14.43 -14.73
CA LYS A 252 20.45 13.78 -13.45
C LYS A 252 19.12 14.28 -12.86
N LYS A 253 18.45 13.39 -12.13
CA LYS A 253 17.32 13.78 -11.30
C LYS A 253 17.78 14.81 -10.28
N VAL A 254 16.91 15.78 -9.97
CA VAL A 254 17.23 16.85 -9.03
C VAL A 254 16.17 16.90 -7.94
N VAL A 255 16.61 16.94 -6.68
CA VAL A 255 15.74 17.13 -5.52
C VAL A 255 16.23 18.35 -4.79
N LEU A 256 15.29 19.24 -4.40
CA LEU A 256 15.63 20.51 -3.76
C LEU A 256 14.83 20.67 -2.47
N GLU A 257 15.55 20.98 -1.39
CA GLU A 257 14.97 21.28 -0.08
C GLU A 257 15.44 22.69 0.26
N LEU A 258 14.54 23.67 0.15
CA LEU A 258 14.88 25.09 0.21
C LEU A 258 14.23 25.75 1.44
N GLY A 259 14.00 27.07 1.38
CA GLY A 259 13.48 27.79 2.52
C GLY A 259 12.15 28.50 2.28
N GLY A 260 11.80 29.45 3.15
CA GLY A 260 10.53 30.15 2.99
C GLY A 260 10.34 31.14 4.11
N ASN A 261 9.14 31.74 4.16
CA ASN A 261 8.79 32.71 5.19
C ASN A 261 7.53 32.23 5.93
N ALA A 262 7.69 31.13 6.67
CA ALA A 262 6.55 30.37 7.18
C ALA A 262 5.67 31.21 8.10
N ALA A 263 4.38 30.94 8.03
CA ALA A 263 3.36 31.64 8.79
C ALA A 263 2.63 30.68 9.72
N ALA A 264 2.14 31.24 10.82
CA ALA A 264 1.29 30.53 11.77
C ALA A 264 0.03 31.38 11.97
N ILE A 265 -1.13 30.76 11.84
CA ILE A 265 -2.42 31.39 12.10
C ILE A 265 -2.83 31.04 13.52
N VAL A 266 -3.32 32.03 14.26
CA VAL A 266 -3.94 31.80 15.57
C VAL A 266 -5.41 32.16 15.45
N ASP A 267 -6.29 31.17 15.59
CA ASP A 267 -7.71 31.35 15.32
C ASP A 267 -8.42 31.99 16.52
N ALA A 268 -9.69 32.37 16.29
CA ALA A 268 -10.50 33.10 17.26
C ALA A 268 -10.77 32.33 18.54
N ASP A 269 -10.68 31.00 18.52
CA ASP A 269 -11.14 30.17 19.61
C ASP A 269 -10.01 29.78 20.57
N GLN A 270 -8.87 30.46 20.53
CA GLN A 270 -7.67 29.99 21.21
C GLN A 270 -7.42 30.68 22.57
N ARG A 271 -8.37 31.48 23.06
CA ARG A 271 -8.12 32.28 24.27
C ARG A 271 -7.65 31.41 25.43
N GLU A 272 -8.32 30.28 25.66
CA GLU A 272 -8.02 29.47 26.83
C GLU A 272 -6.65 28.79 26.74
N VAL A 273 -6.04 28.72 25.56
CA VAL A 273 -4.76 28.03 25.40
C VAL A 273 -3.66 28.97 24.91
N LEU A 274 -3.81 30.28 25.15
CA LEU A 274 -2.86 31.23 24.58
C LEU A 274 -1.45 31.05 25.13
N ASP A 275 -1.29 30.61 26.38
CA ASP A 275 0.07 30.42 26.89
C ASP A 275 0.80 29.33 26.12
N TYR A 276 0.09 28.26 25.76
CA TYR A 276 0.69 27.21 24.94
C TYR A 276 1.01 27.73 23.55
N VAL A 277 0.08 28.48 22.94
CA VAL A 277 0.31 29.03 21.61
C VAL A 277 1.54 29.94 21.61
N VAL A 278 1.64 30.82 22.62
CA VAL A 278 2.77 31.75 22.69
C VAL A 278 4.08 30.99 22.86
N GLU A 279 4.09 29.95 23.68
CA GLU A 279 5.29 29.15 23.87
C GLU A 279 5.77 28.54 22.55
N ARG A 280 4.83 28.02 21.75
CA ARG A 280 5.19 27.40 20.48
C ARG A 280 5.60 28.44 19.45
N LEU A 281 4.92 29.60 19.44
CA LEU A 281 5.32 30.67 18.53
C LEU A 281 6.73 31.14 18.85
N ALA A 282 7.02 31.38 20.13
CA ALA A 282 8.36 31.82 20.51
C ALA A 282 9.40 30.77 20.12
N PHE A 283 9.09 29.48 20.36
CA PHE A 283 10.01 28.43 19.93
C PHE A 283 10.20 28.46 18.41
N GLY A 284 9.11 28.47 17.65
CA GLY A 284 9.24 28.45 16.21
C GLY A 284 9.94 29.67 15.64
N ALA A 285 9.72 30.84 16.24
CA ALA A 285 10.30 32.07 15.70
C ALA A 285 11.78 32.21 16.02
N TYR A 286 12.19 31.76 17.21
CA TYR A 286 13.49 32.14 17.74
C TYR A 286 14.44 30.97 18.02
N TYR A 287 13.96 29.72 17.93
CA TYR A 287 14.84 28.55 18.02
C TYR A 287 16.01 28.70 17.06
N GLN A 288 17.22 28.46 17.56
CA GLN A 288 18.43 28.64 16.77
C GLN A 288 18.44 30.00 16.08
N SER A 289 17.98 31.03 16.81
CA SER A 289 17.93 32.41 16.34
C SER A 289 17.21 32.53 15.00
N GLY A 290 16.16 31.72 14.80
CA GLY A 290 15.39 31.82 13.56
C GLY A 290 16.06 31.27 12.34
N GLN A 291 17.23 30.63 12.48
CA GLN A 291 17.95 30.09 11.32
C GLN A 291 17.45 28.66 11.07
N SER A 292 16.17 28.60 10.69
CA SER A 292 15.52 27.35 10.36
C SER A 292 14.69 27.55 9.10
N CYS A 293 14.73 26.55 8.23
CA CYS A 293 13.97 26.64 7.01
C CYS A 293 12.46 26.64 7.25
N ILE A 294 12.01 26.32 8.46
CA ILE A 294 10.58 26.40 8.77
C ILE A 294 10.37 27.24 10.02
N GLY A 295 11.29 28.17 10.28
CA GLY A 295 11.09 29.09 11.38
C GLY A 295 9.84 29.94 11.17
N VAL A 296 9.13 30.20 12.26
CA VAL A 296 7.97 31.10 12.20
C VAL A 296 8.47 32.49 11.86
N GLN A 297 8.06 33.01 10.69
CA GLN A 297 8.39 34.38 10.36
C GLN A 297 7.20 35.33 10.46
N ARG A 298 6.00 34.83 10.21
CA ARG A 298 4.79 35.65 10.19
C ARG A 298 3.74 35.05 11.12
N ILE A 299 3.20 35.86 12.02
CA ILE A 299 2.15 35.43 12.92
C ILE A 299 0.88 36.19 12.56
N ILE A 300 -0.18 35.45 12.25
CA ILE A 300 -1.44 35.99 11.75
C ILE A 300 -2.51 35.62 12.78
N ALA A 301 -2.89 36.57 13.63
CA ALA A 301 -3.69 36.29 14.82
C ALA A 301 -5.06 36.95 14.72
N HIS A 302 -6.09 36.20 15.13
CA HIS A 302 -7.45 36.68 15.05
C HIS A 302 -7.71 37.83 16.02
N ALA A 303 -8.49 38.81 15.57
CA ALA A 303 -8.81 40.00 16.36
C ALA A 303 -9.34 39.65 17.74
N ASP A 304 -10.08 38.55 17.87
CA ASP A 304 -10.67 38.19 19.16
C ASP A 304 -9.62 37.86 20.22
N VAL A 305 -8.45 37.36 19.82
CA VAL A 305 -7.41 37.01 20.77
C VAL A 305 -6.18 37.88 20.63
N TYR A 306 -6.22 38.89 19.74
CA TYR A 306 -5.02 39.59 19.33
C TYR A 306 -4.35 40.31 20.49
N ASP A 307 -5.12 41.10 21.23
CA ASP A 307 -4.52 41.91 22.30
C ASP A 307 -3.90 41.03 23.39
N ALA A 308 -4.59 39.95 23.77
CA ALA A 308 -4.04 39.07 24.79
C ALA A 308 -2.80 38.34 24.28
N LEU A 309 -2.85 37.85 23.04
CA LEU A 309 -1.69 37.18 22.44
C LEU A 309 -0.51 38.12 22.33
N ARG A 310 -0.76 39.36 21.91
CA ARG A 310 0.30 40.34 21.72
C ARG A 310 1.04 40.63 23.02
N GLU A 311 0.30 40.84 24.11
CA GLU A 311 0.92 41.11 25.40
C GLU A 311 1.75 39.91 25.86
N LYS A 312 1.20 38.71 25.75
CA LYS A 312 1.94 37.51 26.16
C LYS A 312 3.16 37.27 25.28
N LEU A 313 3.04 37.58 23.98
CA LEU A 313 4.14 37.31 23.06
C LEU A 313 5.28 38.30 23.26
N ILE A 314 4.95 39.57 23.48
CA ILE A 314 5.97 40.55 23.82
C ILE A 314 6.71 40.14 25.08
N ALA A 315 5.97 39.74 26.12
CA ALA A 315 6.62 39.32 27.35
C ALA A 315 7.48 38.09 27.14
N LYS A 316 6.97 37.11 26.40
CA LYS A 316 7.75 35.89 26.14
C LYS A 316 9.00 36.20 25.32
N THR A 317 8.86 37.04 24.29
CA THR A 317 10.00 37.41 23.46
C THR A 317 11.07 38.12 24.28
N ARG A 318 10.64 39.04 25.15
CA ARG A 318 11.59 39.76 26.01
C ARG A 318 12.32 38.82 26.96
N SER A 319 11.68 37.74 27.39
CA SER A 319 12.29 36.83 28.37
C SER A 319 13.42 35.99 27.79
N LEU A 320 13.54 35.89 26.47
CA LEU A 320 14.49 34.96 25.86
C LEU A 320 15.93 35.43 26.05
N LYS A 321 16.76 34.56 26.64
CA LYS A 321 18.15 34.92 26.95
C LYS A 321 19.01 34.80 25.70
N MET A 322 19.73 35.88 25.37
CA MET A 322 20.69 35.92 24.28
C MET A 322 22.10 35.84 24.87
N GLY A 323 22.99 35.11 24.20
CA GLY A 323 24.36 35.09 24.68
C GLY A 323 25.15 33.92 24.12
N ASP A 324 26.17 33.51 24.86
CA ASP A 324 27.07 32.44 24.45
C ASP A 324 26.27 31.15 24.29
N PRO A 325 26.27 30.52 23.11
CA PRO A 325 25.54 29.25 22.94
C PRO A 325 26.09 28.11 23.79
N LYS A 326 27.30 28.22 24.29
CA LYS A 326 27.79 27.22 25.24
C LYS A 326 27.09 27.32 26.59
N ASP A 327 26.49 28.46 26.90
CA ASP A 327 25.75 28.63 28.14
C ASP A 327 24.39 27.96 28.00
N PRO A 328 24.05 26.95 28.81
CA PRO A 328 22.76 26.26 28.64
C PRO A 328 21.56 27.18 28.82
N ALA A 329 21.74 28.30 29.52
CA ALA A 329 20.67 29.27 29.66
C ALA A 329 20.40 30.02 28.36
N THR A 330 21.34 30.02 27.42
CA THR A 330 21.15 30.77 26.18
C THR A 330 20.11 30.11 25.29
N PHE A 331 19.14 30.90 24.82
CA PHE A 331 18.23 30.43 23.78
C PHE A 331 18.52 31.06 22.42
N VAL A 332 18.98 32.30 22.41
CA VAL A 332 19.28 33.03 21.18
C VAL A 332 20.80 33.17 21.09
N GLY A 333 21.42 32.37 20.23
CA GLY A 333 22.84 32.46 19.99
C GLY A 333 23.13 33.41 18.85
N PRO A 334 24.38 33.48 18.42
CA PRO A 334 24.71 34.36 17.30
C PRO A 334 24.09 33.86 16.01
N MET A 335 23.77 34.81 15.13
CA MET A 335 23.53 34.47 13.74
C MET A 335 24.86 34.05 13.10
N ILE A 336 24.75 33.35 11.97
CA ILE A 336 25.90 32.66 11.38
C ILE A 336 27.05 33.59 11.01
N SER A 337 26.77 34.88 10.78
CA SER A 337 27.82 35.85 10.51
C SER A 337 27.30 37.27 10.74
N GLU A 338 28.24 38.20 10.89
CA GLU A 338 27.85 39.61 11.02
C GLU A 338 27.14 40.12 9.78
N SER A 339 27.59 39.71 8.60
CA SER A 339 26.97 40.21 7.37
C SER A 339 25.51 39.76 7.28
N GLU A 340 25.21 38.55 7.74
CA GLU A 340 23.83 38.07 7.71
C GLU A 340 22.94 38.85 8.69
N ALA A 341 23.46 39.12 9.90
CA ALA A 341 22.76 40.00 10.82
C ALA A 341 22.56 41.39 10.21
N ARG A 342 23.58 41.92 9.51
CA ARG A 342 23.42 43.21 8.84
C ARG A 342 22.36 43.16 7.75
N ARG A 343 22.33 42.08 6.96
CA ARG A 343 21.27 41.92 5.97
C ARG A 343 19.90 42.06 6.62
N LEU A 344 19.66 41.27 7.68
CA LEU A 344 18.34 41.26 8.31
C LEU A 344 18.05 42.59 8.99
N ALA A 345 19.04 43.18 9.64
CA ALA A 345 18.86 44.48 10.28
C ALA A 345 18.47 45.55 9.28
N GLY A 346 19.05 45.51 8.08
CA GLY A 346 18.68 46.48 7.05
C GLY A 346 17.24 46.32 6.60
N TRP A 347 16.79 45.08 6.39
CA TRP A 347 15.39 44.86 6.06
C TRP A 347 14.49 45.38 7.18
N MET A 348 14.87 45.10 8.43
CA MET A 348 14.11 45.59 9.58
C MET A 348 14.05 47.12 9.59
N GLU A 349 15.20 47.78 9.41
CA GLU A 349 15.23 49.23 9.38
C GLU A 349 14.35 49.79 8.26
N ALA A 350 14.36 49.13 7.10
CA ALA A 350 13.49 49.57 6.01
C ALA A 350 12.02 49.43 6.38
N ALA A 351 11.66 48.31 7.02
CA ALA A 351 10.27 48.12 7.44
C ALA A 351 9.84 49.19 8.43
N VAL A 352 10.69 49.49 9.42
CA VAL A 352 10.38 50.54 10.39
C VAL A 352 10.25 51.89 9.69
N ALA A 353 11.15 52.16 8.74
CA ALA A 353 11.10 53.43 8.03
C ALA A 353 9.79 53.60 7.25
N ALA A 354 9.16 52.49 6.85
CA ALA A 354 7.89 52.52 6.14
C ALA A 354 6.69 52.46 7.08
N GLY A 355 6.92 52.51 8.39
CA GLY A 355 5.84 52.61 9.35
C GLY A 355 5.77 51.48 10.37
N ALA A 356 6.51 50.39 10.22
CA ALA A 356 6.44 49.30 11.19
C ALA A 356 7.01 49.74 12.54
N LYS A 357 6.69 48.98 13.58
CA LYS A 357 7.13 49.28 14.94
C LYS A 357 7.73 48.02 15.56
N ILE A 358 8.92 48.16 16.14
CA ILE A 358 9.48 47.08 16.94
C ILE A 358 8.80 47.12 18.31
N VAL A 359 8.15 46.01 18.67
CA VAL A 359 7.43 45.94 19.93
C VAL A 359 8.13 45.05 20.96
N ALA A 360 9.18 44.32 20.57
CA ALA A 360 10.02 43.59 21.50
C ALA A 360 11.39 43.41 20.85
N GLY A 361 12.45 43.58 21.65
CA GLY A 361 13.78 43.29 21.15
C GLY A 361 14.28 44.36 20.20
N GLY A 362 14.91 43.94 19.09
CA GLY A 362 15.33 44.88 18.07
C GLY A 362 16.78 45.33 18.13
N LYS A 363 17.51 45.06 19.21
CA LYS A 363 18.91 45.45 19.30
C LYS A 363 19.80 44.43 18.58
N VAL A 364 20.79 44.94 17.84
CA VAL A 364 21.69 44.12 17.04
C VAL A 364 23.11 44.56 17.37
N ASP A 365 23.97 43.60 17.72
CA ASP A 365 25.36 43.91 18.08
C ASP A 365 26.25 42.86 17.45
N GLY A 366 26.91 43.21 16.36
CA GLY A 366 27.67 42.22 15.62
C GLY A 366 26.73 41.18 15.05
N ALA A 367 27.01 39.91 15.35
CA ALA A 367 26.16 38.80 14.94
C ALA A 367 25.08 38.47 15.97
N MET A 368 25.07 39.18 17.11
CA MET A 368 24.12 38.94 18.19
C MET A 368 22.86 39.77 17.92
N PHE A 369 21.83 39.10 17.39
CA PHE A 369 20.55 39.71 17.03
C PHE A 369 19.53 39.26 18.07
N GLU A 370 18.99 40.22 18.84
CA GLU A 370 17.94 39.93 19.80
C GLU A 370 16.73 39.27 19.14
N ALA A 371 16.08 38.38 19.88
CA ALA A 371 14.74 37.94 19.47
C ALA A 371 13.85 39.17 19.38
N THR A 372 13.23 39.39 18.21
CA THR A 372 12.59 40.66 17.91
C THR A 372 11.20 40.40 17.36
N LEU A 373 10.25 41.24 17.77
CA LEU A 373 8.88 41.17 17.29
C LEU A 373 8.48 42.52 16.74
N LEU A 374 7.81 42.52 15.58
CA LEU A 374 7.36 43.75 14.95
C LEU A 374 5.88 43.68 14.64
N GLU A 375 5.25 44.85 14.66
CA GLU A 375 3.89 45.04 14.19
C GLU A 375 3.92 46.02 13.00
N GLY A 376 2.87 45.94 12.18
CA GLY A 376 2.69 46.90 11.12
C GLY A 376 3.66 46.81 9.96
N VAL A 377 4.28 45.66 9.73
CA VAL A 377 5.17 45.50 8.58
C VAL A 377 4.31 45.34 7.33
N GLY A 378 4.54 46.20 6.33
CA GLY A 378 3.77 46.11 5.10
C GLY A 378 4.05 44.84 4.32
N ARG A 379 3.03 44.35 3.61
CA ARG A 379 3.18 43.07 2.93
C ARG A 379 4.12 43.14 1.73
N ASP A 380 4.47 44.34 1.27
CA ASP A 380 5.44 44.50 0.19
C ASP A 380 6.88 44.59 0.68
N GLN A 381 7.12 44.63 1.99
CA GLN A 381 8.48 44.82 2.52
C GLN A 381 9.32 43.56 2.35
N ASP A 382 10.62 43.77 2.11
CA ASP A 382 11.56 42.65 2.12
C ASP A 382 11.42 41.84 3.40
N LEU A 383 11.24 42.52 4.54
CA LEU A 383 11.14 41.80 5.80
C LEU A 383 9.96 40.85 5.79
N TYR A 384 8.94 41.16 4.99
CA TYR A 384 7.76 40.29 4.92
C TYR A 384 7.93 39.16 3.92
N ARG A 385 8.49 39.46 2.74
CA ARG A 385 8.37 38.57 1.58
C ARG A 385 9.58 37.67 1.38
N LYS A 386 10.74 38.08 1.87
CA LYS A 386 11.97 37.30 1.74
C LYS A 386 12.19 36.48 3.01
N GLU A 387 13.05 35.48 2.89
CA GLU A 387 13.36 34.60 4.01
C GLU A 387 14.21 35.35 5.02
N ALA A 388 13.66 35.65 6.19
CA ALA A 388 14.42 36.37 7.20
C ALA A 388 15.66 35.59 7.64
N PHE A 389 15.48 34.31 7.98
CA PHE A 389 16.54 33.47 8.54
C PHE A 389 17.29 34.18 9.67
N GLY A 390 16.51 34.71 10.60
CA GLY A 390 17.04 35.36 11.78
C GLY A 390 15.96 35.44 12.83
N PRO A 391 16.28 35.99 14.01
CA PRO A 391 15.36 35.96 15.15
C PRO A 391 14.32 37.09 15.10
N VAL A 392 13.59 37.18 14.00
CA VAL A 392 12.60 38.22 13.78
C VAL A 392 11.28 37.56 13.44
N ALA A 393 10.19 38.02 14.06
CA ALA A 393 8.84 37.59 13.69
C ALA A 393 7.96 38.82 13.56
N LEU A 394 6.94 38.69 12.69
CA LEU A 394 6.04 39.79 12.35
C LEU A 394 4.63 39.41 12.75
N LEU A 395 3.95 40.29 13.47
CA LEU A 395 2.60 40.04 13.97
C LEU A 395 1.60 40.85 13.16
N GLU A 396 0.60 40.18 12.59
CA GLU A 396 -0.47 40.87 11.90
C GLU A 396 -1.81 40.30 12.36
N ARG A 397 -2.87 41.03 12.06
CA ARG A 397 -4.19 40.84 12.63
C ARG A 397 -5.20 40.52 11.52
N PHE A 398 -6.10 39.57 11.78
CA PHE A 398 -7.16 39.27 10.82
C PHE A 398 -8.46 38.99 11.57
N SER A 399 -9.54 38.84 10.80
CA SER A 399 -10.83 38.46 11.34
C SER A 399 -11.52 37.41 10.47
N ASP A 400 -11.35 37.53 9.16
CA ASP A 400 -11.95 36.59 8.20
C ASP A 400 -10.99 35.45 7.91
N PHE A 401 -11.45 34.20 8.07
CA PHE A 401 -10.52 33.08 7.97
C PHE A 401 -9.99 32.90 6.55
N ASP A 402 -10.81 33.19 5.53
CA ASP A 402 -10.30 33.14 4.16
C ASP A 402 -9.21 34.18 3.92
N ASP A 403 -9.33 35.35 4.56
CA ASP A 403 -8.28 36.35 4.46
C ASP A 403 -6.99 35.87 5.12
N ALA A 404 -7.10 35.17 6.25
CA ALA A 404 -5.93 34.57 6.89
C ALA A 404 -5.22 33.59 5.97
N LEU A 405 -5.98 32.71 5.32
CA LEU A 405 -5.40 31.73 4.40
C LEU A 405 -4.71 32.42 3.22
N ALA A 406 -5.36 33.44 2.65
CA ALA A 406 -4.77 34.21 1.56
C ALA A 406 -3.47 34.88 2.00
N ARG A 407 -3.41 35.36 3.26
CA ARG A 407 -2.18 35.98 3.74
C ARG A 407 -1.03 34.96 3.82
N VAL A 408 -1.32 33.76 4.34
CA VAL A 408 -0.31 32.69 4.37
C VAL A 408 0.23 32.43 2.96
N ASN A 409 -0.67 32.30 1.98
CA ASN A 409 -0.30 32.02 0.60
C ASN A 409 0.31 33.22 -0.10
N ASP A 410 0.22 34.42 0.48
CA ASP A 410 0.75 35.62 -0.13
C ASP A 410 2.28 35.60 -0.09
N SER A 411 2.89 34.78 -0.94
CA SER A 411 4.30 34.48 -0.78
C SER A 411 4.82 33.77 -2.03
N ASP A 412 6.11 33.94 -2.30
CA ASP A 412 6.81 33.11 -3.26
C ASP A 412 6.99 31.69 -2.77
N PHE A 413 6.89 31.46 -1.47
CA PHE A 413 7.31 30.22 -0.84
C PHE A 413 6.11 29.36 -0.43
N GLY A 414 6.39 28.17 0.08
CA GLY A 414 5.34 27.22 0.37
C GLY A 414 5.89 25.95 1.01
N LEU A 415 6.54 26.11 2.16
CA LEU A 415 7.18 24.96 2.78
C LEU A 415 6.24 24.38 3.82
N GLN A 416 5.99 25.09 4.92
CA GLN A 416 5.02 24.66 5.91
C GLN A 416 4.31 25.87 6.48
N ALA A 417 3.11 25.62 7.01
CA ALA A 417 2.32 26.63 7.69
C ALA A 417 1.71 25.95 8.91
N GLY A 418 1.36 26.76 9.91
CA GLY A 418 0.71 26.27 11.11
C GLY A 418 -0.61 26.96 11.35
N VAL A 419 -1.53 26.23 11.97
CA VAL A 419 -2.85 26.78 12.31
C VAL A 419 -3.23 26.28 13.70
N PHE A 420 -3.42 27.21 14.64
CA PHE A 420 -3.95 26.89 15.96
C PHE A 420 -5.46 27.12 15.94
N THR A 421 -6.23 26.03 16.02
CA THR A 421 -7.68 26.13 15.90
C THR A 421 -8.29 24.87 16.51
N ASP A 422 -9.50 25.03 17.06
CA ASP A 422 -10.33 23.87 17.38
C ASP A 422 -11.51 23.75 16.43
N SER A 423 -11.48 24.48 15.31
CA SER A 423 -12.56 24.40 14.33
C SER A 423 -12.22 23.32 13.32
N LEU A 424 -13.03 22.26 13.29
CA LEU A 424 -12.87 21.21 12.30
C LEU A 424 -12.90 21.77 10.87
N SER A 425 -13.88 22.61 10.56
CA SER A 425 -13.95 23.11 9.19
C SER A 425 -12.77 24.04 8.87
N HIS A 426 -12.27 24.81 9.85
CA HIS A 426 -11.09 25.63 9.55
C HIS A 426 -9.86 24.76 9.29
N ALA A 427 -9.68 23.67 10.04
CA ALA A 427 -8.54 22.79 9.80
C ALA A 427 -8.61 22.16 8.41
N GLN A 428 -9.82 21.75 8.01
CA GLN A 428 -10.03 21.18 6.67
C GLN A 428 -9.75 22.20 5.58
N ARG A 429 -10.30 23.40 5.72
CA ARG A 429 -10.05 24.45 4.73
C ARG A 429 -8.56 24.77 4.65
N ALA A 430 -7.87 24.81 5.79
CA ALA A 430 -6.43 25.08 5.76
C ALA A 430 -5.68 23.96 5.03
N TRP A 431 -6.02 22.70 5.32
CA TRP A 431 -5.36 21.59 4.64
C TRP A 431 -5.55 21.70 3.13
N ASP A 432 -6.76 22.10 2.70
CA ASP A 432 -7.13 22.16 1.30
C ASP A 432 -6.53 23.36 0.57
N GLU A 433 -6.39 24.49 1.25
CA GLU A 433 -6.15 25.75 0.55
C GLU A 433 -4.76 26.32 0.76
N LEU A 434 -4.00 25.86 1.74
CA LEU A 434 -2.65 26.38 1.94
C LEU A 434 -1.71 25.67 0.96
N GLU A 435 -1.07 26.44 0.09
CA GLU A 435 -0.16 25.87 -0.92
CA GLU A 435 -0.17 25.90 -0.92
C GLU A 435 1.20 25.72 -0.27
N VAL A 436 1.34 24.66 0.50
CA VAL A 436 2.56 24.34 1.22
C VAL A 436 2.76 22.84 1.12
N GLY A 437 3.98 22.40 1.42
CA GLY A 437 4.21 20.97 1.52
C GLY A 437 3.44 20.37 2.68
N GLY A 438 3.50 21.03 3.84
CA GLY A 438 2.85 20.52 5.03
C GLY A 438 2.13 21.57 5.86
N VAL A 439 0.91 21.24 6.31
CA VAL A 439 0.10 22.08 7.17
C VAL A 439 0.11 21.47 8.57
N VAL A 440 0.48 22.25 9.58
CA VAL A 440 0.52 21.79 10.96
C VAL A 440 -0.67 22.40 11.71
N ILE A 441 -1.42 21.54 12.39
CA ILE A 441 -2.63 21.93 13.12
C ILE A 441 -2.32 21.85 14.61
N ASN A 442 -2.44 22.99 15.29
CA ASN A 442 -2.23 23.14 16.75
C ASN A 442 -0.78 22.97 17.16
N ASP A 443 0.12 23.25 16.23
CA ASP A 443 1.52 23.53 16.51
C ASP A 443 2.03 24.42 15.39
N VAL A 444 3.23 24.97 15.57
CA VAL A 444 3.83 25.89 14.61
C VAL A 444 4.28 25.14 13.35
N PRO A 445 4.49 25.83 12.22
CA PRO A 445 5.04 25.16 11.04
C PRO A 445 6.47 24.66 11.25
N SER A 446 7.13 25.05 12.33
CA SER A 446 8.49 24.63 12.62
C SER A 446 8.58 23.19 13.11
N PHE A 447 7.47 22.47 13.22
CA PHE A 447 7.51 21.08 13.68
C PHE A 447 7.89 20.12 12.56
N ARG A 448 8.78 19.17 12.87
CA ARG A 448 9.08 18.12 11.92
C ARG A 448 9.50 16.88 12.70
N VAL A 449 9.02 15.73 12.25
CA VAL A 449 9.47 14.42 12.75
C VAL A 449 10.07 13.68 11.56
N ASP A 450 11.13 12.91 11.82
CA ASP A 450 12.03 12.59 10.71
C ASP A 450 11.53 11.44 9.83
N ASN A 451 10.38 10.85 10.13
CA ASN A 451 9.78 9.91 9.19
C ASN A 451 8.76 10.54 8.25
N MET A 452 8.29 11.76 8.53
CA MET A 452 7.18 12.31 7.74
C MET A 452 7.65 12.84 6.39
N PRO A 453 6.78 12.82 5.38
CA PRO A 453 7.13 13.48 4.10
C PRO A 453 7.34 14.96 4.37
N TYR A 454 8.44 15.49 3.86
CA TYR A 454 8.85 16.85 4.20
C TYR A 454 9.46 17.53 3.00
N GLY A 455 8.91 18.67 2.61
CA GLY A 455 9.49 19.46 1.55
C GLY A 455 8.57 20.61 1.18
N GLY A 456 8.96 21.31 0.12
CA GLY A 456 8.23 22.50 -0.27
C GLY A 456 7.64 22.45 -1.65
N VAL A 457 6.65 23.31 -1.90
CA VAL A 457 6.19 23.59 -3.25
C VAL A 457 6.49 25.06 -3.53
N LYS A 458 6.02 25.57 -4.68
CA LYS A 458 6.36 26.92 -5.12
C LYS A 458 7.87 27.07 -5.06
N ASP A 459 8.39 28.18 -4.54
CA ASP A 459 9.85 28.38 -4.59
C ASP A 459 10.58 27.69 -3.45
N SER A 460 9.89 26.88 -2.64
CA SER A 460 10.46 26.28 -1.44
C SER A 460 11.03 24.87 -1.65
N GLY A 461 10.83 24.26 -2.80
CA GLY A 461 11.44 22.96 -2.99
C GLY A 461 10.88 22.22 -4.19
N LEU A 462 11.43 21.03 -4.39
CA LEU A 462 11.00 20.09 -5.42
C LEU A 462 11.34 18.69 -4.93
N GLY A 463 10.33 17.94 -4.51
CA GLY A 463 10.53 16.62 -3.94
C GLY A 463 10.30 16.62 -2.44
N ARG A 464 10.40 15.42 -1.86
CA ARG A 464 10.16 15.23 -0.43
C ARG A 464 11.31 14.43 0.19
N GLU A 465 11.71 14.84 1.39
CA GLU A 465 12.58 14.01 2.20
C GLU A 465 11.74 13.46 3.35
N GLY A 466 12.40 12.95 4.38
CA GLY A 466 11.78 11.95 5.24
C GLY A 466 12.09 10.60 4.64
N ILE A 467 12.48 9.63 5.48
CA ILE A 467 13.29 8.49 5.00
C ILE A 467 12.62 7.78 3.83
N ARG A 468 11.36 7.35 4.00
CA ARG A 468 10.68 6.57 2.96
C ARG A 468 10.63 7.33 1.65
N TYR A 469 10.41 8.65 1.71
CA TYR A 469 10.23 9.46 0.52
C TYR A 469 11.56 9.77 -0.15
N ALA A 470 12.63 9.91 0.63
CA ALA A 470 13.96 10.07 0.05
C ALA A 470 14.41 8.79 -0.64
N ILE A 471 14.17 7.63 -0.02
CA ILE A 471 14.48 6.34 -0.65
C ILE A 471 13.80 6.24 -2.01
N GLU A 472 12.56 6.71 -2.10
CA GLU A 472 11.83 6.62 -3.36
C GLU A 472 12.54 7.40 -4.46
N ASP A 473 13.10 8.56 -4.12
CA ASP A 473 13.81 9.35 -5.11
C ASP A 473 15.19 8.78 -5.45
N MET A 474 15.81 8.05 -4.52
CA MET A 474 17.11 7.44 -4.75
C MET A 474 17.02 6.06 -5.39
N THR A 475 15.83 5.66 -5.84
CA THR A 475 15.65 4.35 -6.43
C THR A 475 14.84 4.47 -7.72
N GLU A 476 15.00 3.48 -8.59
CA GLU A 476 14.19 3.38 -9.81
C GLU A 476 13.34 2.12 -9.76
N LEU A 477 12.13 2.21 -10.29
CA LEU A 477 11.36 1.00 -10.50
C LEU A 477 12.00 0.14 -11.58
N ARG A 478 12.07 -1.17 -11.34
CA ARG A 478 12.53 -2.15 -12.30
C ARG A 478 11.38 -3.16 -12.45
N LEU A 479 10.66 -3.06 -13.56
CA LEU A 479 9.49 -3.87 -13.82
C LEU A 479 9.90 -5.17 -14.49
N MET A 480 9.29 -6.27 -14.06
CA MET A 480 9.40 -7.54 -14.78
C MET A 480 8.01 -7.93 -15.26
N VAL A 481 7.86 -8.07 -16.59
CA VAL A 481 6.65 -8.59 -17.21
C VAL A 481 6.91 -10.04 -17.59
N VAL A 482 6.06 -10.94 -17.13
CA VAL A 482 6.20 -12.36 -17.43
C VAL A 482 4.98 -12.82 -18.23
N ARG A 483 5.22 -13.38 -19.41
CA ARG A 483 4.15 -13.91 -20.23
C ARG A 483 4.10 -15.43 -20.06
N ARG A 484 2.92 -15.93 -19.67
CA ARG A 484 2.64 -17.36 -19.69
C ARG A 484 1.70 -17.65 -20.85
N ARG A 485 1.97 -18.72 -21.58
CA ARG A 485 1.12 -19.11 -22.69
C ARG A 485 0.47 -20.46 -22.44
N LEU B 10 -11.40 12.43 -44.02
CA LEU B 10 -10.80 13.53 -43.25
C LEU B 10 -11.54 14.84 -43.48
N LYS B 11 -11.57 15.70 -42.47
CA LYS B 11 -12.05 17.05 -42.69
C LYS B 11 -11.06 17.83 -43.55
N GLU B 12 -11.57 18.83 -44.25
CA GLU B 12 -10.68 19.65 -45.09
C GLU B 12 -9.79 20.53 -44.22
N THR B 13 -10.30 21.04 -43.11
CA THR B 13 -9.50 21.85 -42.19
C THR B 13 -9.84 21.47 -40.76
N TYR B 14 -8.84 21.55 -39.89
CA TYR B 14 -9.03 21.29 -38.48
C TYR B 14 -8.68 22.54 -37.68
N PRO B 15 -9.41 22.82 -36.60
CA PRO B 15 -9.04 23.95 -35.73
C PRO B 15 -8.00 23.47 -34.74
N TYR B 16 -7.46 24.41 -33.97
CA TYR B 16 -6.81 24.01 -32.72
C TYR B 16 -7.76 24.31 -31.55
N TYR B 17 -7.36 23.89 -30.35
CA TYR B 17 -8.23 24.01 -29.18
C TYR B 17 -7.54 24.92 -28.17
N LEU B 18 -8.16 26.08 -27.93
CA LEU B 18 -7.63 27.09 -27.04
C LEU B 18 -8.62 27.24 -25.90
N ALA B 19 -8.21 26.87 -24.68
CA ALA B 19 -9.08 26.93 -23.52
C ALA B 19 -10.42 26.22 -23.79
N ASN B 20 -10.32 24.98 -24.26
CA ASN B 20 -11.42 24.04 -24.47
C ASN B 20 -12.27 24.31 -25.72
N GLU B 21 -11.92 25.31 -26.55
CA GLU B 21 -12.76 25.72 -27.67
CA GLU B 21 -12.76 25.72 -27.67
C GLU B 21 -12.03 25.59 -29.00
N ALA B 22 -12.75 25.07 -30.01
CA ALA B 22 -12.22 25.03 -31.37
C ALA B 22 -11.97 26.44 -31.87
N VAL B 23 -10.77 26.69 -32.40
CA VAL B 23 -10.42 27.99 -32.97
C VAL B 23 -9.85 27.74 -34.36
N TYR B 24 -10.56 28.20 -35.40
CA TYR B 24 -10.08 28.10 -36.77
C TYR B 24 -9.22 29.31 -37.08
N ALA B 25 -8.06 29.36 -36.41
CA ALA B 25 -7.23 30.56 -36.43
C ALA B 25 -6.61 30.79 -37.81
N ASN B 26 -6.26 29.72 -38.52
CA ASN B 26 -5.62 29.77 -39.82
C ASN B 26 -5.64 28.35 -40.36
N ALA B 27 -5.16 28.16 -41.60
CA ALA B 27 -4.99 26.82 -42.16
C ALA B 27 -3.54 26.58 -42.58
N GLU B 28 -2.57 26.97 -41.74
CA GLU B 28 -1.19 27.09 -42.18
C GLU B 28 -0.42 25.76 -42.16
N LEU B 29 -0.81 24.79 -41.32
CA LEU B 29 -0.05 23.54 -41.18
C LEU B 29 -0.65 22.47 -42.09
N GLU B 30 0.05 22.16 -43.18
CA GLU B 30 -0.36 21.07 -44.06
C GLU B 30 0.10 19.72 -43.50
N VAL B 31 -0.80 18.74 -43.52
CA VAL B 31 -0.48 17.38 -43.07
C VAL B 31 -0.56 16.48 -44.28
N THR B 32 0.54 15.77 -44.57
CA THR B 32 0.62 14.92 -45.75
C THR B 32 0.21 13.49 -45.45
N ASP B 33 -0.31 12.82 -46.48
CA ASP B 33 -0.40 11.37 -46.50
C ASP B 33 1.01 10.82 -46.65
N LYS B 34 1.49 10.10 -45.64
CA LYS B 34 2.87 9.63 -45.60
C LYS B 34 3.18 8.54 -46.62
N TYR B 35 2.16 7.95 -47.25
CA TYR B 35 2.40 7.00 -48.33
C TYR B 35 2.32 7.65 -49.71
N THR B 36 1.32 8.49 -49.95
CA THR B 36 1.19 9.14 -51.24
C THR B 36 1.96 10.44 -51.34
N GLY B 37 2.33 11.04 -50.21
CA GLY B 37 3.02 12.31 -50.21
C GLY B 37 2.14 13.52 -50.45
N LYS B 38 0.87 13.34 -50.81
CA LYS B 38 0.00 14.47 -51.08
C LYS B 38 -0.55 15.06 -49.79
N VAL B 39 -0.95 16.32 -49.85
CA VAL B 39 -1.53 16.97 -48.67
C VAL B 39 -2.89 16.36 -48.39
N ALA B 40 -3.11 15.92 -47.17
CA ALA B 40 -4.37 15.28 -46.81
C ALA B 40 -5.34 16.23 -46.13
N THR B 41 -4.82 17.20 -45.38
CA THR B 41 -5.66 18.15 -44.67
C THR B 41 -4.79 19.32 -44.23
N ARG B 42 -5.43 20.36 -43.72
CA ARG B 42 -4.74 21.52 -43.17
C ARG B 42 -5.29 21.81 -41.78
N VAL B 43 -4.41 22.23 -40.87
CA VAL B 43 -4.80 22.49 -39.48
C VAL B 43 -4.27 23.85 -39.05
N ALA B 44 -4.91 24.41 -38.03
CA ALA B 44 -4.49 25.71 -37.51
C ALA B 44 -3.17 25.56 -36.75
N LEU B 45 -2.26 26.47 -37.02
CA LEU B 45 -0.94 26.50 -36.40
C LEU B 45 -0.93 27.60 -35.34
N ALA B 46 -0.63 27.24 -34.11
CA ALA B 46 -0.61 28.22 -33.03
C ALA B 46 0.66 29.05 -33.06
N ASP B 47 0.52 30.36 -32.83
CA ASP B 47 1.68 31.24 -32.69
C ASP B 47 1.94 31.49 -31.21
N ALA B 48 2.98 32.27 -30.92
CA ALA B 48 3.36 32.50 -29.53
C ALA B 48 2.25 33.21 -28.74
N SER B 49 1.51 34.11 -29.38
CA SER B 49 0.40 34.75 -28.69
C SER B 49 -0.66 33.74 -28.26
N ALA B 50 -1.00 32.78 -29.14
CA ALA B 50 -2.00 31.78 -28.78
C ALA B 50 -1.48 30.85 -27.68
N ILE B 51 -0.20 30.50 -27.73
CA ILE B 51 0.38 29.67 -26.67
C ILE B 51 0.32 30.40 -25.34
N ASP B 52 0.69 31.68 -25.34
CA ASP B 52 0.58 32.49 -24.13
C ASP B 52 -0.85 32.53 -23.59
N ALA B 53 -1.85 32.73 -24.47
CA ALA B 53 -3.23 32.76 -24.01
C ALA B 53 -3.65 31.41 -23.42
N ALA B 54 -3.18 30.32 -24.01
CA ALA B 54 -3.51 29.00 -23.48
C ALA B 54 -2.93 28.81 -22.09
N ILE B 55 -1.69 29.27 -21.88
CA ILE B 55 -1.06 29.13 -20.56
C ILE B 55 -1.79 29.96 -19.52
N ALA B 56 -2.09 31.23 -19.86
CA ALA B 56 -2.87 32.07 -18.96
C ALA B 56 -4.21 31.41 -18.61
N ALA B 57 -4.89 30.83 -19.62
CA ALA B 57 -6.16 30.16 -19.35
C ALA B 57 -5.97 28.93 -18.47
N ALA B 58 -4.84 28.23 -18.61
CA ALA B 58 -4.59 27.07 -17.76
C ALA B 58 -4.41 27.49 -16.31
N VAL B 59 -3.68 28.59 -16.07
CA VAL B 59 -3.52 29.09 -14.70
C VAL B 59 -4.89 29.42 -14.10
N GLY B 60 -5.73 30.09 -14.89
CA GLY B 60 -7.07 30.45 -14.41
C GLY B 60 -7.94 29.25 -14.10
N ALA B 61 -7.69 28.13 -14.78
CA ALA B 61 -8.53 26.95 -14.60
C ALA B 61 -8.15 26.12 -13.38
N GLN B 62 -7.03 26.42 -12.71
CA GLN B 62 -6.56 25.55 -11.63
C GLN B 62 -7.63 25.36 -10.55
N LYS B 63 -8.20 26.47 -10.06
CA LYS B 63 -9.11 26.34 -8.92
C LYS B 63 -10.44 25.72 -9.33
N PRO B 64 -11.06 26.13 -10.45
CA PRO B 64 -12.27 25.42 -10.88
C PRO B 64 -12.06 23.94 -11.12
N LEU B 65 -10.90 23.58 -11.69
CA LEU B 65 -10.62 22.17 -11.95
C LEU B 65 -10.41 21.40 -10.66
N ARG B 66 -9.66 21.99 -9.71
CA ARG B 66 -9.46 21.33 -8.43
C ARG B 66 -10.78 21.16 -7.67
N ALA B 67 -11.75 22.06 -7.89
CA ALA B 67 -13.04 21.95 -7.21
C ALA B 67 -13.88 20.77 -7.68
N LEU B 68 -13.59 20.18 -8.84
CA LEU B 68 -14.37 19.06 -9.35
C LEU B 68 -14.17 17.83 -8.47
N PRO B 69 -15.25 17.22 -7.98
CA PRO B 69 -15.10 15.94 -7.27
C PRO B 69 -14.66 14.84 -8.23
N ALA B 70 -14.08 13.78 -7.64
CA ALA B 70 -13.49 12.72 -8.45
C ALA B 70 -14.50 12.09 -9.41
N PHE B 71 -15.73 11.86 -8.97
CA PHE B 71 -16.69 11.20 -9.86
C PHE B 71 -16.99 12.06 -11.08
N ARG B 72 -16.84 13.38 -10.97
CA ARG B 72 -17.03 14.23 -12.15
C ARG B 72 -15.89 14.06 -13.15
N ARG B 73 -14.65 13.99 -12.65
CA ARG B 73 -13.51 13.70 -13.52
C ARG B 73 -13.69 12.36 -14.20
N GLN B 74 -14.15 11.36 -13.46
CA GLN B 74 -14.40 10.04 -14.02
C GLN B 74 -15.44 10.09 -15.14
N ALA B 75 -16.52 10.83 -14.94
CA ALA B 75 -17.52 10.95 -15.99
C ALA B 75 -16.93 11.61 -17.24
N ILE B 76 -16.04 12.59 -17.04
CA ILE B 76 -15.43 13.24 -18.20
C ILE B 76 -14.59 12.25 -18.97
N LEU B 77 -13.83 11.42 -18.26
CA LEU B 77 -13.00 10.41 -18.92
C LEU B 77 -13.86 9.33 -19.57
N GLU B 78 -14.96 8.94 -18.93
CA GLU B 78 -15.85 7.96 -19.52
C GLU B 78 -16.52 8.48 -20.79
N HIS B 79 -16.84 9.77 -20.83
CA HIS B 79 -17.36 10.37 -22.07
C HIS B 79 -16.36 10.21 -23.21
N CYS B 80 -15.08 10.48 -22.95
CA CYS B 80 -14.04 10.29 -23.96
C CYS B 80 -14.00 8.83 -24.44
N VAL B 81 -14.01 7.87 -23.50
CA VAL B 81 -14.00 6.46 -23.89
C VAL B 81 -15.16 6.15 -24.83
N ALA B 82 -16.36 6.61 -24.49
CA ALA B 82 -17.54 6.28 -25.29
C ALA B 82 -17.43 6.89 -26.69
N ARG B 83 -16.92 8.11 -26.78
N ARG B 83 -16.96 8.13 -26.79
CA ARG B 83 -16.79 8.78 -28.07
CA ARG B 83 -16.80 8.76 -28.09
C ARG B 83 -15.69 8.17 -28.92
C ARG B 83 -15.70 8.09 -28.92
N PHE B 84 -14.57 7.75 -28.29
CA PHE B 84 -13.51 7.06 -29.03
C PHE B 84 -14.01 5.74 -29.60
N ARG B 85 -14.88 5.04 -28.86
CA ARG B 85 -15.52 3.85 -29.40
C ARG B 85 -16.39 4.20 -30.60
N GLU B 86 -17.22 5.24 -30.47
CA GLU B 86 -18.06 5.67 -31.58
C GLU B 86 -17.24 6.05 -32.80
N ARG B 87 -16.12 6.74 -32.58
CA ARG B 87 -15.34 7.28 -33.68
C ARG B 87 -14.13 6.40 -34.01
N PHE B 88 -14.24 5.10 -33.70
CA PHE B 88 -13.11 4.19 -33.77
C PHE B 88 -12.50 4.14 -35.18
N ASP B 89 -13.33 3.91 -36.20
CA ASP B 89 -12.81 3.80 -37.57
C ASP B 89 -12.26 5.14 -38.06
N GLU B 90 -12.92 6.23 -37.68
CA GLU B 90 -12.42 7.55 -38.05
C GLU B 90 -11.03 7.78 -37.48
N LEU B 91 -10.84 7.47 -36.19
CA LEU B 91 -9.52 7.63 -35.59
C LEU B 91 -8.49 6.76 -36.29
N ALA B 92 -8.83 5.49 -36.55
CA ALA B 92 -7.86 4.59 -37.15
C ALA B 92 -7.45 5.05 -38.55
N GLN B 93 -8.42 5.53 -39.33
CA GLN B 93 -8.10 5.95 -40.69
C GLN B 93 -7.28 7.24 -40.68
N ALA B 94 -7.57 8.15 -39.74
CA ALA B 94 -6.78 9.37 -39.63
C ALA B 94 -5.34 9.03 -39.29
N LEU B 95 -5.17 8.11 -38.34
CA LEU B 95 -3.84 7.62 -37.98
C LEU B 95 -3.15 6.98 -39.16
N CYS B 96 -3.88 6.17 -39.92
CA CYS B 96 -3.30 5.47 -41.06
C CYS B 96 -2.78 6.46 -42.10
N ILE B 97 -3.46 7.59 -42.26
CA ILE B 97 -3.05 8.58 -43.24
C ILE B 97 -1.89 9.41 -42.73
N GLU B 98 -2.07 10.07 -41.58
CA GLU B 98 -1.08 11.06 -41.15
C GLU B 98 0.20 10.42 -40.63
N ALA B 99 0.16 9.17 -40.18
CA ALA B 99 1.35 8.48 -39.72
C ALA B 99 1.84 7.41 -40.68
N GLY B 100 1.11 7.17 -41.78
CA GLY B 100 1.47 6.08 -42.69
C GLY B 100 1.45 4.73 -42.02
N LYS B 101 0.66 4.58 -40.99
CA LYS B 101 0.68 3.38 -40.15
C LYS B 101 -0.29 2.34 -40.69
N PRO B 102 0.16 1.11 -40.94
CA PRO B 102 -0.74 0.06 -41.46
C PRO B 102 -2.04 0.02 -40.67
N ILE B 103 -3.15 -0.18 -41.39
CA ILE B 103 -4.46 0.08 -40.82
C ILE B 103 -4.74 -0.85 -39.64
N ASN B 104 -4.27 -2.10 -39.70
CA ASN B 104 -4.47 -2.99 -38.55
C ASN B 104 -3.69 -2.51 -37.34
N ASP B 105 -2.47 -2.00 -37.55
CA ASP B 105 -1.72 -1.39 -36.45
C ASP B 105 -2.40 -0.12 -35.95
N SER B 106 -3.03 0.62 -36.86
CA SER B 106 -3.75 1.82 -36.47
C SER B 106 -4.96 1.49 -35.61
N LYS B 107 -5.71 0.45 -35.97
CA LYS B 107 -6.82 0.03 -35.14
C LYS B 107 -6.32 -0.47 -33.79
N GLY B 108 -5.13 -1.09 -33.79
CA GLY B 108 -4.51 -1.48 -32.53
C GLY B 108 -4.24 -0.29 -31.62
N GLU B 109 -3.73 0.81 -32.18
CA GLU B 109 -3.46 1.98 -31.34
C GLU B 109 -4.74 2.62 -30.83
N VAL B 110 -5.81 2.61 -31.65
CA VAL B 110 -7.07 3.17 -31.18
C VAL B 110 -7.62 2.34 -30.02
N THR B 111 -7.49 1.02 -30.10
CA THR B 111 -7.83 0.17 -28.97
C THR B 111 -7.03 0.54 -27.72
N ARG B 112 -5.73 0.82 -27.88
CA ARG B 112 -4.90 1.25 -26.77
C ARG B 112 -5.34 2.59 -26.21
N LEU B 113 -5.66 3.52 -27.11
CA LEU B 113 -6.21 4.81 -26.69
C LEU B 113 -7.41 4.62 -25.78
N ILE B 114 -8.30 3.70 -26.13
CA ILE B 114 -9.47 3.43 -25.29
C ILE B 114 -9.04 2.80 -23.97
N ASP B 115 -8.11 1.84 -24.02
CA ASP B 115 -7.59 1.23 -22.78
C ASP B 115 -7.00 2.29 -21.84
N THR B 116 -6.18 3.19 -22.38
CA THR B 116 -5.51 4.19 -21.55
C THR B 116 -6.51 5.11 -20.86
N PHE B 117 -7.50 5.62 -21.61
CA PHE B 117 -8.52 6.44 -20.98
C PHE B 117 -9.37 5.64 -20.00
N ARG B 118 -9.67 4.38 -20.33
CA ARG B 118 -10.43 3.51 -19.41
C ARG B 118 -9.72 3.37 -18.08
N VAL B 119 -8.41 3.11 -18.12
CA VAL B 119 -7.64 2.97 -16.88
C VAL B 119 -7.67 4.26 -16.09
N ALA B 120 -7.55 5.40 -16.78
CA ALA B 120 -7.57 6.69 -16.09
C ALA B 120 -8.92 6.95 -15.43
N ALA B 121 -10.01 6.62 -16.12
CA ALA B 121 -11.33 6.75 -15.51
C ALA B 121 -11.43 5.95 -14.22
N GLU B 122 -10.89 4.73 -14.22
CA GLU B 122 -10.90 3.92 -12.99
C GLU B 122 -10.01 4.53 -11.92
N GLU B 123 -8.81 5.00 -12.29
CA GLU B 123 -7.90 5.55 -11.31
C GLU B 123 -8.36 6.89 -10.77
N SER B 124 -9.19 7.62 -11.53
CA SER B 124 -9.59 8.96 -11.10
C SER B 124 -10.30 8.95 -9.73
N VAL B 125 -10.92 7.83 -9.35
CA VAL B 125 -11.62 7.75 -8.07
C VAL B 125 -10.81 7.00 -7.01
N ARG B 126 -9.54 6.70 -7.26
CA ARG B 126 -8.78 6.00 -6.22
C ARG B 126 -7.37 6.56 -6.09
N ILE B 127 -7.23 7.87 -6.24
CA ILE B 127 -5.92 8.49 -6.09
C ILE B 127 -5.47 8.39 -4.64
N GLU B 128 -4.27 7.85 -4.43
CA GLU B 128 -3.87 7.41 -3.10
C GLU B 128 -3.61 8.58 -2.17
N GLY B 129 -4.06 8.44 -0.94
CA GLY B 129 -3.67 9.31 0.15
C GLY B 129 -3.12 8.41 1.23
N GLY B 130 -2.86 8.92 2.43
CA GLY B 130 -2.30 8.06 3.45
C GLY B 130 -2.41 8.63 4.85
N LEU B 131 -2.25 7.73 5.81
CA LEU B 131 -2.04 8.05 7.21
C LEU B 131 -0.60 7.68 7.54
N VAL B 132 0.05 8.47 8.38
CA VAL B 132 1.41 8.21 8.83
CA VAL B 132 1.38 8.15 8.83
C VAL B 132 1.41 8.23 10.35
N ASN B 133 2.01 7.21 10.97
CA ASN B 133 2.19 7.23 12.41
C ASN B 133 3.41 8.08 12.73
N LEU B 134 3.19 9.19 13.41
CA LEU B 134 4.27 10.11 13.72
C LEU B 134 4.80 9.94 15.14
N GLU B 135 4.20 9.07 15.94
CA GLU B 135 4.57 8.95 17.34
C GLU B 135 5.75 7.99 17.48
N ILE B 136 6.90 8.43 16.95
CA ILE B 136 8.09 7.58 16.92
C ILE B 136 9.11 7.97 17.96
N SER B 137 8.86 9.04 18.70
CA SER B 137 9.76 9.49 19.76
C SER B 137 8.92 10.27 20.76
N PRO B 138 9.43 10.47 21.99
CA PRO B 138 8.64 11.21 22.98
C PRO B 138 8.29 12.62 22.56
N ARG B 139 9.21 13.29 21.86
CA ARG B 139 8.96 14.61 21.29
C ARG B 139 7.69 14.64 20.41
N ALA B 140 7.41 13.54 19.72
CA ALA B 140 6.28 13.50 18.79
C ALA B 140 5.05 12.80 19.36
N GLN B 141 4.96 12.66 20.67
CA GLN B 141 3.74 12.10 21.26
C GLN B 141 2.56 13.03 20.99
N GLY B 142 1.43 12.46 20.58
CA GLY B 142 0.23 13.24 20.32
C GLY B 142 0.10 13.77 18.91
N TYR B 143 1.08 13.58 18.04
CA TYR B 143 0.98 14.03 16.66
C TYR B 143 0.51 12.88 15.77
N SER B 144 -0.30 13.21 14.76
CA SER B 144 -0.70 12.22 13.76
C SER B 144 -0.56 12.85 12.38
N GLY B 145 -0.34 12.03 11.37
CA GLY B 145 -0.11 12.50 10.01
C GLY B 145 -1.12 11.99 9.01
N TYR B 146 -1.56 12.88 8.12
CA TYR B 146 -2.48 12.59 7.02
C TYR B 146 -1.93 13.25 5.78
N TYR B 147 -1.97 12.57 4.64
CA TYR B 147 -1.56 13.25 3.43
C TYR B 147 -2.49 12.85 2.29
N LYS B 148 -2.69 13.80 1.38
CA LYS B 148 -3.44 13.59 0.15
C LYS B 148 -2.62 14.20 -0.99
N ARG B 149 -2.97 13.83 -2.21
CA ARG B 149 -2.32 14.34 -3.40
C ARG B 149 -3.15 15.49 -3.98
N VAL B 150 -2.47 16.55 -4.40
CA VAL B 150 -3.12 17.70 -5.00
C VAL B 150 -2.47 17.93 -6.36
N PRO B 151 -3.18 18.60 -7.29
CA PRO B 151 -2.58 18.85 -8.62
C PRO B 151 -1.27 19.60 -8.50
N ILE B 152 -0.31 19.23 -9.35
CA ILE B 152 0.96 19.96 -9.37
C ILE B 152 0.75 21.37 -9.91
N GLY B 153 -0.24 21.56 -10.79
CA GLY B 153 -0.43 22.83 -11.46
C GLY B 153 -0.52 22.61 -12.96
N PRO B 154 -0.41 23.70 -13.74
CA PRO B 154 -0.47 23.57 -15.20
C PRO B 154 0.66 22.72 -15.76
N CYS B 155 0.31 21.85 -16.71
CA CYS B 155 1.25 20.90 -17.28
C CYS B 155 1.49 21.21 -18.75
N SER B 156 2.76 21.11 -19.15
CA SER B 156 3.16 21.25 -20.55
C SER B 156 3.43 19.86 -21.12
N PHE B 157 2.71 19.49 -22.17
CA PHE B 157 2.79 18.15 -22.76
C PHE B 157 3.29 18.23 -24.20
N ILE B 158 4.29 17.41 -24.53
CA ILE B 158 4.83 17.33 -25.89
C ILE B 158 4.86 15.85 -26.30
N SER B 159 4.21 15.52 -27.41
CA SER B 159 4.05 14.14 -27.87
C SER B 159 4.66 13.95 -29.25
N PRO B 160 5.02 12.70 -29.62
CA PRO B 160 5.74 12.48 -30.89
C PRO B 160 4.85 11.96 -32.00
N PHE B 161 5.45 11.64 -33.14
CA PHE B 161 4.68 11.28 -34.32
C PHE B 161 4.22 9.84 -34.33
N ASN B 162 4.89 8.92 -33.63
CA ASN B 162 4.73 7.52 -34.00
C ASN B 162 3.53 6.85 -33.35
N PHE B 163 3.18 7.24 -32.12
CA PHE B 163 1.94 6.83 -31.48
C PHE B 163 1.16 8.11 -31.16
N PRO B 164 0.66 8.81 -32.19
CA PRO B 164 0.08 10.14 -31.95
C PRO B 164 -1.08 10.11 -30.97
N LEU B 165 -1.88 9.03 -30.96
CA LEU B 165 -3.03 8.98 -30.08
C LEU B 165 -2.64 8.50 -28.69
N ASN B 166 -1.99 7.34 -28.60
CA ASN B 166 -1.82 6.72 -27.30
C ASN B 166 -0.76 7.41 -26.45
N LEU B 167 0.29 7.96 -27.06
CA LEU B 167 1.31 8.60 -26.25
C LEU B 167 0.87 9.97 -25.79
N ALA B 168 0.00 10.65 -26.55
CA ALA B 168 -0.70 11.81 -26.02
C ALA B 168 -1.68 11.42 -24.92
N ALA B 169 -2.41 10.32 -25.09
CA ALA B 169 -3.34 9.84 -24.06
C ALA B 169 -2.62 9.59 -22.73
N HIS B 170 -1.38 9.12 -22.78
CA HIS B 170 -0.68 8.80 -21.53
C HIS B 170 -0.30 10.05 -20.74
N LYS B 171 -0.49 11.25 -21.31
CA LYS B 171 -0.37 12.49 -20.57
C LYS B 171 -1.70 13.15 -20.29
N VAL B 172 -2.58 13.17 -21.29
CA VAL B 172 -3.90 13.81 -21.18
C VAL B 172 -4.77 13.11 -20.15
N ALA B 173 -4.90 11.78 -20.26
CA ALA B 173 -5.81 11.06 -19.37
C ALA B 173 -5.38 11.17 -17.91
N PRO B 174 -4.10 11.02 -17.56
CA PRO B 174 -3.71 11.27 -16.16
C PRO B 174 -3.99 12.69 -15.70
N ALA B 175 -3.72 13.70 -16.56
CA ALA B 175 -4.00 15.07 -16.16
C ALA B 175 -5.46 15.26 -15.82
N LEU B 176 -6.37 14.70 -16.64
CA LEU B 176 -7.79 14.77 -16.35
C LEU B 176 -8.12 14.07 -15.04
N ALA B 177 -7.50 12.91 -14.80
CA ALA B 177 -7.77 12.20 -13.56
C ALA B 177 -7.22 12.97 -12.35
N ALA B 178 -6.08 13.65 -12.52
CA ALA B 178 -5.42 14.31 -11.40
C ALA B 178 -5.93 15.72 -11.17
N GLY B 179 -6.62 16.31 -12.13
CA GLY B 179 -7.11 17.66 -11.98
C GLY B 179 -6.11 18.73 -12.38
N CYS B 180 -5.19 18.41 -13.29
CA CYS B 180 -4.25 19.42 -13.77
C CYS B 180 -4.73 19.98 -15.09
N PRO B 181 -4.74 21.30 -15.25
CA PRO B 181 -4.91 21.87 -16.59
C PRO B 181 -3.65 21.64 -17.41
N PHE B 182 -3.82 21.54 -18.72
CA PHE B 182 -2.66 21.23 -19.56
C PHE B 182 -2.76 21.94 -20.92
N VAL B 183 -1.59 22.15 -21.51
CA VAL B 183 -1.46 22.60 -22.91
C VAL B 183 -0.62 21.56 -23.63
N LEU B 184 -1.20 20.92 -24.65
CA LEU B 184 -0.57 19.83 -25.39
C LEU B 184 -0.10 20.31 -26.75
N LYS B 185 1.17 20.05 -27.06
CA LYS B 185 1.69 20.29 -28.41
C LYS B 185 1.91 18.95 -29.11
N PRO B 186 1.05 18.55 -30.02
CA PRO B 186 1.28 17.30 -30.75
C PRO B 186 2.36 17.48 -31.81
N ALA B 187 2.79 16.35 -32.37
CA ALA B 187 3.79 16.37 -33.44
C ALA B 187 3.19 17.00 -34.70
N SER B 188 3.95 17.90 -35.33
CA SER B 188 3.43 18.64 -36.49
C SER B 188 3.15 17.73 -37.66
N ARG B 189 3.86 16.61 -37.77
CA ARG B 189 3.58 15.68 -38.85
C ARG B 189 2.31 14.87 -38.62
N THR B 190 1.86 14.71 -37.36
CA THR B 190 0.71 13.87 -37.05
C THR B 190 -0.18 14.53 -35.99
N PRO B 191 -0.79 15.67 -36.30
CA PRO B 191 -1.60 16.36 -35.29
C PRO B 191 -3.09 16.02 -35.30
N ILE B 192 -3.59 15.29 -36.31
CA ILE B 192 -5.03 15.09 -36.46
CA ILE B 192 -5.03 15.09 -36.46
C ILE B 192 -5.60 14.34 -35.27
N GLY B 193 -4.93 13.26 -34.87
CA GLY B 193 -5.42 12.48 -33.74
C GLY B 193 -5.63 13.33 -32.51
N ALA B 194 -4.62 14.13 -32.16
CA ALA B 194 -4.72 14.99 -30.99
C ALA B 194 -5.85 15.98 -31.12
N LEU B 195 -6.13 16.45 -32.33
CA LEU B 195 -7.23 17.39 -32.52
C LEU B 195 -8.60 16.71 -32.48
N ILE B 196 -8.69 15.43 -32.82
CA ILE B 196 -9.95 14.73 -32.61
C ILE B 196 -10.18 14.52 -31.13
N ILE B 197 -9.11 14.20 -30.39
CA ILE B 197 -9.21 14.12 -28.93
C ILE B 197 -9.69 15.45 -28.37
N GLY B 198 -9.16 16.55 -28.91
CA GLY B 198 -9.58 17.87 -28.45
C GLY B 198 -11.05 18.12 -28.71
N GLU B 199 -11.54 17.68 -29.87
CA GLU B 199 -12.96 17.89 -30.17
C GLU B 199 -13.83 17.12 -29.20
N VAL B 200 -13.46 15.88 -28.89
CA VAL B 200 -14.21 15.09 -27.90
C VAL B 200 -14.13 15.75 -26.53
N LEU B 201 -12.93 16.19 -26.12
CA LEU B 201 -12.79 16.82 -24.81
C LEU B 201 -13.61 18.11 -24.72
N ALA B 202 -13.71 18.85 -25.83
CA ALA B 202 -14.51 20.07 -25.87
C ALA B 202 -15.98 19.83 -25.56
N GLU B 203 -16.47 18.62 -25.79
CA GLU B 203 -17.87 18.31 -25.52
C GLU B 203 -18.16 18.27 -24.02
N THR B 204 -17.14 18.09 -23.18
CA THR B 204 -17.33 17.81 -21.77
C THR B 204 -17.45 19.10 -20.97
N ASP B 205 -17.81 18.96 -19.69
CA ASP B 205 -17.99 20.10 -18.80
C ASP B 205 -16.72 20.40 -18.00
N LEU B 206 -15.55 20.06 -18.54
CA LEU B 206 -14.30 20.58 -17.97
C LEU B 206 -14.37 22.10 -17.93
N PRO B 207 -13.86 22.73 -16.88
CA PRO B 207 -13.82 24.21 -16.85
C PRO B 207 -13.00 24.79 -18.00
N LYS B 208 -13.47 25.92 -18.53
CA LYS B 208 -12.74 26.61 -19.61
C LYS B 208 -11.31 26.92 -19.17
N GLY B 209 -10.34 26.58 -20.02
CA GLY B 209 -8.95 26.72 -19.70
C GLY B 209 -8.27 25.44 -19.22
N ALA B 210 -9.06 24.42 -18.87
CA ALA B 210 -8.51 23.13 -18.42
C ALA B 210 -7.64 22.48 -19.49
N PHE B 211 -7.93 22.69 -20.77
CA PHE B 211 -7.10 22.08 -21.79
C PHE B 211 -6.99 23.00 -23.01
N SER B 212 -5.80 22.96 -23.62
CA SER B 212 -5.55 23.50 -24.95
C SER B 212 -4.70 22.49 -25.70
N ILE B 213 -4.95 22.36 -27.00
CA ILE B 213 -4.17 21.49 -27.87
C ILE B 213 -3.78 22.33 -29.08
N LEU B 214 -2.47 22.58 -29.23
CA LEU B 214 -1.97 23.64 -30.10
C LEU B 214 -0.86 23.06 -30.97
N PRO B 215 -1.13 22.79 -32.25
CA PRO B 215 -0.02 22.45 -33.15
C PRO B 215 0.93 23.62 -33.23
N ALA B 216 2.23 23.32 -33.14
CA ALA B 216 3.28 24.31 -33.33
C ALA B 216 4.55 23.55 -33.70
N HIS B 217 5.29 24.08 -34.65
CA HIS B 217 6.59 23.49 -34.98
C HIS B 217 7.56 23.68 -33.81
N ARG B 218 8.53 22.77 -33.70
CA ARG B 218 9.54 22.87 -32.65
C ARG B 218 10.14 24.27 -32.57
N ASP B 219 10.38 24.92 -33.72
CA ASP B 219 10.98 26.24 -33.74
C ASP B 219 10.09 27.33 -33.12
N GLY B 220 8.77 27.11 -33.06
CA GLY B 220 7.91 28.07 -32.40
C GLY B 220 7.36 27.60 -31.05
N ALA B 221 7.97 26.57 -30.48
CA ALA B 221 7.47 25.91 -29.28
C ALA B 221 8.26 26.23 -28.02
N ASP B 222 9.09 27.27 -28.03
CA ASP B 222 9.96 27.53 -26.89
C ASP B 222 9.17 27.66 -25.58
N LEU B 223 7.98 28.27 -25.62
CA LEU B 223 7.23 28.50 -24.38
C LEU B 223 6.78 27.20 -23.71
N PHE B 224 6.64 26.10 -24.46
CA PHE B 224 6.26 24.83 -23.83
C PHE B 224 7.34 24.31 -22.88
N THR B 225 8.59 24.73 -23.09
CA THR B 225 9.66 24.37 -22.17
C THR B 225 9.96 25.45 -21.14
N THR B 226 9.97 26.72 -21.55
CA THR B 226 10.53 27.76 -20.70
C THR B 226 9.51 28.51 -19.85
N ASP B 227 8.22 28.48 -20.17
CA ASP B 227 7.30 29.33 -19.42
C ASP B 227 7.19 28.87 -17.97
N GLU B 228 7.46 29.77 -17.02
CA GLU B 228 7.48 29.40 -15.61
C GLU B 228 6.11 29.21 -15.00
N ARG B 229 5.03 29.50 -15.74
CA ARG B 229 3.70 29.18 -15.23
C ARG B 229 3.37 27.69 -15.32
N PHE B 230 4.06 26.93 -16.18
CA PHE B 230 3.97 25.48 -16.12
C PHE B 230 4.72 24.94 -14.91
N LYS B 231 4.13 23.96 -14.24
CA LYS B 231 4.76 23.30 -13.09
C LYS B 231 5.38 21.96 -13.46
N LEU B 232 5.05 21.44 -14.64
CA LEU B 232 5.52 20.15 -15.11
C LEU B 232 5.69 20.23 -16.62
N LEU B 233 6.81 19.73 -17.11
CA LEU B 233 7.02 19.44 -18.52
C LEU B 233 7.11 17.93 -18.66
N SER B 234 6.24 17.36 -19.48
CA SER B 234 6.30 15.93 -19.76
C SER B 234 6.48 15.76 -21.27
N PHE B 235 7.63 15.23 -21.66
CA PHE B 235 8.03 15.12 -23.06
C PHE B 235 8.18 13.66 -23.44
N THR B 236 7.62 13.29 -24.58
CA THR B 236 7.86 11.98 -25.17
C THR B 236 8.40 12.22 -26.57
N GLY B 237 9.54 11.59 -26.88
CA GLY B 237 10.18 11.83 -28.16
C GLY B 237 11.65 11.39 -28.11
N SER B 238 12.44 11.96 -29.03
CA SER B 238 13.80 11.46 -29.21
C SER B 238 14.69 11.84 -28.02
N PRO B 239 15.63 10.96 -27.65
CA PRO B 239 16.59 11.30 -26.58
C PRO B 239 17.30 12.63 -26.79
N THR B 240 17.70 12.94 -28.02
CA THR B 240 18.46 14.16 -28.23
C THR B 240 17.66 15.39 -27.87
N VAL B 241 16.39 15.45 -28.28
CA VAL B 241 15.56 16.59 -27.94
C VAL B 241 15.27 16.63 -26.44
N GLY B 242 14.89 15.48 -25.88
CA GLY B 242 14.42 15.46 -24.50
C GLY B 242 15.44 15.97 -23.51
N TRP B 243 16.70 15.51 -23.62
CA TRP B 243 17.72 15.95 -22.67
C TRP B 243 18.06 17.43 -22.87
N GLU B 244 17.94 17.93 -24.11
CA GLU B 244 18.12 19.37 -24.34
C GLU B 244 17.01 20.18 -23.68
N LEU B 245 15.76 19.73 -23.80
CA LEU B 245 14.66 20.46 -23.19
C LEU B 245 14.77 20.47 -21.67
N LYS B 246 15.27 19.40 -21.07
CA LYS B 246 15.43 19.39 -19.61
C LYS B 246 16.33 20.52 -19.17
N LYS B 247 17.39 20.82 -19.95
CA LYS B 247 18.33 21.85 -19.55
C LYS B 247 17.73 23.24 -19.57
N LYS B 248 16.67 23.46 -20.34
CA LYS B 248 16.05 24.78 -20.49
C LYS B 248 14.73 24.89 -19.73
N ALA B 249 14.35 23.88 -18.96
CA ALA B 249 13.01 23.83 -18.38
C ALA B 249 12.81 24.80 -17.22
N GLY B 250 13.89 25.29 -16.59
CA GLY B 250 13.73 26.17 -15.45
C GLY B 250 13.33 25.45 -14.18
N LYS B 251 12.35 25.99 -13.43
CA LYS B 251 12.02 25.43 -12.13
C LYS B 251 11.10 24.20 -12.21
N LYS B 252 10.40 24.02 -13.32
CA LYS B 252 9.37 22.99 -13.41
C LYS B 252 9.96 21.58 -13.29
N LYS B 253 9.15 20.66 -12.77
CA LYS B 253 9.46 19.25 -12.81
C LYS B 253 9.51 18.78 -14.26
N VAL B 254 10.42 17.83 -14.54
CA VAL B 254 10.61 17.34 -15.90
C VAL B 254 10.38 15.82 -15.92
N VAL B 255 9.57 15.35 -16.86
CA VAL B 255 9.38 13.92 -17.10
C VAL B 255 9.76 13.66 -18.56
N LEU B 256 10.55 12.61 -18.79
CA LEU B 256 11.07 12.32 -20.13
C LEU B 256 10.79 10.86 -20.50
N GLU B 257 10.17 10.65 -21.65
CA GLU B 257 9.93 9.31 -22.20
C GLU B 257 10.64 9.30 -23.55
N LEU B 258 11.80 8.64 -23.62
CA LEU B 258 12.63 8.74 -24.81
C LEU B 258 12.70 7.36 -25.50
N GLY B 259 13.83 7.06 -26.12
CA GLY B 259 13.92 5.82 -26.86
C GLY B 259 15.15 4.99 -26.57
N GLY B 260 15.49 4.08 -27.47
CA GLY B 260 16.63 3.20 -27.21
C GLY B 260 16.84 2.24 -28.37
N ASN B 261 17.74 1.28 -28.16
CA ASN B 261 18.06 0.22 -29.13
C ASN B 261 17.79 -1.15 -28.49
N ALA B 262 16.51 -1.44 -28.26
CA ALA B 262 16.12 -2.55 -27.38
C ALA B 262 16.60 -3.89 -27.90
N ALA B 263 16.93 -4.77 -26.96
CA ALA B 263 17.47 -6.09 -27.27
C ALA B 263 16.51 -7.18 -26.77
N ALA B 264 16.53 -8.31 -27.47
CA ALA B 264 15.81 -9.51 -27.07
C ALA B 264 16.80 -10.68 -27.06
N ILE B 265 16.92 -11.35 -25.91
CA ILE B 265 17.76 -12.54 -25.76
C ILE B 265 16.90 -13.77 -26.02
N VAL B 266 17.43 -14.69 -26.81
CA VAL B 266 16.83 -16.02 -27.00
C VAL B 266 17.77 -17.02 -26.34
N ASP B 267 17.30 -17.67 -25.28
CA ASP B 267 18.13 -18.57 -24.50
C ASP B 267 18.25 -19.95 -25.18
N ALA B 268 19.11 -20.79 -24.60
CA ALA B 268 19.49 -22.08 -25.16
C ALA B 268 18.38 -23.12 -25.15
N ASP B 269 17.30 -22.90 -24.40
CA ASP B 269 16.26 -23.89 -24.18
C ASP B 269 15.02 -23.66 -25.04
N GLN B 270 15.10 -22.79 -26.04
CA GLN B 270 13.92 -22.32 -26.73
C GLN B 270 13.62 -23.05 -28.03
N ARG B 271 14.24 -24.22 -28.26
CA ARG B 271 14.08 -24.88 -29.56
C ARG B 271 12.63 -25.24 -29.83
N GLU B 272 11.91 -25.73 -28.81
CA GLU B 272 10.56 -26.25 -29.04
C GLU B 272 9.54 -25.15 -29.31
N VAL B 273 9.85 -23.87 -29.07
CA VAL B 273 8.89 -22.79 -29.26
C VAL B 273 9.42 -21.71 -30.19
N LEU B 274 10.38 -22.07 -31.05
CA LEU B 274 11.06 -21.08 -31.89
C LEU B 274 10.11 -20.39 -32.85
N ASP B 275 9.07 -21.08 -33.32
CA ASP B 275 8.10 -20.41 -34.20
C ASP B 275 7.41 -19.27 -33.47
N TYR B 276 7.05 -19.48 -32.20
CA TYR B 276 6.49 -18.41 -31.40
C TYR B 276 7.50 -17.28 -31.22
N VAL B 277 8.73 -17.63 -30.86
CA VAL B 277 9.77 -16.60 -30.62
C VAL B 277 9.96 -15.76 -31.87
N VAL B 278 10.10 -16.41 -33.03
CA VAL B 278 10.34 -15.73 -34.29
C VAL B 278 9.16 -14.81 -34.63
N GLU B 279 7.94 -15.31 -34.40
CA GLU B 279 6.74 -14.50 -34.60
C GLU B 279 6.79 -13.21 -33.78
N ARG B 280 7.19 -13.29 -32.51
CA ARG B 280 7.20 -12.10 -31.67
C ARG B 280 8.38 -11.20 -32.03
N LEU B 281 9.52 -11.78 -32.40
CA LEU B 281 10.65 -10.99 -32.87
C LEU B 281 10.26 -10.17 -34.10
N ALA B 282 9.63 -10.82 -35.08
CA ALA B 282 9.23 -10.10 -36.28
C ALA B 282 8.23 -9.00 -35.94
N PHE B 283 7.32 -9.28 -35.00
CA PHE B 283 6.40 -8.23 -34.56
C PHE B 283 7.16 -7.06 -33.96
N GLY B 284 8.02 -7.33 -32.97
CA GLY B 284 8.70 -6.23 -32.29
C GLY B 284 9.65 -5.45 -33.18
N ALA B 285 10.31 -6.14 -34.12
CA ALA B 285 11.29 -5.47 -34.96
C ALA B 285 10.65 -4.66 -36.08
N TYR B 286 9.51 -5.11 -36.61
CA TYR B 286 9.02 -4.59 -37.87
C TYR B 286 7.64 -3.96 -37.82
N TYR B 287 6.90 -4.06 -36.70
CA TYR B 287 5.58 -3.45 -36.55
CA TYR B 287 5.60 -3.46 -36.71
C TYR B 287 5.70 -1.93 -36.66
N GLN B 288 4.72 -1.30 -37.32
CA GLN B 288 4.78 0.09 -37.80
C GLN B 288 6.20 0.45 -38.26
N SER B 289 6.79 -0.46 -39.02
CA SER B 289 8.09 -0.29 -39.67
C SER B 289 9.20 0.05 -38.67
N GLY B 290 9.15 -0.58 -37.50
CA GLY B 290 10.14 -0.36 -36.49
C GLY B 290 10.08 0.98 -35.80
N GLN B 291 9.06 1.78 -36.08
CA GLN B 291 8.98 3.13 -35.50
C GLN B 291 8.29 3.08 -34.14
N SER B 292 8.94 2.34 -33.24
CA SER B 292 8.53 2.20 -31.84
C SER B 292 9.74 2.44 -30.95
N CYS B 293 9.51 3.14 -29.83
CA CYS B 293 10.57 3.37 -28.87
C CYS B 293 11.03 2.10 -28.18
N ILE B 294 10.28 1.01 -28.28
CA ILE B 294 10.72 -0.27 -27.73
C ILE B 294 10.70 -1.32 -28.83
N GLY B 295 10.85 -0.88 -30.09
CA GLY B 295 11.02 -1.83 -31.17
C GLY B 295 12.27 -2.66 -30.96
N VAL B 296 12.21 -3.92 -31.41
CA VAL B 296 13.34 -4.84 -31.30
C VAL B 296 14.38 -4.43 -32.32
N GLN B 297 15.55 -3.97 -31.85
CA GLN B 297 16.66 -3.64 -32.71
C GLN B 297 17.78 -4.67 -32.68
N ARG B 298 18.00 -5.34 -31.55
CA ARG B 298 19.11 -6.26 -31.40
C ARG B 298 18.61 -7.59 -30.89
N ILE B 299 18.96 -8.67 -31.59
CA ILE B 299 18.56 -10.02 -31.23
C ILE B 299 19.82 -10.79 -30.86
N ILE B 300 19.83 -11.32 -29.63
CA ILE B 300 21.01 -11.96 -29.03
C ILE B 300 20.63 -13.40 -28.74
N ALA B 301 21.09 -14.33 -29.59
CA ALA B 301 20.58 -15.69 -29.63
C ALA B 301 21.66 -16.70 -29.26
N HIS B 302 21.27 -17.69 -28.45
CA HIS B 302 22.23 -18.67 -27.97
C HIS B 302 22.67 -19.60 -29.10
N ALA B 303 23.96 -19.92 -29.09
CA ALA B 303 24.54 -20.80 -30.11
C ALA B 303 23.71 -22.07 -30.33
N ASP B 304 23.09 -22.59 -29.26
CA ASP B 304 22.38 -23.85 -29.36
C ASP B 304 21.16 -23.77 -30.27
N VAL B 305 20.49 -22.62 -30.31
CA VAL B 305 19.33 -22.43 -31.19
C VAL B 305 19.61 -21.45 -32.30
N TYR B 306 20.83 -20.93 -32.39
CA TYR B 306 21.13 -19.82 -33.31
C TYR B 306 20.82 -20.18 -34.76
N ASP B 307 21.25 -21.37 -35.20
CA ASP B 307 21.11 -21.74 -36.61
C ASP B 307 19.65 -21.93 -36.99
N ALA B 308 18.85 -22.56 -36.12
CA ALA B 308 17.44 -22.76 -36.43
C ALA B 308 16.65 -21.46 -36.35
N LEU B 309 17.00 -20.58 -35.39
CA LEU B 309 16.34 -19.29 -35.31
C LEU B 309 16.68 -18.42 -36.52
N ARG B 310 17.96 -18.42 -36.91
CA ARG B 310 18.39 -17.62 -38.06
C ARG B 310 17.62 -18.01 -39.32
N GLU B 311 17.47 -19.31 -39.56
CA GLU B 311 16.74 -19.77 -40.73
C GLU B 311 15.28 -19.35 -40.68
N LYS B 312 14.61 -19.60 -39.55
CA LYS B 312 13.19 -19.25 -39.42
C LYS B 312 12.97 -17.75 -39.49
N LEU B 313 13.92 -16.95 -38.97
CA LEU B 313 13.74 -15.51 -38.94
C LEU B 313 13.97 -14.89 -40.32
N ILE B 314 14.93 -15.41 -41.09
CA ILE B 314 15.11 -14.96 -42.47
C ILE B 314 13.84 -15.20 -43.28
N ALA B 315 13.28 -16.41 -43.17
CA ALA B 315 12.04 -16.72 -43.86
C ALA B 315 10.90 -15.80 -43.41
N LYS B 316 10.78 -15.58 -42.09
CA LYS B 316 9.71 -14.73 -41.57
C LYS B 316 9.83 -13.31 -42.08
N THR B 317 11.05 -12.75 -42.03
CA THR B 317 11.25 -11.36 -42.42
C THR B 317 10.90 -11.15 -43.89
N ARG B 318 11.28 -12.10 -44.75
CA ARG B 318 11.00 -12.01 -46.18
C ARG B 318 9.51 -12.12 -46.48
N SER B 319 8.75 -12.80 -45.63
CA SER B 319 7.33 -12.97 -45.86
C SER B 319 6.52 -11.71 -45.61
N LEU B 320 7.09 -10.72 -44.94
CA LEU B 320 6.31 -9.55 -44.51
C LEU B 320 6.02 -8.64 -45.69
N LYS B 321 4.74 -8.40 -45.95
CA LYS B 321 4.34 -7.58 -47.09
C LYS B 321 4.55 -6.11 -46.79
N MET B 322 5.25 -5.42 -47.70
CA MET B 322 5.51 -4.00 -47.61
C MET B 322 4.68 -3.29 -48.69
N GLY B 323 4.00 -2.22 -48.31
CA GLY B 323 3.24 -1.46 -49.30
C GLY B 323 2.34 -0.42 -48.67
N ASP B 324 1.22 -0.18 -49.34
CA ASP B 324 0.22 0.83 -48.96
C ASP B 324 -0.36 0.51 -47.58
N PRO B 325 -0.23 1.39 -46.59
CA PRO B 325 -0.75 1.08 -45.25
C PRO B 325 -2.28 1.01 -45.18
N LYS B 326 -2.99 1.57 -46.16
CA LYS B 326 -4.43 1.41 -46.19
C LYS B 326 -4.85 -0.03 -46.48
N ASP B 327 -4.01 -0.81 -47.14
CA ASP B 327 -4.29 -2.21 -47.43
C ASP B 327 -4.08 -3.05 -46.16
N PRO B 328 -5.10 -3.76 -45.68
CA PRO B 328 -4.93 -4.54 -44.44
C PRO B 328 -3.84 -5.59 -44.53
N ALA B 329 -3.48 -6.05 -45.74
CA ALA B 329 -2.42 -7.03 -45.88
C ALA B 329 -1.03 -6.44 -45.68
N THR B 330 -0.90 -5.12 -45.59
CA THR B 330 0.40 -4.50 -45.40
C THR B 330 0.84 -4.62 -43.94
N PHE B 331 2.04 -5.16 -43.74
CA PHE B 331 2.67 -5.10 -42.43
C PHE B 331 3.71 -4.00 -42.33
N VAL B 332 4.45 -3.73 -43.40
CA VAL B 332 5.52 -2.74 -43.40
C VAL B 332 5.05 -1.57 -44.26
N GLY B 333 4.64 -0.49 -43.60
CA GLY B 333 4.25 0.72 -44.29
C GLY B 333 5.45 1.62 -44.49
N PRO B 334 5.23 2.83 -44.97
CA PRO B 334 6.34 3.77 -45.16
C PRO B 334 6.89 4.25 -43.83
N MET B 335 8.18 4.54 -43.83
CA MET B 335 8.73 5.32 -42.73
C MET B 335 8.23 6.76 -42.82
N ILE B 336 8.43 7.50 -41.72
CA ILE B 336 7.75 8.79 -41.55
C ILE B 336 8.19 9.78 -42.63
N SER B 337 9.38 9.61 -43.20
CA SER B 337 9.86 10.49 -44.25
C SER B 337 10.98 9.79 -45.00
N GLU B 338 11.23 10.28 -46.21
CA GLU B 338 12.34 9.72 -46.99
C GLU B 338 13.68 10.02 -46.33
N SER B 339 13.80 11.16 -45.66
CA SER B 339 15.07 11.49 -45.00
C SER B 339 15.35 10.55 -43.84
N GLU B 340 14.31 10.12 -43.11
CA GLU B 340 14.52 9.16 -42.04
C GLU B 340 14.97 7.80 -42.60
N ALA B 341 14.41 7.41 -43.75
CA ALA B 341 14.88 6.21 -44.42
C ALA B 341 16.34 6.35 -44.83
N ARG B 342 16.70 7.51 -45.41
CA ARG B 342 18.08 7.71 -45.84
C ARG B 342 19.03 7.67 -44.65
N ARG B 343 18.60 8.17 -43.50
CA ARG B 343 19.42 8.11 -42.30
C ARG B 343 19.73 6.66 -41.93
N LEU B 344 18.69 5.84 -41.83
CA LEU B 344 18.89 4.45 -41.44
C LEU B 344 19.67 3.69 -42.51
N ALA B 345 19.36 3.94 -43.79
CA ALA B 345 20.05 3.25 -44.87
C ALA B 345 21.53 3.62 -44.91
N GLY B 346 21.88 4.85 -44.52
CA GLY B 346 23.29 5.22 -44.41
C GLY B 346 24.02 4.44 -43.33
N TRP B 347 23.39 4.29 -42.16
CA TRP B 347 23.98 3.45 -41.12
C TRP B 347 24.12 2.01 -41.58
N MET B 348 23.11 1.51 -42.29
CA MET B 348 23.14 0.13 -42.78
C MET B 348 24.30 -0.07 -43.75
N GLU B 349 24.47 0.87 -44.69
CA GLU B 349 25.56 0.77 -45.65
C GLU B 349 26.91 0.82 -44.97
N ALA B 350 27.05 1.68 -43.94
CA ALA B 350 28.30 1.77 -43.22
C ALA B 350 28.62 0.46 -42.51
N ALA B 351 27.62 -0.18 -41.90
CA ALA B 351 27.87 -1.45 -41.21
C ALA B 351 28.22 -2.54 -42.20
N VAL B 352 27.59 -2.53 -43.38
CA VAL B 352 27.95 -3.50 -44.40
C VAL B 352 29.38 -3.26 -44.90
N ALA B 353 29.75 -1.98 -45.10
CA ALA B 353 31.11 -1.68 -45.54
C ALA B 353 32.15 -2.09 -44.51
N ALA B 354 31.77 -2.18 -43.24
CA ALA B 354 32.67 -2.66 -42.20
C ALA B 354 32.59 -4.16 -41.98
N GLY B 355 31.82 -4.88 -42.79
CA GLY B 355 31.80 -6.33 -42.74
C GLY B 355 30.47 -6.97 -42.45
N ALA B 356 29.41 -6.23 -42.16
CA ALA B 356 28.13 -6.86 -41.86
C ALA B 356 27.51 -7.39 -43.15
N LYS B 357 26.58 -8.34 -42.99
CA LYS B 357 25.89 -8.96 -44.11
C LYS B 357 24.39 -8.77 -43.96
N ILE B 358 23.73 -8.28 -45.02
CA ILE B 358 22.28 -8.25 -45.05
C ILE B 358 21.80 -9.64 -45.46
N VAL B 359 20.99 -10.27 -44.60
CA VAL B 359 20.54 -11.65 -44.83
C VAL B 359 19.07 -11.74 -45.17
N ALA B 360 18.32 -10.65 -45.03
CA ALA B 360 16.95 -10.58 -45.49
C ALA B 360 16.62 -9.11 -45.72
N GLY B 361 15.81 -8.84 -46.75
CA GLY B 361 15.38 -7.47 -47.01
C GLY B 361 16.52 -6.61 -47.52
N GLY B 362 16.56 -5.36 -47.07
CA GLY B 362 17.65 -4.46 -47.40
C GLY B 362 17.36 -3.43 -48.47
N LYS B 363 16.23 -3.53 -49.18
CA LYS B 363 15.92 -2.59 -50.26
C LYS B 363 15.20 -1.37 -49.71
N VAL B 364 15.62 -0.19 -50.16
CA VAL B 364 15.04 1.07 -49.74
C VAL B 364 14.69 1.87 -50.99
N ASP B 365 13.45 2.36 -51.05
CA ASP B 365 12.96 3.13 -52.18
C ASP B 365 12.14 4.28 -51.60
N GLY B 366 12.69 5.49 -51.64
CA GLY B 366 12.07 6.62 -50.97
C GLY B 366 11.92 6.34 -49.49
N ALA B 367 10.69 6.37 -48.99
CA ALA B 367 10.40 6.04 -47.61
C ALA B 367 10.00 4.59 -47.40
N MET B 368 10.04 3.77 -48.46
CA MET B 368 9.67 2.35 -48.36
C MET B 368 10.94 1.55 -48.06
N PHE B 369 11.12 1.21 -46.79
CA PHE B 369 12.27 0.48 -46.29
C PHE B 369 11.80 -0.92 -45.93
N GLU B 370 12.37 -1.92 -46.59
CA GLU B 370 12.00 -3.32 -46.37
C GLU B 370 12.34 -3.75 -44.95
N ALA B 371 11.49 -4.63 -44.38
CA ALA B 371 11.90 -5.36 -43.19
C ALA B 371 13.23 -6.04 -43.48
N THR B 372 14.25 -5.76 -42.66
CA THR B 372 15.63 -6.12 -42.97
C THR B 372 16.31 -6.74 -41.76
N LEU B 373 17.13 -7.76 -42.00
CA LEU B 373 17.86 -8.49 -40.97
C LEU B 373 19.34 -8.52 -41.35
N LEU B 374 20.21 -8.20 -40.39
CA LEU B 374 21.65 -8.22 -40.63
C LEU B 374 22.36 -9.13 -39.62
N GLU B 375 23.52 -9.64 -40.05
CA GLU B 375 24.47 -10.34 -39.21
C GLU B 375 25.82 -9.63 -39.25
N GLY B 376 26.64 -9.90 -38.24
CA GLY B 376 27.99 -9.41 -38.21
C GLY B 376 28.14 -7.91 -38.06
N VAL B 377 27.15 -7.23 -37.47
CA VAL B 377 27.26 -5.80 -37.25
C VAL B 377 28.17 -5.57 -36.06
N GLY B 378 29.28 -4.87 -36.28
CA GLY B 378 30.19 -4.58 -35.18
C GLY B 378 29.51 -3.73 -34.13
N ARG B 379 29.84 -4.00 -32.86
CA ARG B 379 29.16 -3.32 -31.77
C ARG B 379 29.47 -1.83 -31.73
N ASP B 380 30.50 -1.37 -32.44
CA ASP B 380 30.81 0.05 -32.47
C ASP B 380 30.04 0.80 -33.56
N GLN B 381 29.27 0.10 -34.38
CA GLN B 381 28.58 0.72 -35.51
C GLN B 381 27.40 1.57 -35.05
N ASP B 382 27.16 2.66 -35.80
CA ASP B 382 25.94 3.44 -35.59
C ASP B 382 24.71 2.57 -35.65
N LEU B 383 24.65 1.63 -36.61
CA LEU B 383 23.51 0.73 -36.71
C LEU B 383 23.28 -0.03 -35.42
N TYR B 384 24.35 -0.32 -34.67
CA TYR B 384 24.22 -1.05 -33.41
C TYR B 384 23.87 -0.13 -32.25
N ARG B 385 24.55 1.01 -32.13
CA ARG B 385 24.48 1.79 -30.90
C ARG B 385 23.45 2.90 -30.91
N LYS B 386 23.08 3.40 -32.09
CA LYS B 386 22.08 4.46 -32.14
C LYS B 386 20.69 3.85 -32.33
N GLU B 387 19.67 4.67 -32.13
CA GLU B 387 18.28 4.20 -32.24
C GLU B 387 17.90 4.12 -33.71
N ALA B 388 17.75 2.90 -34.23
CA ALA B 388 17.46 2.72 -35.65
C ALA B 388 16.15 3.38 -36.03
N PHE B 389 15.10 3.13 -35.24
CA PHE B 389 13.75 3.63 -35.51
C PHE B 389 13.33 3.38 -36.96
N GLY B 390 13.58 2.15 -37.40
CA GLY B 390 13.14 1.70 -38.70
C GLY B 390 13.14 0.19 -38.73
N PRO B 391 12.76 -0.40 -39.85
CA PRO B 391 12.51 -1.85 -39.88
C PRO B 391 13.79 -2.66 -40.09
N VAL B 392 14.76 -2.46 -39.20
CA VAL B 392 16.05 -3.14 -39.26
C VAL B 392 16.28 -3.84 -37.92
N ALA B 393 16.69 -5.10 -37.97
CA ALA B 393 17.05 -5.85 -36.77
C ALA B 393 18.39 -6.54 -37.01
N LEU B 394 19.16 -6.66 -35.92
CA LEU B 394 20.53 -7.17 -35.97
C LEU B 394 20.62 -8.44 -35.16
N LEU B 395 21.17 -9.50 -35.74
CA LEU B 395 21.30 -10.80 -35.08
C LEU B 395 22.74 -11.05 -34.69
N GLU B 396 22.95 -11.41 -33.42
CA GLU B 396 24.27 -11.77 -32.92
C GLU B 396 24.14 -13.00 -32.01
N ARG B 397 25.28 -13.57 -31.64
CA ARG B 397 25.37 -14.90 -31.06
C ARG B 397 26.15 -14.90 -29.75
N PHE B 398 25.69 -15.70 -28.78
CA PHE B 398 26.37 -15.82 -27.49
C PHE B 398 26.32 -17.26 -26.99
N SER B 399 27.14 -17.57 -25.97
CA SER B 399 27.10 -18.85 -25.28
CA SER B 399 27.07 -18.85 -25.27
C SER B 399 26.91 -18.72 -23.76
N ASP B 400 27.61 -17.77 -23.14
CA ASP B 400 27.50 -17.54 -21.70
C ASP B 400 26.38 -16.52 -21.43
N PHE B 401 25.51 -16.84 -20.47
CA PHE B 401 24.36 -15.97 -20.22
C PHE B 401 24.80 -14.59 -19.71
N ASP B 402 25.86 -14.53 -18.90
CA ASP B 402 26.38 -13.25 -18.46
C ASP B 402 26.87 -12.40 -19.63
N ASP B 403 27.44 -13.04 -20.64
CA ASP B 403 27.81 -12.31 -21.85
C ASP B 403 26.59 -11.71 -22.52
N ALA B 404 25.50 -12.48 -22.62
CA ALA B 404 24.27 -11.96 -23.24
C ALA B 404 23.72 -10.77 -22.47
N LEU B 405 23.73 -10.85 -21.13
CA LEU B 405 23.30 -9.73 -20.32
C LEU B 405 24.20 -8.51 -20.53
N ALA B 406 25.52 -8.72 -20.58
CA ALA B 406 26.44 -7.61 -20.79
C ALA B 406 26.20 -6.95 -22.14
N ARG B 407 25.86 -7.74 -23.16
CA ARG B 407 25.58 -7.17 -24.48
C ARG B 407 24.32 -6.30 -24.47
N VAL B 408 23.28 -6.73 -23.74
CA VAL B 408 22.07 -5.91 -23.67
C VAL B 408 22.40 -4.57 -23.05
N ASN B 409 23.18 -4.57 -21.96
CA ASN B 409 23.58 -3.36 -21.26
C ASN B 409 24.63 -2.57 -22.02
N ASP B 410 25.26 -3.14 -23.05
CA ASP B 410 26.26 -2.44 -23.84
C ASP B 410 25.57 -1.40 -24.72
N SER B 411 25.13 -0.30 -24.10
CA SER B 411 24.32 0.68 -24.78
C SER B 411 24.27 1.94 -23.93
N ASP B 412 24.04 3.08 -24.60
CA ASP B 412 23.70 4.31 -23.89
C ASP B 412 22.28 4.26 -23.31
N PHE B 413 21.45 3.33 -23.77
CA PHE B 413 20.02 3.35 -23.53
C PHE B 413 19.61 2.25 -22.54
N GLY B 414 18.35 2.31 -22.11
CA GLY B 414 17.86 1.36 -21.13
C GLY B 414 16.36 1.48 -20.91
N LEU B 415 15.58 1.24 -21.96
CA LEU B 415 14.12 1.37 -21.88
C LEU B 415 13.51 0.03 -21.48
N GLN B 416 13.51 -0.94 -22.40
CA GLN B 416 13.08 -2.29 -22.07
C GLN B 416 13.97 -3.30 -22.79
N ALA B 417 14.00 -4.51 -22.22
CA ALA B 417 14.66 -5.66 -22.83
C ALA B 417 13.75 -6.87 -22.72
N GLY B 418 13.96 -7.85 -23.60
CA GLY B 418 13.21 -9.10 -23.56
C GLY B 418 14.14 -10.29 -23.41
N VAL B 419 13.63 -11.35 -22.77
CA VAL B 419 14.38 -12.60 -22.60
C VAL B 419 13.41 -13.76 -22.78
N PHE B 420 13.65 -14.58 -23.81
CA PHE B 420 12.93 -15.83 -24.02
C PHE B 420 13.71 -16.95 -23.34
N THR B 421 13.19 -17.45 -22.22
CA THR B 421 13.87 -18.51 -21.47
C THR B 421 12.84 -19.24 -20.62
N ASP B 422 13.12 -20.50 -20.33
CA ASP B 422 12.39 -21.21 -19.28
C ASP B 422 13.27 -21.47 -18.05
N SER B 423 14.43 -20.84 -17.97
CA SER B 423 15.29 -21.00 -16.79
C SER B 423 14.88 -19.97 -15.75
N LEU B 424 14.42 -20.47 -14.60
CA LEU B 424 14.08 -19.62 -13.47
C LEU B 424 15.25 -18.72 -13.08
N SER B 425 16.45 -19.29 -12.92
CA SER B 425 17.60 -18.50 -12.52
C SER B 425 18.00 -17.48 -13.59
N HIS B 426 17.87 -17.82 -14.87
CA HIS B 426 18.19 -16.84 -15.90
C HIS B 426 17.21 -15.68 -15.88
N ALA B 427 15.92 -15.96 -15.68
CA ALA B 427 14.94 -14.89 -15.57
C ALA B 427 15.22 -14.00 -14.36
N GLN B 428 15.51 -14.62 -13.20
CA GLN B 428 15.87 -13.82 -12.03
C GLN B 428 17.09 -12.95 -12.31
N ARG B 429 18.12 -13.51 -12.93
CA ARG B 429 19.32 -12.74 -13.23
CA ARG B 429 19.32 -12.74 -13.23
C ARG B 429 19.02 -11.61 -14.21
N ALA B 430 18.18 -11.87 -15.21
CA ALA B 430 17.80 -10.80 -16.14
C ALA B 430 17.14 -9.65 -15.39
N TRP B 431 16.15 -9.96 -14.55
CA TRP B 431 15.51 -8.94 -13.71
C TRP B 431 16.55 -8.11 -12.96
N ASP B 432 17.55 -8.78 -12.39
CA ASP B 432 18.51 -8.13 -11.49
C ASP B 432 19.49 -7.24 -12.22
N GLU B 433 19.99 -7.69 -13.38
CA GLU B 433 21.20 -7.14 -13.95
C GLU B 433 20.98 -6.31 -15.21
N LEU B 434 19.81 -6.39 -15.84
CA LEU B 434 19.56 -5.57 -17.02
C LEU B 434 19.17 -4.16 -16.58
N GLU B 435 19.96 -3.16 -16.98
CA GLU B 435 19.71 -1.79 -16.56
CA GLU B 435 19.73 -1.79 -16.57
C GLU B 435 18.73 -1.16 -17.54
N VAL B 436 17.46 -1.52 -17.34
CA VAL B 436 16.35 -1.02 -18.16
C VAL B 436 15.19 -0.69 -17.22
N GLY B 437 14.24 0.08 -17.74
CA GLY B 437 13.02 0.30 -16.99
C GLY B 437 12.24 -0.99 -16.77
N GLY B 438 12.14 -1.81 -17.82
CA GLY B 438 11.33 -3.01 -17.78
C GLY B 438 11.93 -4.22 -18.49
N VAL B 439 11.90 -5.38 -17.83
CA VAL B 439 12.36 -6.63 -18.42
C VAL B 439 11.14 -7.48 -18.76
N VAL B 440 11.03 -7.90 -20.02
CA VAL B 440 9.93 -8.76 -20.45
C VAL B 440 10.46 -10.17 -20.60
N ILE B 441 9.79 -11.12 -19.94
CA ILE B 441 10.20 -12.53 -19.95
C ILE B 441 9.23 -13.29 -20.85
N ASN B 442 9.77 -13.93 -21.89
CA ASN B 442 9.02 -14.74 -22.86
C ASN B 442 8.10 -13.90 -23.75
N ASP B 443 8.43 -12.62 -23.91
CA ASP B 443 7.94 -11.82 -25.02
C ASP B 443 9.01 -10.78 -25.34
N VAL B 444 8.82 -10.06 -26.44
CA VAL B 444 9.80 -9.05 -26.86
C VAL B 444 9.74 -7.84 -25.95
N PRO B 445 10.79 -6.99 -25.92
CA PRO B 445 10.70 -5.73 -25.17
C PRO B 445 9.66 -4.78 -25.72
N SER B 446 9.11 -5.08 -26.90
CA SER B 446 8.11 -4.23 -27.53
C SER B 446 6.75 -4.32 -26.86
N PHE B 447 6.58 -5.16 -25.85
CA PHE B 447 5.29 -5.29 -25.20
C PHE B 447 5.06 -4.16 -24.20
N ARG B 448 3.86 -3.58 -24.24
CA ARG B 448 3.43 -2.66 -23.22
C ARG B 448 1.92 -2.80 -23.04
N VAL B 449 1.49 -2.79 -21.78
CA VAL B 449 0.07 -2.63 -21.46
C VAL B 449 -0.06 -1.32 -20.71
N ASP B 450 -1.18 -0.63 -20.92
CA ASP B 450 -1.21 0.79 -20.61
C ASP B 450 -1.41 1.11 -19.12
N ASN B 451 -1.57 0.12 -18.23
CA ASN B 451 -1.55 0.43 -16.80
C ASN B 451 -0.18 0.23 -16.16
N MET B 452 0.78 -0.36 -16.88
CA MET B 452 2.03 -0.77 -16.23
C MET B 452 3.00 0.42 -16.12
N PRO B 453 3.84 0.45 -15.08
CA PRO B 453 4.86 1.49 -15.02
C PRO B 453 5.75 1.35 -16.25
N TYR B 454 5.98 2.46 -16.94
CA TYR B 454 6.64 2.41 -18.23
C TYR B 454 7.62 3.58 -18.36
N GLY B 455 8.86 3.29 -18.70
CA GLY B 455 9.83 4.34 -18.90
C GLY B 455 11.23 3.79 -18.96
N GLY B 456 12.18 4.69 -19.17
CA GLY B 456 13.56 4.25 -19.29
C GLY B 456 14.49 4.76 -18.21
N VAL B 457 15.66 4.12 -18.11
CA VAL B 457 16.79 4.66 -17.35
C VAL B 457 17.90 4.97 -18.35
N LYS B 458 19.09 5.30 -17.87
CA LYS B 458 20.23 5.71 -18.73
C LYS B 458 19.72 6.81 -19.66
N ASP B 459 20.04 6.79 -20.96
CA ASP B 459 19.60 7.89 -21.82
C ASP B 459 18.17 7.71 -22.32
N SER B 460 17.43 6.75 -21.78
CA SER B 460 16.12 6.40 -22.32
C SER B 460 14.96 7.12 -21.65
N GLY B 461 15.17 7.82 -20.56
CA GLY B 461 14.07 8.54 -19.95
C GLY B 461 14.38 8.95 -18.52
N LEU B 462 13.37 9.58 -17.92
CA LEU B 462 13.44 10.00 -16.52
C LEU B 462 12.00 10.08 -16.02
N GLY B 463 11.61 9.13 -15.18
CA GLY B 463 10.24 9.02 -14.73
C GLY B 463 9.49 7.88 -15.39
N ARG B 464 8.24 7.68 -14.94
CA ARG B 464 7.41 6.59 -15.43
C ARG B 464 6.04 7.12 -15.84
N GLU B 465 5.53 6.61 -16.95
CA GLU B 465 4.14 6.76 -17.32
C GLU B 465 3.44 5.44 -17.08
N GLY B 466 2.23 5.30 -17.64
CA GLY B 466 1.30 4.35 -17.09
C GLY B 466 0.47 5.10 -16.08
N ILE B 467 -0.86 4.94 -16.13
CA ILE B 467 -1.77 5.94 -15.58
C ILE B 467 -1.40 6.31 -14.14
N ARG B 468 -1.30 5.31 -13.26
CA ARG B 468 -1.05 5.57 -11.84
C ARG B 468 0.25 6.31 -11.63
N TYR B 469 1.28 5.93 -12.38
CA TYR B 469 2.61 6.51 -12.22
C TYR B 469 2.67 7.91 -12.80
N ALA B 470 1.93 8.16 -13.88
CA ALA B 470 1.87 9.52 -14.39
C ALA B 470 1.13 10.44 -13.43
N ILE B 471 0.07 9.93 -12.80
CA ILE B 471 -0.69 10.74 -11.85
C ILE B 471 0.20 11.17 -10.70
N GLU B 472 1.05 10.26 -10.22
CA GLU B 472 2.00 10.58 -9.14
CA GLU B 472 1.91 10.63 -9.11
C GLU B 472 2.87 11.77 -9.51
N ASP B 473 3.34 11.82 -10.75
CA ASP B 473 4.19 12.94 -11.14
C ASP B 473 3.41 14.23 -11.36
N MET B 474 2.11 14.14 -11.62
CA MET B 474 1.25 15.30 -11.82
C MET B 474 0.59 15.77 -10.54
N THR B 475 1.00 15.24 -9.39
CA THR B 475 0.44 15.64 -8.12
C THR B 475 1.57 15.89 -7.11
N GLU B 476 1.24 16.62 -6.06
CA GLU B 476 2.13 16.88 -4.94
C GLU B 476 1.48 16.33 -3.68
N LEU B 477 2.30 15.80 -2.78
CA LEU B 477 1.80 15.43 -1.47
C LEU B 477 1.47 16.69 -0.67
N ARG B 478 0.32 16.69 -0.02
CA ARG B 478 -0.06 17.76 0.89
C ARG B 478 -0.29 17.11 2.25
N LEU B 479 0.67 17.29 3.16
CA LEU B 479 0.63 16.67 4.47
C LEU B 479 -0.12 17.56 5.45
N MET B 480 -0.93 16.94 6.31
CA MET B 480 -1.49 17.59 7.48
C MET B 480 -0.98 16.87 8.72
N VAL B 481 -0.28 17.61 9.58
CA VAL B 481 0.15 17.14 10.89
C VAL B 481 -0.80 17.72 11.91
N VAL B 482 -1.40 16.86 12.73
CA VAL B 482 -2.34 17.29 13.76
C VAL B 482 -1.75 16.93 15.12
N ARG B 483 -1.65 17.93 16.00
CA ARG B 483 -1.17 17.72 17.37
C ARG B 483 -2.36 17.73 18.32
N ARG B 484 -2.48 16.65 19.09
CA ARG B 484 -3.42 16.59 20.20
C ARG B 484 -2.63 16.64 21.49
N ARG B 485 -3.21 17.28 22.50
CA ARG B 485 -2.51 17.48 23.78
C ARG B 485 -3.34 17.02 24.97
N LEU C 10 -44.77 -7.19 -12.50
CA LEU C 10 -44.10 -8.43 -12.11
C LEU C 10 -44.52 -9.61 -12.98
N LYS C 11 -43.60 -10.56 -13.14
CA LYS C 11 -43.91 -11.81 -13.81
C LYS C 11 -44.88 -12.63 -12.96
N GLU C 12 -45.62 -13.52 -13.63
CA GLU C 12 -46.55 -14.38 -12.90
C GLU C 12 -45.81 -15.39 -12.04
N THR C 13 -44.71 -15.96 -12.53
CA THR C 13 -43.84 -16.83 -11.75
C THR C 13 -42.38 -16.50 -12.05
N TYR C 14 -41.53 -16.80 -11.06
CA TYR C 14 -40.08 -16.70 -11.18
C TYR C 14 -39.45 -18.06 -10.91
N PRO C 15 -38.38 -18.40 -11.60
CA PRO C 15 -37.63 -19.62 -11.28
C PRO C 15 -36.60 -19.31 -10.20
N TYR C 16 -35.93 -20.36 -9.75
CA TYR C 16 -34.66 -20.18 -9.09
C TYR C 16 -33.54 -20.48 -10.08
N TYR C 17 -32.30 -20.18 -9.68
CA TYR C 17 -31.15 -20.35 -10.55
C TYR C 17 -30.27 -21.44 -9.97
N LEU C 18 -30.15 -22.53 -10.70
CA LEU C 18 -29.35 -23.68 -10.29
C LEU C 18 -28.22 -23.79 -11.31
N ALA C 19 -26.98 -23.62 -10.83
CA ALA C 19 -25.81 -23.69 -11.69
C ALA C 19 -26.00 -22.85 -12.96
N ASN C 20 -26.33 -21.58 -12.76
CA ASN C 20 -26.44 -20.52 -13.77
C ASN C 20 -27.72 -20.58 -14.59
N GLU C 21 -28.59 -21.56 -14.40
CA GLU C 21 -29.73 -21.73 -15.29
C GLU C 21 -31.05 -21.63 -14.53
N ALA C 22 -32.02 -20.97 -15.16
CA ALA C 22 -33.35 -20.83 -14.59
C ALA C 22 -34.05 -22.18 -14.54
N VAL C 23 -34.63 -22.50 -13.38
CA VAL C 23 -35.35 -23.75 -13.18
C VAL C 23 -36.72 -23.41 -12.58
N TYR C 24 -37.78 -23.60 -13.37
CA TYR C 24 -39.15 -23.43 -12.87
C TYR C 24 -39.57 -24.71 -12.15
N ALA C 25 -38.94 -24.93 -10.99
CA ALA C 25 -39.10 -26.20 -10.29
C ALA C 25 -40.50 -26.32 -9.68
N ASN C 26 -41.03 -25.23 -9.18
CA ASN C 26 -42.36 -25.20 -8.55
C ASN C 26 -42.75 -23.73 -8.42
N ALA C 27 -43.85 -23.48 -7.71
CA ALA C 27 -44.31 -22.13 -7.43
C ALA C 27 -44.80 -22.03 -5.99
N GLU C 28 -44.04 -22.64 -5.07
CA GLU C 28 -44.52 -22.80 -3.70
C GLU C 28 -44.36 -21.53 -2.86
N LEU C 29 -43.40 -20.67 -3.19
CA LEU C 29 -43.13 -19.49 -2.36
C LEU C 29 -43.95 -18.31 -2.87
N GLU C 30 -44.97 -17.94 -2.11
CA GLU C 30 -45.77 -16.76 -2.41
C GLU C 30 -45.09 -15.50 -1.85
N VAL C 31 -44.97 -14.48 -2.69
CA VAL C 31 -44.41 -13.18 -2.30
C VAL C 31 -45.56 -12.17 -2.30
N THR C 32 -45.77 -11.50 -1.18
CA THR C 32 -46.88 -10.58 -1.04
C THR C 32 -46.41 -9.14 -1.25
N ASP C 33 -47.32 -8.33 -1.80
CA ASP C 33 -47.24 -6.88 -1.76
C ASP C 33 -47.33 -6.46 -0.29
N LYS C 34 -46.25 -5.90 0.27
CA LYS C 34 -46.20 -5.62 1.69
C LYS C 34 -47.15 -4.49 2.11
N TYR C 35 -47.71 -3.76 1.16
CA TYR C 35 -48.71 -2.74 1.46
C TYR C 35 -50.14 -3.29 1.39
N THR C 36 -50.50 -3.96 0.28
CA THR C 36 -51.86 -4.46 0.14
C THR C 36 -52.05 -5.85 0.73
N GLY C 37 -50.99 -6.55 1.05
CA GLY C 37 -51.08 -7.88 1.61
C GLY C 37 -51.47 -8.96 0.63
N LYS C 38 -51.84 -8.62 -0.61
CA LYS C 38 -52.17 -9.61 -1.62
C LYS C 38 -50.91 -10.26 -2.19
N VAL C 39 -51.05 -11.49 -2.66
CA VAL C 39 -49.93 -12.20 -3.29
C VAL C 39 -49.60 -11.50 -4.60
N ALA C 40 -48.33 -11.09 -4.75
CA ALA C 40 -47.89 -10.37 -5.94
C ALA C 40 -47.30 -11.29 -7.01
N THR C 41 -46.63 -12.36 -6.61
CA THR C 41 -46.04 -13.31 -7.55
C THR C 41 -45.73 -14.58 -6.79
N ARG C 42 -45.26 -15.59 -7.52
CA ARG C 42 -44.84 -16.86 -6.93
C ARG C 42 -43.50 -17.25 -7.53
N VAL C 43 -42.60 -17.79 -6.70
CA VAL C 43 -41.28 -18.19 -7.15
C VAL C 43 -41.02 -19.63 -6.72
N ALA C 44 -40.05 -20.25 -7.39
CA ALA C 44 -39.70 -21.64 -7.09
C ALA C 44 -38.92 -21.72 -5.79
N LEU C 45 -39.31 -22.67 -4.93
CA LEU C 45 -38.69 -22.84 -3.63
C LEU C 45 -37.74 -24.04 -3.69
N ALA C 46 -36.48 -23.81 -3.31
CA ALA C 46 -35.48 -24.86 -3.41
C ALA C 46 -35.54 -25.76 -2.18
N ASP C 47 -35.44 -27.07 -2.42
CA ASP C 47 -35.35 -28.04 -1.35
C ASP C 47 -33.88 -28.47 -1.17
N ALA C 48 -33.66 -29.38 -0.22
CA ALA C 48 -32.29 -29.75 0.13
C ALA C 48 -31.56 -30.42 -1.04
N SER C 49 -32.27 -31.22 -1.83
CA SER C 49 -31.63 -31.84 -2.99
C SER C 49 -31.15 -30.79 -3.98
N ALA C 50 -31.91 -29.70 -4.15
CA ALA C 50 -31.47 -28.66 -5.07
C ALA C 50 -30.28 -27.89 -4.49
N ILE C 51 -30.32 -27.57 -3.19
CA ILE C 51 -29.20 -26.89 -2.57
C ILE C 51 -27.95 -27.74 -2.68
N ASP C 52 -28.09 -29.04 -2.42
CA ASP C 52 -26.96 -29.96 -2.56
C ASP C 52 -26.43 -29.96 -3.98
N ALA C 53 -27.33 -30.04 -4.97
CA ALA C 53 -26.89 -29.97 -6.36
C ALA C 53 -26.13 -28.68 -6.65
N ALA C 54 -26.60 -27.55 -6.09
CA ALA C 54 -25.94 -26.27 -6.29
C ALA C 54 -24.53 -26.26 -5.72
N ILE C 55 -24.37 -26.81 -4.52
CA ILE C 55 -23.06 -26.85 -3.90
C ILE C 55 -22.13 -27.72 -4.73
N ALA C 56 -22.61 -28.89 -5.14
CA ALA C 56 -21.82 -29.78 -5.98
C ALA C 56 -21.35 -29.08 -7.24
N ALA C 57 -22.24 -28.28 -7.86
CA ALA C 57 -21.85 -27.59 -9.09
C ALA C 57 -20.90 -26.43 -8.80
N ALA C 58 -21.02 -25.79 -7.64
CA ALA C 58 -20.09 -24.73 -7.29
C ALA C 58 -18.69 -25.30 -7.07
N VAL C 59 -18.59 -26.48 -6.45
CA VAL C 59 -17.31 -27.15 -6.33
C VAL C 59 -16.71 -27.39 -7.71
N GLY C 60 -17.53 -27.91 -8.63
CA GLY C 60 -17.08 -28.21 -9.98
C GLY C 60 -16.66 -26.97 -10.78
N ALA C 61 -17.19 -25.80 -10.44
CA ALA C 61 -16.85 -24.60 -11.20
C ALA C 61 -15.62 -23.86 -10.66
N GLN C 62 -15.03 -24.32 -9.56
CA GLN C 62 -13.89 -23.61 -8.99
C GLN C 62 -12.78 -23.43 -10.00
N LYS C 63 -12.37 -24.52 -10.66
CA LYS C 63 -11.24 -24.50 -11.57
C LYS C 63 -11.56 -23.71 -12.85
N PRO C 64 -12.73 -23.91 -13.49
CA PRO C 64 -13.02 -23.06 -14.66
C PRO C 64 -13.13 -21.59 -14.30
N LEU C 65 -13.74 -21.29 -13.16
CA LEU C 65 -13.91 -19.90 -12.75
C LEU C 65 -12.56 -19.25 -12.48
N ARG C 66 -11.65 -20.00 -11.84
CA ARG C 66 -10.32 -19.47 -11.54
C ARG C 66 -9.52 -19.20 -12.81
N ALA C 67 -9.77 -19.97 -13.88
CA ALA C 67 -9.01 -19.77 -15.11
C ALA C 67 -9.42 -18.51 -15.86
N LEU C 68 -10.55 -17.89 -15.52
CA LEU C 68 -10.96 -16.67 -16.19
C LEU C 68 -9.96 -15.54 -15.93
N PRO C 69 -9.44 -14.87 -16.95
CA PRO C 69 -8.61 -13.70 -16.72
C PRO C 69 -9.43 -12.58 -16.08
N ALA C 70 -8.72 -11.63 -15.46
CA ALA C 70 -9.39 -10.56 -14.72
C ALA C 70 -10.31 -9.74 -15.64
N PHE C 71 -9.89 -9.46 -16.88
CA PHE C 71 -10.72 -8.62 -17.74
C PHE C 71 -12.05 -9.31 -18.09
N ARG C 72 -12.07 -10.64 -18.16
CA ARG C 72 -13.33 -11.36 -18.39
C ARG C 72 -14.28 -11.21 -17.20
N ARG C 73 -13.76 -11.31 -15.97
CA ARG C 73 -14.58 -11.06 -14.79
C ARG C 73 -15.14 -9.64 -14.80
N GLN C 74 -14.29 -8.66 -15.14
CA GLN C 74 -14.73 -7.27 -15.28
C GLN C 74 -15.84 -7.14 -16.32
N ALA C 75 -15.67 -7.79 -17.48
CA ALA C 75 -16.69 -7.73 -18.52
C ALA C 75 -18.01 -8.27 -18.01
N ILE C 76 -17.97 -9.36 -17.24
CA ILE C 76 -19.17 -9.94 -16.65
C ILE C 76 -19.85 -8.94 -15.72
N LEU C 77 -19.06 -8.31 -14.84
CA LEU C 77 -19.62 -7.31 -13.94
C LEU C 77 -20.18 -6.11 -14.71
N GLU C 78 -19.49 -5.69 -15.77
CA GLU C 78 -19.97 -4.55 -16.54
C GLU C 78 -21.26 -4.87 -17.30
N HIS C 79 -21.43 -6.11 -17.75
CA HIS C 79 -22.72 -6.53 -18.31
C HIS C 79 -23.84 -6.36 -17.29
N CYS C 80 -23.60 -6.78 -16.04
CA CYS C 80 -24.59 -6.59 -14.98
C CYS C 80 -24.94 -5.11 -14.82
N VAL C 81 -23.92 -4.25 -14.77
CA VAL C 81 -24.16 -2.81 -14.62
C VAL C 81 -25.04 -2.28 -15.73
N ALA C 82 -24.71 -2.60 -16.98
CA ALA C 82 -25.48 -2.09 -18.10
C ALA C 82 -26.92 -2.57 -18.05
N ARG C 83 -27.14 -3.84 -17.68
CA ARG C 83 -28.49 -4.37 -17.68
C ARG C 83 -29.30 -3.84 -16.50
N PHE C 84 -28.66 -3.64 -15.34
CA PHE C 84 -29.36 -3.00 -14.22
C PHE C 84 -29.78 -1.59 -14.59
N ARG C 85 -28.96 -0.90 -15.38
CA ARG C 85 -29.34 0.42 -15.85
C ARG C 85 -30.57 0.36 -16.76
N GLU C 86 -30.55 -0.53 -17.76
CA GLU C 86 -31.69 -0.66 -18.67
C GLU C 86 -32.96 -1.05 -17.92
N ARG C 87 -32.84 -1.94 -16.93
CA ARG C 87 -33.98 -2.44 -16.18
C ARG C 87 -34.22 -1.69 -14.89
N PHE C 88 -33.81 -0.41 -14.85
CA PHE C 88 -33.80 0.37 -13.61
C PHE C 88 -35.18 0.44 -12.97
N ASP C 89 -36.19 0.85 -13.75
CA ASP C 89 -37.50 1.08 -13.16
C ASP C 89 -38.21 -0.22 -12.83
N GLU C 90 -38.01 -1.26 -13.64
CA GLU C 90 -38.49 -2.59 -13.27
C GLU C 90 -37.92 -3.04 -11.93
N LEU C 91 -36.62 -2.85 -11.72
CA LEU C 91 -36.05 -3.25 -10.44
C LEU C 91 -36.65 -2.45 -9.29
N ALA C 92 -36.79 -1.13 -9.47
CA ALA C 92 -37.32 -0.29 -8.40
C ALA C 92 -38.78 -0.63 -8.09
N GLN C 93 -39.59 -0.88 -9.13
CA GLN C 93 -40.99 -1.22 -8.88
C GLN C 93 -41.12 -2.56 -8.15
N ALA C 94 -40.31 -3.55 -8.52
CA ALA C 94 -40.34 -4.83 -7.84
C ALA C 94 -39.92 -4.68 -6.38
N LEU C 95 -38.93 -3.82 -6.13
CA LEU C 95 -38.50 -3.55 -4.77
C LEU C 95 -39.60 -2.87 -3.97
N CYS C 96 -40.29 -1.93 -4.61
CA CYS C 96 -41.42 -1.25 -3.97
C CYS C 96 -42.49 -2.24 -3.54
N ILE C 97 -42.80 -3.22 -4.39
CA ILE C 97 -43.86 -4.18 -4.07
C ILE C 97 -43.40 -5.17 -3.00
N GLU C 98 -42.25 -5.84 -3.22
CA GLU C 98 -41.90 -6.96 -2.35
C GLU C 98 -41.38 -6.49 -1.00
N ALA C 99 -40.78 -5.30 -0.92
CA ALA C 99 -40.29 -4.79 0.34
C ALA C 99 -41.20 -3.73 0.95
N GLY C 100 -42.24 -3.30 0.24
CA GLY C 100 -43.01 -2.16 0.72
C GLY C 100 -42.23 -0.87 0.74
N LYS C 101 -41.15 -0.80 -0.01
CA LYS C 101 -40.21 0.31 0.13
C LYS C 101 -40.68 1.50 -0.71
N PRO C 102 -40.78 2.70 -0.13
CA PRO C 102 -41.24 3.86 -0.90
C PRO C 102 -40.45 4.03 -2.20
N ILE C 103 -41.17 4.34 -3.28
CA ILE C 103 -40.61 4.22 -4.62
C ILE C 103 -39.34 5.03 -4.78
N ASN C 104 -39.24 6.19 -4.10
CA ASN C 104 -38.02 6.99 -4.20
C ASN C 104 -36.85 6.34 -3.47
N ASP C 105 -37.12 5.67 -2.35
CA ASP C 105 -36.08 4.89 -1.68
C ASP C 105 -35.70 3.67 -2.50
N SER C 106 -36.69 3.07 -3.17
CA SER C 106 -36.43 1.93 -4.03
C SER C 106 -35.49 2.32 -5.17
N LYS C 107 -35.70 3.49 -5.77
CA LYS C 107 -34.78 3.99 -6.79
C LYS C 107 -33.41 4.29 -6.19
N GLY C 108 -33.40 4.81 -4.96
CA GLY C 108 -32.14 4.95 -4.25
C GLY C 108 -31.38 3.64 -4.19
N GLU C 109 -32.09 2.54 -3.91
CA GLU C 109 -31.39 1.27 -3.74
C GLU C 109 -30.87 0.74 -5.07
N VAL C 110 -31.64 0.90 -6.15
CA VAL C 110 -31.18 0.43 -7.45
C VAL C 110 -29.94 1.22 -7.89
N THR C 111 -29.92 2.53 -7.62
CA THR C 111 -28.71 3.31 -7.83
C THR C 111 -27.52 2.73 -7.08
N ARG C 112 -27.73 2.33 -5.83
CA ARG C 112 -26.63 1.75 -5.06
C ARG C 112 -26.21 0.40 -5.61
N LEU C 113 -27.19 -0.44 -5.99
CA LEU C 113 -26.89 -1.71 -6.64
C LEU C 113 -25.93 -1.52 -7.80
N ILE C 114 -26.18 -0.50 -8.62
CA ILE C 114 -25.34 -0.20 -9.77
C ILE C 114 -23.96 0.28 -9.31
N ASP C 115 -23.93 1.17 -8.33
CA ASP C 115 -22.66 1.61 -7.73
C ASP C 115 -21.83 0.42 -7.25
N THR C 116 -22.46 -0.50 -6.53
CA THR C 116 -21.74 -1.63 -5.93
C THR C 116 -21.12 -2.52 -7.01
N PHE C 117 -21.89 -2.82 -8.07
CA PHE C 117 -21.34 -3.60 -9.18
C PHE C 117 -20.26 -2.85 -9.93
N ARG C 118 -20.41 -1.52 -10.05
CA ARG C 118 -19.42 -0.70 -10.73
C ARG C 118 -18.09 -0.70 -9.98
N VAL C 119 -18.15 -0.55 -8.65
CA VAL C 119 -16.92 -0.65 -7.87
C VAL C 119 -16.30 -2.03 -8.04
N ALA C 120 -17.14 -3.08 -8.06
CA ALA C 120 -16.58 -4.41 -8.21
C ALA C 120 -15.95 -4.59 -9.59
N ALA C 121 -16.57 -4.02 -10.64
CA ALA C 121 -15.96 -4.10 -11.96
C ALA C 121 -14.57 -3.46 -11.98
N GLU C 122 -14.42 -2.31 -11.31
CA GLU C 122 -13.11 -1.66 -11.20
C GLU C 122 -12.14 -2.49 -10.36
N GLU C 123 -12.62 -3.06 -9.24
CA GLU C 123 -11.72 -3.80 -8.37
C GLU C 123 -11.33 -5.16 -8.95
N SER C 124 -12.08 -5.68 -9.92
CA SER C 124 -11.78 -7.02 -10.43
C SER C 124 -10.43 -7.07 -11.15
N VAL C 125 -9.96 -5.96 -11.71
CA VAL C 125 -8.66 -5.92 -12.36
C VAL C 125 -7.59 -5.34 -11.45
N ARG C 126 -7.86 -5.24 -10.14
CA ARG C 126 -6.97 -4.57 -9.21
C ARG C 126 -6.65 -5.38 -7.96
N ILE C 127 -6.86 -6.69 -7.99
CA ILE C 127 -6.76 -7.44 -6.74
C ILE C 127 -5.31 -7.46 -6.25
N GLU C 128 -5.13 -7.14 -4.96
CA GLU C 128 -3.80 -6.85 -4.42
C GLU C 128 -2.94 -8.11 -4.35
N GLY C 129 -1.76 -8.06 -4.97
CA GLY C 129 -0.66 -8.92 -4.63
C GLY C 129 0.43 -8.13 -3.97
N GLY C 130 1.57 -8.78 -3.74
CA GLY C 130 2.64 -8.08 -3.06
C GLY C 130 3.98 -8.78 -3.15
N LEU C 131 5.02 -8.01 -2.91
CA LEU C 131 6.38 -8.47 -2.68
C LEU C 131 6.73 -8.23 -1.21
N VAL C 132 7.46 -9.17 -0.61
CA VAL C 132 7.95 -8.96 0.75
C VAL C 132 9.45 -9.20 0.76
N ASN C 133 10.19 -8.32 1.43
CA ASN C 133 11.61 -8.55 1.60
C ASN C 133 11.82 -9.56 2.72
N LEU C 134 12.40 -10.70 2.39
CA LEU C 134 12.64 -11.76 3.36
C LEU C 134 14.04 -11.73 3.96
N GLU C 135 14.95 -10.91 3.42
CA GLU C 135 16.34 -10.91 3.83
C GLU C 135 16.50 -10.06 5.10
N ILE C 136 15.92 -10.57 6.20
CA ILE C 136 15.93 -9.83 7.45
C ILE C 136 16.97 -10.34 8.42
N SER C 137 17.68 -11.41 8.07
CA SER C 137 18.68 -12.03 8.93
C SER C 137 19.57 -12.90 8.06
N PRO C 138 20.79 -13.23 8.52
CA PRO C 138 21.71 -14.01 7.66
C PRO C 138 21.12 -15.34 7.20
N ARG C 139 20.34 -16.00 8.05
CA ARG C 139 19.70 -17.25 7.68
C ARG C 139 18.86 -17.12 6.41
N ALA C 140 18.30 -15.94 6.19
CA ALA C 140 17.37 -15.73 5.08
C ALA C 140 18.01 -15.03 3.88
N GLN C 141 19.34 -14.94 3.83
CA GLN C 141 19.98 -14.33 2.67
C GLN C 141 19.65 -15.11 1.41
N GLY C 142 19.23 -14.39 0.37
CA GLY C 142 18.94 -15.03 -0.91
C GLY C 142 17.50 -15.44 -1.10
N TYR C 143 16.65 -15.25 -0.11
CA TYR C 143 15.23 -15.56 -0.22
C TYR C 143 14.45 -14.29 -0.53
N SER C 144 13.43 -14.42 -1.35
CA SER C 144 12.52 -13.32 -1.67
C SER C 144 11.10 -13.85 -1.65
N GLY C 145 10.15 -12.96 -1.37
CA GLY C 145 8.76 -13.35 -1.17
C GLY C 145 7.81 -12.66 -2.12
N TYR C 146 6.81 -13.41 -2.58
CA TYR C 146 5.77 -12.93 -3.49
C TYR C 146 4.47 -13.53 -3.01
N TYR C 147 3.41 -12.73 -2.95
CA TYR C 147 2.11 -13.27 -2.63
C TYR C 147 1.05 -12.72 -3.57
N LYS C 148 0.08 -13.57 -3.87
CA LYS C 148 -1.12 -13.18 -4.60
C LYS C 148 -2.33 -13.76 -3.90
N ARG C 149 -3.50 -13.22 -4.21
CA ARG C 149 -4.75 -13.65 -3.61
C ARG C 149 -5.43 -14.65 -4.54
N VAL C 150 -5.82 -15.80 -3.99
CA VAL C 150 -6.54 -16.82 -4.74
C VAL C 150 -7.93 -16.96 -4.15
N PRO C 151 -8.94 -17.41 -4.91
CA PRO C 151 -10.27 -17.60 -4.33
C PRO C 151 -10.25 -18.50 -3.09
N ILE C 152 -11.06 -18.16 -2.10
CA ILE C 152 -11.17 -19.00 -0.92
C ILE C 152 -11.83 -20.33 -1.24
N GLY C 153 -12.69 -20.36 -2.27
CA GLY C 153 -13.48 -21.54 -2.60
C GLY C 153 -14.94 -21.18 -2.70
N PRO C 154 -15.82 -22.19 -2.72
CA PRO C 154 -17.27 -21.93 -2.80
C PRO C 154 -17.77 -21.17 -1.58
N CYS C 155 -18.59 -20.15 -1.83
CA CYS C 155 -19.11 -19.26 -0.80
C CYS C 155 -20.61 -19.45 -0.62
N SER C 156 -21.05 -19.44 0.63
CA SER C 156 -22.47 -19.48 0.98
C SER C 156 -22.88 -18.07 1.40
N PHE C 157 -23.88 -17.50 0.73
CA PHE C 157 -24.34 -16.14 0.95
C PHE C 157 -25.79 -16.15 1.43
N ILE C 158 -26.08 -15.43 2.51
CA ILE C 158 -27.43 -15.27 3.04
C ILE C 158 -27.70 -13.78 3.23
N SER C 159 -28.76 -13.26 2.60
CA SER C 159 -29.09 -11.84 2.60
C SER C 159 -30.46 -11.58 3.24
N PRO C 160 -30.69 -10.34 3.73
CA PRO C 160 -31.94 -10.05 4.45
C PRO C 160 -33.01 -9.39 3.59
N PHE C 161 -34.13 -9.01 4.21
CA PHE C 161 -35.26 -8.46 3.46
C PHE C 161 -35.09 -7.00 3.10
N ASN C 162 -34.35 -6.20 3.90
CA ASN C 162 -34.56 -4.75 3.84
C ASN C 162 -33.83 -4.06 2.69
N PHE C 163 -32.65 -4.54 2.29
CA PHE C 163 -32.01 -4.12 1.04
C PHE C 163 -31.80 -5.34 0.17
N PRO C 164 -32.87 -5.91 -0.39
CA PRO C 164 -32.73 -7.20 -1.08
C PRO C 164 -31.92 -7.12 -2.36
N LEU C 165 -31.69 -5.93 -2.93
CA LEU C 165 -30.75 -5.83 -4.05
C LEU C 165 -29.34 -5.55 -3.55
N ASN C 166 -29.14 -4.46 -2.81
CA ASN C 166 -27.78 -3.98 -2.58
C ASN C 166 -27.04 -4.83 -1.57
N LEU C 167 -27.72 -5.41 -0.58
CA LEU C 167 -26.99 -6.23 0.36
C LEU C 167 -26.65 -7.60 -0.21
N ALA C 168 -27.48 -8.11 -1.15
CA ALA C 168 -27.03 -9.25 -1.95
C ALA C 168 -25.86 -8.85 -2.86
N ALA C 169 -25.94 -7.67 -3.47
CA ALA C 169 -24.87 -7.20 -4.35
C ALA C 169 -23.52 -7.19 -3.64
N HIS C 170 -23.52 -6.85 -2.35
CA HIS C 170 -22.26 -6.72 -1.61
C HIS C 170 -21.58 -8.06 -1.32
N LYS C 171 -22.24 -9.17 -1.62
CA LYS C 171 -21.56 -10.46 -1.61
C LYS C 171 -21.36 -11.00 -3.02
N VAL C 172 -22.38 -10.90 -3.86
CA VAL C 172 -22.32 -11.43 -5.22
C VAL C 172 -21.24 -10.74 -6.04
N ALA C 173 -21.18 -9.41 -5.98
CA ALA C 173 -20.27 -8.67 -6.85
C ALA C 173 -18.81 -8.96 -6.46
N PRO C 174 -18.45 -8.92 -5.17
CA PRO C 174 -17.07 -9.32 -4.83
C PRO C 174 -16.74 -10.74 -5.25
N ALA C 175 -17.68 -11.68 -5.06
CA ALA C 175 -17.41 -13.07 -5.44
C ALA C 175 -17.09 -13.18 -6.92
N LEU C 176 -17.84 -12.45 -7.78
CA LEU C 176 -17.52 -12.41 -9.20
C LEU C 176 -16.14 -11.81 -9.45
N ALA C 177 -15.81 -10.72 -8.75
CA ALA C 177 -14.49 -10.10 -8.94
C ALA C 177 -13.37 -11.02 -8.48
N ALA C 178 -13.60 -11.75 -7.38
CA ALA C 178 -12.59 -12.61 -6.78
C ALA C 178 -12.52 -14.00 -7.40
N GLY C 179 -13.53 -14.39 -8.18
CA GLY C 179 -13.50 -15.70 -8.81
C GLY C 179 -13.96 -16.83 -7.94
N CYS C 180 -14.87 -16.56 -6.96
CA CYS C 180 -15.46 -17.60 -6.11
C CYS C 180 -16.82 -18.00 -6.64
N PRO C 181 -17.08 -19.29 -6.83
CA PRO C 181 -18.46 -19.72 -7.06
C PRO C 181 -19.25 -19.53 -5.77
N PHE C 182 -20.55 -19.29 -5.91
CA PHE C 182 -21.35 -19.01 -4.73
C PHE C 182 -22.75 -19.56 -4.90
N VAL C 183 -23.40 -19.76 -3.76
CA VAL C 183 -24.81 -20.10 -3.67
C VAL C 183 -25.45 -19.09 -2.73
N LEU C 184 -26.44 -18.34 -3.23
CA LEU C 184 -27.08 -17.28 -2.48
C LEU C 184 -28.49 -17.68 -2.09
N LYS C 185 -28.81 -17.56 -0.80
CA LYS C 185 -30.17 -17.69 -0.31
C LYS C 185 -30.71 -16.32 0.04
N PRO C 186 -31.56 -15.72 -0.80
CA PRO C 186 -32.19 -14.44 -0.45
C PRO C 186 -33.25 -14.62 0.62
N ALA C 187 -33.71 -13.49 1.16
CA ALA C 187 -34.84 -13.50 2.09
C ALA C 187 -36.11 -13.99 1.40
N SER C 188 -36.84 -14.90 2.06
CA SER C 188 -38.04 -15.47 1.47
C SER C 188 -39.14 -14.43 1.29
N ARG C 189 -39.16 -13.39 2.12
CA ARG C 189 -40.13 -12.32 1.95
C ARG C 189 -39.81 -11.43 0.76
N THR C 190 -38.56 -11.37 0.31
CA THR C 190 -38.15 -10.44 -0.76
C THR C 190 -37.15 -11.10 -1.70
N PRO C 191 -37.55 -12.16 -2.41
CA PRO C 191 -36.61 -12.88 -3.27
C PRO C 191 -36.51 -12.37 -4.70
N ILE C 192 -37.40 -11.46 -5.12
CA ILE C 192 -37.50 -11.11 -6.53
CA ILE C 192 -37.50 -11.11 -6.53
C ILE C 192 -36.23 -10.43 -7.03
N GLY C 193 -35.74 -9.45 -6.29
CA GLY C 193 -34.55 -8.74 -6.73
C GLY C 193 -33.35 -9.65 -6.94
N ALA C 194 -33.15 -10.60 -6.02
CA ALA C 194 -32.10 -11.59 -6.20
C ALA C 194 -32.33 -12.41 -7.47
N LEU C 195 -33.59 -12.74 -7.77
CA LEU C 195 -33.85 -13.55 -8.95
C LEU C 195 -33.74 -12.74 -10.24
N ILE C 196 -33.89 -11.42 -10.18
CA ILE C 196 -33.60 -10.59 -11.35
C ILE C 196 -32.09 -10.46 -11.55
N ILE C 197 -31.33 -10.33 -10.47
CA ILE C 197 -29.88 -10.46 -10.56
C ILE C 197 -29.52 -11.81 -11.19
N GLY C 198 -30.18 -12.88 -10.75
CA GLY C 198 -29.93 -14.19 -11.34
C GLY C 198 -30.16 -14.21 -12.85
N GLU C 199 -31.27 -13.63 -13.30
CA GLU C 199 -31.55 -13.63 -14.73
C GLU C 199 -30.45 -12.92 -15.51
N VAL C 200 -29.94 -11.81 -14.97
CA VAL C 200 -28.89 -11.04 -15.65
C VAL C 200 -27.59 -11.84 -15.66
N LEU C 201 -27.23 -12.44 -14.53
CA LEU C 201 -26.02 -13.24 -14.48
C LEU C 201 -26.08 -14.43 -15.42
N ALA C 202 -27.27 -15.00 -15.60
CA ALA C 202 -27.44 -16.14 -16.49
C ALA C 202 -27.12 -15.80 -17.95
N GLU C 203 -27.14 -14.51 -18.31
CA GLU C 203 -26.83 -14.09 -19.67
C GLU C 203 -25.33 -14.03 -19.94
N THR C 204 -24.50 -14.09 -18.91
CA THR C 204 -23.06 -13.97 -19.08
C THR C 204 -22.43 -15.33 -19.36
N ASP C 205 -21.18 -15.29 -19.84
CA ASP C 205 -20.42 -16.52 -20.11
C ASP C 205 -19.70 -17.06 -18.86
N LEU C 206 -20.25 -16.83 -17.67
CA LEU C 206 -19.74 -17.48 -16.47
C LEU C 206 -19.80 -19.00 -16.62
N PRO C 207 -18.82 -19.74 -16.10
CA PRO C 207 -18.88 -21.21 -16.16
C PRO C 207 -20.09 -21.74 -15.41
N LYS C 208 -20.70 -22.80 -15.94
CA LYS C 208 -21.85 -23.40 -15.28
C LYS C 208 -21.48 -23.91 -13.90
N GLY C 209 -22.29 -23.55 -12.90
CA GLY C 209 -21.99 -23.83 -11.51
C GLY C 209 -21.41 -22.65 -10.76
N ALA C 210 -21.05 -21.57 -11.46
CA ALA C 210 -20.43 -20.41 -10.82
C ALA C 210 -21.42 -19.71 -9.87
N PHE C 211 -22.71 -19.85 -10.11
CA PHE C 211 -23.69 -19.23 -9.22
C PHE C 211 -24.96 -20.04 -9.21
N SER C 212 -25.58 -20.09 -8.04
CA SER C 212 -26.96 -20.52 -7.89
C SER C 212 -27.61 -19.53 -6.95
N ILE C 213 -28.88 -19.20 -7.22
CA ILE C 213 -29.67 -18.36 -6.34
C ILE C 213 -30.94 -19.14 -6.01
N LEU C 214 -31.08 -19.53 -4.76
CA LEU C 214 -32.07 -20.52 -4.34
C LEU C 214 -32.89 -20.00 -3.18
N PRO C 215 -34.13 -19.57 -3.41
CA PRO C 215 -35.04 -19.28 -2.30
C PRO C 215 -35.24 -20.51 -1.43
N ALA C 216 -35.24 -20.30 -0.12
CA ALA C 216 -35.45 -21.38 0.84
C ALA C 216 -35.77 -20.74 2.18
N HIS C 217 -36.72 -21.32 2.90
CA HIS C 217 -37.02 -20.81 4.22
C HIS C 217 -35.89 -21.15 5.19
N ARG C 218 -35.74 -20.32 6.22
CA ARG C 218 -34.73 -20.58 7.24
C ARG C 218 -34.80 -22.02 7.77
N ASP C 219 -36.01 -22.59 7.84
CA ASP C 219 -36.16 -23.94 8.36
C ASP C 219 -35.62 -25.01 7.41
N GLY C 220 -35.42 -24.68 6.14
CA GLY C 220 -34.84 -25.63 5.19
C GLY C 220 -33.46 -25.23 4.70
N ALA C 221 -32.81 -24.31 5.43
CA ALA C 221 -31.59 -23.67 4.97
C ALA C 221 -30.34 -24.18 5.69
N ASP C 222 -30.45 -25.30 6.41
CA ASP C 222 -29.33 -25.80 7.22
C ASP C 222 -28.05 -25.95 6.40
N LEU C 223 -28.16 -26.42 5.15
CA LEU C 223 -26.97 -26.71 4.36
C LEU C 223 -26.14 -25.45 4.10
N PHE C 224 -26.79 -24.28 4.00
CA PHE C 224 -26.04 -23.04 3.78
C PHE C 224 -25.05 -22.77 4.91
N THR C 225 -25.31 -23.27 6.11
CA THR C 225 -24.39 -23.08 7.21
C THR C 225 -23.43 -24.25 7.41
N THR C 226 -23.92 -25.49 7.26
CA THR C 226 -23.16 -26.63 7.75
C THR C 226 -22.38 -27.37 6.67
N ASP C 227 -22.71 -27.21 5.39
CA ASP C 227 -22.03 -28.05 4.40
C ASP C 227 -20.54 -27.70 4.34
N GLU C 228 -19.70 -28.74 4.43
CA GLU C 228 -18.26 -28.57 4.51
C GLU C 228 -17.63 -28.19 3.17
N ARG C 229 -18.38 -28.25 2.08
CA ARG C 229 -17.83 -27.84 0.79
C ARG C 229 -17.80 -26.32 0.62
N PHE C 230 -18.59 -25.58 1.41
CA PHE C 230 -18.42 -24.13 1.46
C PHE C 230 -17.18 -23.77 2.25
N LYS C 231 -16.41 -22.81 1.73
CA LYS C 231 -15.23 -22.34 2.42
C LYS C 231 -15.47 -21.03 3.14
N LEU C 232 -16.60 -20.38 2.87
CA LEU C 232 -16.96 -19.12 3.49
C LEU C 232 -18.47 -19.07 3.65
N LEU C 233 -18.92 -18.68 4.84
CA LEU C 233 -20.31 -18.30 5.07
C LEU C 233 -20.32 -16.79 5.29
N SER C 234 -21.08 -16.08 4.48
CA SER C 234 -21.22 -14.63 4.65
C SER C 234 -22.70 -14.33 4.83
N PHE C 235 -23.06 -13.84 6.01
CA PHE C 235 -24.44 -13.66 6.43
C PHE C 235 -24.69 -12.19 6.74
N THR C 236 -25.78 -11.64 6.20
CA THR C 236 -26.26 -10.32 6.58
C THR C 236 -27.69 -10.46 7.10
N GLY C 237 -27.95 -9.96 8.31
CA GLY C 237 -29.25 -10.16 8.94
C GLY C 237 -29.20 -9.84 10.44
N SER C 238 -30.13 -10.46 11.19
CA SER C 238 -30.27 -10.06 12.58
C SER C 238 -29.14 -10.63 13.44
N PRO C 239 -28.74 -9.90 14.49
CA PRO C 239 -27.69 -10.41 15.41
C PRO C 239 -27.99 -11.78 15.99
N THR C 240 -29.25 -12.02 16.37
CA THR C 240 -29.57 -13.30 17.01
C THR C 240 -29.34 -14.46 16.05
N VAL C 241 -29.73 -14.30 14.79
CA VAL C 241 -29.51 -15.38 13.83
C VAL C 241 -28.02 -15.52 13.53
N GLY C 242 -27.34 -14.39 13.27
CA GLY C 242 -25.95 -14.47 12.81
C GLY C 242 -25.03 -15.17 13.79
N TRP C 243 -25.11 -14.80 15.07
CA TRP C 243 -24.23 -15.43 16.05
C TRP C 243 -24.55 -16.91 16.23
N GLU C 244 -25.83 -17.28 16.09
CA GLU C 244 -26.20 -18.70 16.12
C GLU C 244 -25.60 -19.46 14.92
N LEU C 245 -25.66 -18.87 13.73
CA LEU C 245 -25.07 -19.55 12.57
C LEU C 245 -23.56 -19.74 12.72
N LYS C 246 -22.87 -18.76 13.30
CA LYS C 246 -21.43 -18.92 13.54
C LYS C 246 -21.14 -20.19 14.34
N LYS C 247 -21.99 -20.50 15.32
CA LYS C 247 -21.79 -21.68 16.16
C LYS C 247 -21.85 -22.99 15.37
N LYS C 248 -22.61 -23.01 14.29
CA LYS C 248 -22.85 -24.24 13.55
C LYS C 248 -22.10 -24.29 12.22
N ALA C 249 -21.25 -23.31 11.93
CA ALA C 249 -20.62 -23.21 10.61
C ALA C 249 -19.56 -24.28 10.37
N GLY C 250 -19.00 -24.89 11.41
CA GLY C 250 -17.91 -25.83 11.19
C GLY C 250 -16.59 -25.10 10.88
N LYS C 251 -15.86 -25.62 9.89
CA LYS C 251 -14.51 -25.14 9.62
C LYS C 251 -14.46 -23.84 8.82
N LYS C 252 -15.52 -23.54 8.07
CA LYS C 252 -15.48 -22.43 7.13
C LYS C 252 -15.27 -21.09 7.84
N LYS C 253 -14.68 -20.15 7.11
CA LYS C 253 -14.65 -18.77 7.57
C LYS C 253 -16.07 -18.20 7.61
N VAL C 254 -16.31 -17.30 8.57
CA VAL C 254 -17.62 -16.70 8.81
C VAL C 254 -17.48 -15.18 8.80
N VAL C 255 -18.31 -14.52 8.01
CA VAL C 255 -18.42 -13.07 7.99
C VAL C 255 -19.84 -12.72 8.38
N LEU C 256 -20.01 -11.78 9.31
CA LEU C 256 -21.32 -11.41 9.82
C LEU C 256 -21.54 -9.91 9.68
N GLU C 257 -22.64 -9.52 9.03
CA GLU C 257 -23.10 -8.14 8.95
C GLU C 257 -24.45 -8.08 9.64
N LEU C 258 -24.49 -7.46 10.81
CA LEU C 258 -25.68 -7.56 11.64
C LEU C 258 -26.28 -6.19 11.87
N GLY C 259 -26.90 -5.94 13.01
CA GLY C 259 -27.52 -4.67 13.23
C GLY C 259 -27.12 -3.98 14.52
N GLY C 260 -27.89 -2.97 14.92
CA GLY C 260 -27.62 -2.29 16.17
C GLY C 260 -28.68 -1.24 16.44
N ASN C 261 -28.41 -0.41 17.44
CA ASN C 261 -29.32 0.68 17.84
C ASN C 261 -28.56 2.01 17.71
N ALA C 262 -28.30 2.41 16.46
CA ALA C 262 -27.32 3.46 16.19
C ALA C 262 -27.75 4.80 16.78
N ALA C 263 -26.75 5.57 17.22
CA ALA C 263 -26.95 6.85 17.89
C ALA C 263 -26.34 7.97 17.07
N ALA C 264 -26.91 9.16 17.22
CA ALA C 264 -26.33 10.38 16.65
C ALA C 264 -26.23 11.43 17.75
N ILE C 265 -25.02 11.93 17.97
CA ILE C 265 -24.77 13.03 18.91
C ILE C 265 -24.93 14.35 18.17
N VAL C 266 -25.65 15.30 18.78
CA VAL C 266 -25.75 16.67 18.29
C VAL C 266 -25.06 17.55 19.31
N ASP C 267 -23.93 18.15 18.92
CA ASP C 267 -23.04 18.85 19.84
C ASP C 267 -23.54 20.26 20.15
N ALA C 268 -22.89 20.88 21.15
CA ALA C 268 -23.33 22.18 21.67
C ALA C 268 -23.22 23.30 20.63
N ASP C 269 -22.39 23.14 19.60
CA ASP C 269 -22.07 24.22 18.68
C ASP C 269 -22.94 24.23 17.43
N GLN C 270 -24.06 23.51 17.44
CA GLN C 270 -24.81 23.23 16.22
C GLN C 270 -26.05 24.12 16.01
N ARG C 271 -26.22 25.19 16.81
CA ARG C 271 -27.45 25.98 16.73
C ARG C 271 -27.72 26.49 15.32
N GLU C 272 -26.69 27.02 14.65
CA GLU C 272 -26.91 27.68 13.37
C GLU C 272 -27.23 26.71 12.23
N VAL C 273 -27.09 25.40 12.43
CA VAL C 273 -27.29 24.46 11.34
C VAL C 273 -28.31 23.40 11.74
N LEU C 274 -29.21 23.75 12.67
CA LEU C 274 -30.15 22.75 13.18
C LEU C 274 -31.12 22.27 12.09
N ASP C 275 -31.46 23.13 11.12
CA ASP C 275 -32.35 22.66 10.05
C ASP C 275 -31.69 21.56 9.25
N TYR C 276 -30.39 21.70 8.96
CA TYR C 276 -29.64 20.63 8.32
C TYR C 276 -29.60 19.38 9.20
N VAL C 277 -29.27 19.53 10.48
CA VAL C 277 -29.18 18.36 11.37
C VAL C 277 -30.51 17.64 11.42
N VAL C 278 -31.60 18.39 11.62
CA VAL C 278 -32.93 17.80 11.73
C VAL C 278 -33.28 17.01 10.47
N GLU C 279 -32.98 17.59 9.30
CA GLU C 279 -33.28 16.89 8.05
C GLU C 279 -32.56 15.56 7.97
N ARG C 280 -31.27 15.53 8.33
CA ARG C 280 -30.52 14.27 8.28
C ARG C 280 -31.00 13.29 9.36
N LEU C 281 -31.34 13.82 10.55
CA LEU C 281 -31.87 12.96 11.61
C LEU C 281 -33.15 12.27 11.17
N ALA C 282 -34.05 13.03 10.51
CA ALA C 282 -35.30 12.45 10.05
C ALA C 282 -35.07 11.41 8.97
N PHE C 283 -34.18 11.70 8.01
CA PHE C 283 -33.81 10.69 7.03
C PHE C 283 -33.27 9.43 7.72
N GLY C 284 -32.29 9.59 8.60
CA GLY C 284 -31.68 8.42 9.22
C GLY C 284 -32.65 7.60 10.06
N ALA C 285 -33.53 8.28 10.81
CA ALA C 285 -34.46 7.56 11.68
C ALA C 285 -35.62 6.93 10.91
N TYR C 286 -36.09 7.56 9.84
CA TYR C 286 -37.38 7.18 9.26
C TYR C 286 -37.34 6.71 7.81
N TYR C 287 -36.21 6.83 7.11
CA TYR C 287 -36.11 6.32 5.74
CA TYR C 287 -36.24 6.34 5.74
C TYR C 287 -36.35 4.82 5.75
N GLN C 288 -37.04 4.32 4.72
CA GLN C 288 -37.64 2.97 4.63
C GLN C 288 -38.15 2.51 5.98
N SER C 289 -38.80 3.44 6.69
CA SER C 289 -39.56 3.18 7.91
C SER C 289 -38.66 2.61 9.00
N GLY C 290 -37.42 3.12 9.05
CA GLY C 290 -36.47 2.70 10.08
C GLY C 290 -35.86 1.35 9.89
N GLN C 291 -36.14 0.67 8.78
CA GLN C 291 -35.67 -0.70 8.55
C GLN C 291 -34.31 -0.68 7.87
N SER C 292 -33.34 -0.14 8.61
CA SER C 292 -31.95 -0.07 8.20
C SER C 292 -31.09 -0.51 9.36
N CYS C 293 -30.05 -1.30 9.06
CA CYS C 293 -29.13 -1.74 10.09
C CYS C 293 -28.38 -0.58 10.72
N ILE C 294 -28.36 0.59 10.06
CA ILE C 294 -27.75 1.78 10.62
C ILE C 294 -28.76 2.93 10.73
N GLY C 295 -30.06 2.60 10.81
CA GLY C 295 -31.05 3.64 11.03
C GLY C 295 -30.82 4.33 12.38
N VAL C 296 -31.12 5.63 12.42
CA VAL C 296 -30.98 6.40 13.65
C VAL C 296 -32.05 5.93 14.64
N GLN C 297 -31.61 5.41 15.78
CA GLN C 297 -32.54 5.04 16.84
C GLN C 297 -32.42 5.93 18.07
N ARG C 298 -31.23 6.44 18.36
CA ARG C 298 -31.00 7.23 19.56
C ARG C 298 -30.40 8.58 19.17
N ILE C 299 -30.99 9.64 19.70
CA ILE C 299 -30.53 10.99 19.41
C ILE C 299 -30.09 11.62 20.73
N ILE C 300 -28.82 11.99 20.81
CA ILE C 300 -28.20 12.44 22.04
C ILE C 300 -27.79 13.89 21.80
N ALA C 301 -28.57 14.83 22.34
CA ALA C 301 -28.51 16.22 21.96
C ALA C 301 -28.04 17.08 23.11
N HIS C 302 -27.11 18.00 22.83
CA HIS C 302 -26.58 18.85 23.89
C HIS C 302 -27.65 19.78 24.45
N ALA C 303 -27.55 20.04 25.75
CA ALA C 303 -28.49 20.92 26.44
C ALA C 303 -28.60 22.30 25.78
N ASP C 304 -27.52 22.80 25.19
CA ASP C 304 -27.55 24.14 24.60
C ASP C 304 -28.47 24.20 23.37
N VAL C 305 -28.57 23.12 22.62
CA VAL C 305 -29.40 23.09 21.40
C VAL C 305 -30.66 22.27 21.57
N TYR C 306 -30.87 21.64 22.74
CA TYR C 306 -31.91 20.64 22.88
C TYR C 306 -33.29 21.21 22.55
N ASP C 307 -33.61 22.38 23.11
CA ASP C 307 -34.97 22.90 22.98
C ASP C 307 -35.31 23.20 21.53
N ALA C 308 -34.42 23.90 20.83
CA ALA C 308 -34.68 24.22 19.43
C ALA C 308 -34.67 22.97 18.56
N LEU C 309 -33.77 22.02 18.86
CA LEU C 309 -33.75 20.76 18.13
C LEU C 309 -35.05 19.98 18.35
N ARG C 310 -35.50 19.92 19.60
CA ARG C 310 -36.71 19.16 19.90
C ARG C 310 -37.90 19.72 19.13
N GLU C 311 -38.07 21.04 19.18
CA GLU C 311 -39.16 21.70 18.46
C GLU C 311 -39.11 21.40 16.96
N LYS C 312 -37.92 21.53 16.36
CA LYS C 312 -37.78 21.32 14.91
C LYS C 312 -37.99 19.86 14.54
N LEU C 313 -37.49 18.95 15.38
CA LEU C 313 -37.61 17.52 15.08
C LEU C 313 -39.05 17.03 15.21
N ILE C 314 -39.80 17.55 16.19
CA ILE C 314 -41.23 17.20 16.28
C ILE C 314 -41.95 17.64 15.01
N ALA C 315 -41.69 18.87 14.57
CA ALA C 315 -42.33 19.40 13.36
C ALA C 315 -42.00 18.57 12.13
N LYS C 316 -40.70 18.30 11.91
CA LYS C 316 -40.28 17.52 10.76
C LYS C 316 -40.87 16.11 10.80
N THR C 317 -40.82 15.47 11.97
CA THR C 317 -41.36 14.12 12.11
C THR C 317 -42.84 14.07 11.77
N ARG C 318 -43.62 15.04 12.25
CA ARG C 318 -45.06 15.07 11.98
C ARG C 318 -45.36 15.33 10.51
N SER C 319 -44.42 15.94 9.77
CA SER C 319 -44.64 16.30 8.38
C SER C 319 -44.48 15.13 7.41
N LEU C 320 -43.90 14.00 7.84
CA LEU C 320 -43.54 12.92 6.93
C LEU C 320 -44.77 12.11 6.52
N LYS C 321 -45.06 12.07 5.22
CA LYS C 321 -46.26 11.39 4.76
C LYS C 321 -46.09 9.88 4.89
N MET C 322 -47.09 9.25 5.51
CA MET C 322 -47.16 7.80 5.61
C MET C 322 -48.22 7.29 4.63
N GLY C 323 -47.95 6.16 3.97
CA GLY C 323 -48.99 5.60 3.12
C GLY C 323 -48.44 4.67 2.06
N ASP C 324 -49.13 4.67 0.90
CA ASP C 324 -48.83 3.80 -0.24
C ASP C 324 -47.40 4.03 -0.72
N PRO C 325 -46.52 3.03 -0.61
CA PRO C 325 -45.13 3.22 -1.06
C PRO C 325 -45.01 3.45 -2.56
N LYS C 326 -46.02 3.08 -3.36
CA LYS C 326 -45.97 3.38 -4.79
C LYS C 326 -46.21 4.85 -5.07
N ASP C 327 -46.63 5.62 -4.08
CA ASP C 327 -46.85 7.04 -4.24
C ASP C 327 -45.54 7.78 -3.98
N PRO C 328 -45.03 8.56 -4.93
CA PRO C 328 -43.78 9.30 -4.70
C PRO C 328 -43.81 10.22 -3.49
N ALA C 329 -44.98 10.68 -3.06
CA ALA C 329 -45.07 11.54 -1.89
C ALA C 329 -44.94 10.78 -0.57
N THR C 330 -45.02 9.45 -0.60
CA THR C 330 -44.91 8.68 0.62
C THR C 330 -43.46 8.63 1.10
N PHE C 331 -43.23 9.03 2.34
CA PHE C 331 -41.93 8.83 2.97
C PHE C 331 -41.91 7.61 3.89
N VAL C 332 -43.02 7.33 4.57
CA VAL C 332 -43.10 6.22 5.52
C VAL C 332 -44.03 5.17 4.91
N GLY C 333 -43.45 4.09 4.39
CA GLY C 333 -44.22 2.97 3.92
C GLY C 333 -44.55 2.02 5.06
N PRO C 334 -45.15 0.87 4.73
CA PRO C 334 -45.42 -0.14 5.77
C PRO C 334 -44.15 -0.80 6.26
N MET C 335 -44.19 -1.27 7.51
CA MET C 335 -43.15 -2.18 7.98
C MET C 335 -43.32 -3.54 7.29
N ILE C 336 -42.29 -4.39 7.42
CA ILE C 336 -42.25 -5.62 6.65
C ILE C 336 -43.41 -6.56 6.99
N SER C 337 -43.93 -6.50 8.22
CA SER C 337 -45.09 -7.31 8.56
C SER C 337 -45.82 -6.67 9.74
N GLU C 338 -47.09 -7.05 9.91
CA GLU C 338 -47.84 -6.62 11.09
CA GLU C 338 -47.83 -6.61 11.09
C GLU C 338 -47.16 -7.13 12.36
N SER C 339 -46.61 -8.34 12.32
CA SER C 339 -45.99 -8.89 13.52
C SER C 339 -44.80 -8.05 13.95
N GLU C 340 -44.03 -7.52 13.00
CA GLU C 340 -42.89 -6.69 13.36
C GLU C 340 -43.33 -5.34 13.90
N ALA C 341 -44.40 -4.77 13.34
CA ALA C 341 -44.98 -3.56 13.90
C ALA C 341 -45.45 -3.80 15.33
N ARG C 342 -46.01 -4.98 15.60
CA ARG C 342 -46.52 -5.28 16.94
C ARG C 342 -45.37 -5.46 17.94
N ARG C 343 -44.28 -6.07 17.51
CA ARG C 343 -43.10 -6.16 18.38
C ARG C 343 -42.68 -4.77 18.83
N LEU C 344 -42.42 -3.89 17.85
CA LEU C 344 -41.96 -2.54 18.18
C LEU C 344 -43.02 -1.77 18.96
N ALA C 345 -44.30 -1.90 18.60
CA ALA C 345 -45.34 -1.22 19.36
C ALA C 345 -45.39 -1.70 20.81
N GLY C 346 -45.13 -2.99 21.04
CA GLY C 346 -45.05 -3.50 22.40
C GLY C 346 -43.90 -2.88 23.19
N TRP C 347 -42.72 -2.76 22.58
CA TRP C 347 -41.62 -2.07 23.26
C TRP C 347 -41.98 -0.62 23.54
N MET C 348 -42.63 0.03 22.58
CA MET C 348 -42.99 1.43 22.75
C MET C 348 -43.96 1.62 23.90
N GLU C 349 -44.97 0.74 23.97
CA GLU C 349 -45.97 0.86 25.04
C GLU C 349 -45.33 0.61 26.39
N ALA C 350 -44.41 -0.35 26.48
CA ALA C 350 -43.72 -0.58 27.75
C ALA C 350 -42.87 0.63 28.14
N ALA C 351 -42.18 1.24 27.18
CA ALA C 351 -41.41 2.43 27.47
C ALA C 351 -42.31 3.54 28.00
N VAL C 352 -43.50 3.70 27.40
CA VAL C 352 -44.42 4.74 27.82
C VAL C 352 -44.94 4.47 29.23
N ALA C 353 -45.38 3.24 29.49
CA ALA C 353 -45.87 2.89 30.82
C ALA C 353 -44.80 3.10 31.89
N ALA C 354 -43.53 3.01 31.51
CA ALA C 354 -42.44 3.24 32.44
C ALA C 354 -42.09 4.72 32.59
N GLY C 355 -42.79 5.61 31.91
CA GLY C 355 -42.57 7.04 32.05
C GLY C 355 -42.23 7.79 30.77
N ALA C 356 -41.95 7.13 29.65
CA ALA C 356 -41.62 7.86 28.42
C ALA C 356 -42.85 8.57 27.86
N LYS C 357 -42.59 9.58 27.03
CA LYS C 357 -43.64 10.35 26.37
C LYS C 357 -43.42 10.30 24.86
N ILE C 358 -44.49 9.98 24.13
CA ILE C 358 -44.48 10.13 22.67
C ILE C 358 -44.74 11.59 22.35
N VAL C 359 -43.78 12.24 21.69
CA VAL C 359 -43.90 13.66 21.39
C VAL C 359 -44.17 13.93 19.92
N ALA C 360 -44.09 12.93 19.06
CA ALA C 360 -44.54 13.04 17.68
C ALA C 360 -44.95 11.65 17.20
N GLY C 361 -46.05 11.59 16.45
CA GLY C 361 -46.45 10.33 15.84
C GLY C 361 -47.07 9.38 16.85
N GLY C 362 -46.74 8.10 16.72
CA GLY C 362 -47.12 7.11 17.71
C GLY C 362 -48.29 6.21 17.31
N LYS C 363 -48.98 6.49 16.20
CA LYS C 363 -50.09 5.64 15.81
C LYS C 363 -49.59 4.45 15.00
N VAL C 364 -50.20 3.29 15.25
CA VAL C 364 -49.86 2.04 14.57
C VAL C 364 -51.16 1.39 14.11
N ASP C 365 -51.24 1.05 12.82
CA ASP C 365 -52.41 0.38 12.27
C ASP C 365 -51.93 -0.71 11.30
N GLY C 366 -52.04 -1.98 11.71
CA GLY C 366 -51.49 -3.05 10.90
C GLY C 366 -49.97 -2.90 10.82
N ALA C 367 -49.42 -2.97 9.60
CA ALA C 367 -48.01 -2.71 9.39
C ALA C 367 -47.69 -1.23 9.24
N MET C 368 -48.69 -0.35 9.33
CA MET C 368 -48.49 1.08 9.11
C MET C 368 -48.13 1.73 10.43
N PHE C 369 -46.85 1.97 10.64
CA PHE C 369 -46.32 2.54 11.87
C PHE C 369 -45.87 3.96 11.56
N GLU C 370 -46.48 4.95 12.22
CA GLU C 370 -46.14 6.35 11.99
C GLU C 370 -44.70 6.64 12.37
N ALA C 371 -44.11 7.63 11.70
CA ALA C 371 -42.84 8.17 12.19
C ALA C 371 -43.05 8.74 13.59
N THR C 372 -42.26 8.27 14.56
CA THR C 372 -42.53 8.48 15.97
C THR C 372 -41.26 8.93 16.68
N LEU C 373 -41.40 9.94 17.54
CA LEU C 373 -40.31 10.45 18.35
C LEU C 373 -40.71 10.37 19.81
N LEU C 374 -39.82 9.88 20.67
CA LEU C 374 -40.11 9.78 22.09
C LEU C 374 -39.05 10.52 22.90
N GLU C 375 -39.47 10.99 24.07
CA GLU C 375 -38.61 11.50 25.13
C GLU C 375 -38.76 10.65 26.37
N GLY C 376 -37.72 10.67 27.21
CA GLY C 376 -37.81 10.05 28.52
C GLY C 376 -37.77 8.54 28.53
N VAL C 377 -37.29 7.91 27.45
CA VAL C 377 -37.13 6.46 27.44
C VAL C 377 -35.98 6.08 28.37
N GLY C 378 -36.26 5.26 29.37
CA GLY C 378 -35.21 4.78 30.26
C GLY C 378 -34.21 3.92 29.50
N ARG C 379 -32.93 4.04 29.86
CA ARG C 379 -31.87 3.32 29.15
C ARG C 379 -31.96 1.81 29.35
N ASP C 380 -32.74 1.33 30.31
CA ASP C 380 -32.94 -0.10 30.52
C ASP C 380 -34.09 -0.68 29.72
N GLN C 381 -34.80 0.15 28.95
CA GLN C 381 -35.95 -0.30 28.19
C GLN C 381 -35.52 -1.05 26.93
N ASP C 382 -36.31 -2.07 26.56
CA ASP C 382 -36.13 -2.74 25.27
C ASP C 382 -36.10 -1.73 24.14
N LEU C 383 -36.95 -0.72 24.20
CA LEU C 383 -37.00 0.28 23.15
C LEU C 383 -35.65 0.98 23.00
N TYR C 384 -34.94 1.15 24.10
CA TYR C 384 -33.62 1.78 24.06
C TYR C 384 -32.54 0.80 23.59
N ARG C 385 -32.52 -0.42 24.15
CA ARG C 385 -31.36 -1.30 24.07
C ARG C 385 -31.41 -2.31 22.93
N LYS C 386 -32.59 -2.65 22.44
CA LYS C 386 -32.73 -3.60 21.34
C LYS C 386 -32.84 -2.83 20.02
N GLU C 387 -32.69 -3.57 18.92
CA GLU C 387 -32.75 -2.98 17.58
C GLU C 387 -34.22 -2.71 17.23
N ALA C 388 -34.60 -1.43 17.18
CA ALA C 388 -35.99 -1.08 16.90
C ALA C 388 -36.43 -1.58 15.53
N PHE C 389 -35.59 -1.35 14.52
CA PHE C 389 -35.87 -1.70 13.12
C PHE C 389 -37.29 -1.28 12.74
N GLY C 390 -37.59 -0.02 13.02
CA GLY C 390 -38.87 0.56 12.70
C GLY C 390 -38.78 2.06 12.89
N PRO C 391 -39.86 2.80 12.54
CA PRO C 391 -39.75 4.27 12.43
C PRO C 391 -39.95 4.97 13.78
N VAL C 392 -39.10 4.62 14.74
CA VAL C 392 -39.08 5.18 16.08
C VAL C 392 -37.70 5.76 16.34
N ALA C 393 -37.64 6.95 16.95
CA ALA C 393 -36.40 7.55 17.40
C ALA C 393 -36.57 8.08 18.83
N LEU C 394 -35.48 8.02 19.60
CA LEU C 394 -35.49 8.38 21.01
C LEU C 394 -34.57 9.57 21.22
N LEU C 395 -35.10 10.62 21.85
CA LEU C 395 -34.35 11.85 22.09
C LEU C 395 -33.90 11.91 23.55
N GLU C 396 -32.61 12.13 23.77
CA GLU C 396 -32.10 12.37 25.10
C GLU C 396 -31.14 13.56 25.11
N ARG C 397 -30.82 14.02 26.31
CA ARG C 397 -30.14 15.28 26.56
C ARG C 397 -28.84 15.03 27.32
N PHE C 398 -27.77 15.74 26.95
CA PHE C 398 -26.49 15.66 27.66
C PHE C 398 -25.85 17.03 27.73
N SER C 399 -24.91 17.19 28.67
CA SER C 399 -24.11 18.42 28.77
CA SER C 399 -24.12 18.41 28.70
C SER C 399 -22.62 18.17 28.60
N ASP C 400 -22.11 17.01 29.01
CA ASP C 400 -20.70 16.67 28.93
C ASP C 400 -20.45 15.72 27.77
N PHE C 401 -19.48 16.07 26.92
CA PHE C 401 -19.25 15.29 25.68
C PHE C 401 -18.81 13.86 25.98
N ASP C 402 -17.98 13.65 27.01
CA ASP C 402 -17.61 12.29 27.40
C ASP C 402 -18.83 11.48 27.80
N ASP C 403 -19.77 12.10 28.51
CA ASP C 403 -21.03 11.45 28.82
C ASP C 403 -21.80 11.09 27.55
N ALA C 404 -21.80 11.98 26.55
CA ALA C 404 -22.44 11.64 25.29
C ALA C 404 -21.80 10.42 24.64
N LEU C 405 -20.46 10.36 24.64
CA LEU C 405 -19.75 9.20 24.09
C LEU C 405 -20.12 7.93 24.86
N ALA C 406 -20.10 8.00 26.20
CA ALA C 406 -20.49 6.85 27.01
C ALA C 406 -21.90 6.36 26.67
N ARG C 407 -22.83 7.30 26.42
CA ARG C 407 -24.19 6.91 26.08
C ARG C 407 -24.25 6.16 24.76
N VAL C 408 -23.57 6.68 23.73
CA VAL C 408 -23.47 5.95 22.47
C VAL C 408 -22.97 4.53 22.71
N ASN C 409 -21.91 4.39 23.53
CA ASN C 409 -21.30 3.09 23.80
C ASN C 409 -22.12 2.23 24.75
N ASP C 410 -23.18 2.77 25.36
CA ASP C 410 -24.00 2.04 26.32
C ASP C 410 -24.96 1.11 25.57
N SER C 411 -24.40 0.03 25.04
CA SER C 411 -25.14 -0.81 24.11
C SER C 411 -24.38 -2.11 23.88
N ASP C 412 -25.14 -3.17 23.57
CA ASP C 412 -24.55 -4.42 23.09
C ASP C 412 -23.92 -4.27 21.71
N PHE C 413 -24.26 -3.22 20.98
CA PHE C 413 -23.97 -3.12 19.56
C PHE C 413 -22.89 -2.08 19.30
N GLY C 414 -22.44 -2.03 18.05
CA GLY C 414 -21.39 -1.12 17.64
C GLY C 414 -21.21 -1.09 16.13
N LEU C 415 -22.25 -0.68 15.41
CA LEU C 415 -22.18 -0.70 13.96
C LEU C 415 -21.65 0.65 13.48
N GLN C 416 -22.49 1.69 13.48
CA GLN C 416 -22.03 3.04 13.18
C GLN C 416 -22.66 4.02 14.16
N ALA C 417 -21.98 5.17 14.30
CA ALA C 417 -22.43 6.28 15.10
C ALA C 417 -22.19 7.56 14.30
N GLY C 418 -22.96 8.60 14.61
CA GLY C 418 -22.73 9.90 14.01
C GLY C 418 -22.59 10.98 15.07
N VAL C 419 -21.84 12.04 14.71
CA VAL C 419 -21.59 13.19 15.58
C VAL C 419 -21.66 14.44 14.72
N PHE C 420 -22.61 15.33 15.04
CA PHE C 420 -22.70 16.65 14.41
C PHE C 420 -21.94 17.65 15.29
N THR C 421 -20.80 18.12 14.80
CA THR C 421 -19.93 18.98 15.59
C THR C 421 -19.00 19.73 14.66
N ASP C 422 -18.57 20.92 15.09
CA ASP C 422 -17.44 21.58 14.43
C ASP C 422 -16.22 21.63 15.33
N SER C 423 -16.21 20.88 16.43
CA SER C 423 -15.04 20.85 17.30
C SER C 423 -14.08 19.77 16.80
N LEU C 424 -12.88 20.18 16.39
CA LEU C 424 -11.84 19.25 15.97
C LEU C 424 -11.58 18.21 17.06
N SER C 425 -11.38 18.67 18.30
CA SER C 425 -11.05 17.73 19.38
C SER C 425 -12.23 16.80 19.69
N HIS C 426 -13.46 17.29 19.58
CA HIS C 426 -14.61 16.40 19.77
C HIS C 426 -14.67 15.34 18.67
N ALA C 427 -14.41 15.73 17.42
CA ALA C 427 -14.37 14.74 16.35
C ALA C 427 -13.26 13.72 16.59
N GLN C 428 -12.08 14.19 16.99
CA GLN C 428 -10.97 13.29 17.30
C GLN C 428 -11.35 12.33 18.42
N ARG C 429 -11.93 12.86 19.50
CA ARG C 429 -12.28 12.01 20.64
C ARG C 429 -13.34 10.98 20.26
N ALA C 430 -14.31 11.36 19.41
CA ALA C 430 -15.33 10.42 18.96
C ALA C 430 -14.71 9.29 18.14
N TRP C 431 -13.81 9.63 17.21
CA TRP C 431 -13.10 8.62 16.44
C TRP C 431 -12.38 7.64 17.35
N ASP C 432 -11.78 8.15 18.44
CA ASP C 432 -10.97 7.33 19.34
C ASP C 432 -11.80 6.46 20.28
N GLU C 433 -12.97 6.95 20.72
CA GLU C 433 -13.62 6.32 21.86
CA GLU C 433 -13.66 6.39 21.87
C GLU C 433 -14.92 5.62 21.53
N LEU C 434 -15.51 5.86 20.37
CA LEU C 434 -16.75 5.18 19.98
C LEU C 434 -16.43 3.78 19.47
N GLU C 435 -16.90 2.77 20.18
CA GLU C 435 -16.60 1.37 19.82
CA GLU C 435 -16.60 1.38 19.83
C GLU C 435 -17.60 0.92 18.76
N VAL C 436 -17.36 1.41 17.53
CA VAL C 436 -18.20 1.10 16.38
C VAL C 436 -17.28 0.84 15.20
N GLY C 437 -17.85 0.23 14.16
CA GLY C 437 -17.11 0.05 12.92
C GLY C 437 -16.76 1.37 12.26
N GLY C 438 -17.73 2.29 12.22
CA GLY C 438 -17.51 3.58 11.60
C GLY C 438 -18.15 4.74 12.34
N VAL C 439 -17.42 5.85 12.43
CA VAL C 439 -17.90 7.10 13.01
C VAL C 439 -18.15 8.08 11.86
N VAL C 440 -19.36 8.64 11.79
CA VAL C 440 -19.70 9.64 10.78
C VAL C 440 -19.72 11.02 11.44
N ILE C 441 -18.95 11.96 10.87
CA ILE C 441 -18.90 13.32 11.38
C ILE C 441 -19.76 14.22 10.48
N ASN C 442 -20.69 14.93 11.08
CA ASN C 442 -21.56 15.90 10.42
C ASN C 442 -22.51 15.24 9.42
N ASP C 443 -22.80 13.96 9.62
CA ASP C 443 -23.96 13.30 9.04
C ASP C 443 -24.38 12.19 10.01
N VAL C 444 -25.55 11.60 9.76
CA VAL C 444 -26.07 10.54 10.63
C VAL C 444 -25.30 9.24 10.45
N PRO C 445 -25.39 8.31 11.43
CA PRO C 445 -24.79 6.99 11.24
C PRO C 445 -25.36 6.22 10.05
N SER C 446 -26.49 6.64 9.50
CA SER C 446 -27.14 5.87 8.45
C SER C 446 -26.47 6.04 7.09
N PHE C 447 -25.41 6.83 7.00
CA PHE C 447 -24.76 7.06 5.71
C PHE C 447 -23.85 5.90 5.36
N ARG C 448 -23.92 5.45 4.11
CA ARG C 448 -22.96 4.48 3.59
C ARG C 448 -22.73 4.74 2.11
N VAL C 449 -21.47 4.68 1.70
CA VAL C 449 -21.11 4.62 0.28
C VAL C 449 -20.48 3.26 0.02
N ASP C 450 -20.70 2.71 -1.17
CA ASP C 450 -20.56 1.26 -1.30
C ASP C 450 -19.12 0.79 -1.54
N ASN C 451 -18.14 1.71 -1.64
CA ASN C 451 -16.74 1.30 -1.65
C ASN C 451 -16.12 1.32 -0.26
N MET C 452 -16.80 1.90 0.74
CA MET C 452 -16.11 2.13 2.02
C MET C 452 -16.13 0.86 2.88
N PRO C 453 -15.14 0.67 3.75
CA PRO C 453 -15.20 -0.49 4.64
C PRO C 453 -16.41 -0.33 5.55
N TYR C 454 -17.16 -1.40 5.71
CA TYR C 454 -18.44 -1.31 6.40
C TYR C 454 -18.70 -2.57 7.22
N GLY C 455 -19.00 -2.38 8.49
CA GLY C 455 -19.43 -3.49 9.32
C GLY C 455 -19.37 -3.11 10.79
N GLY C 456 -19.63 -4.10 11.63
CA GLY C 456 -19.77 -3.78 13.03
C GLY C 456 -18.77 -4.49 13.94
N VAL C 457 -18.62 -3.97 15.16
CA VAL C 457 -17.91 -4.67 16.22
C VAL C 457 -18.94 -4.96 17.31
N LYS C 458 -18.50 -5.49 18.45
CA LYS C 458 -19.39 -5.96 19.51
C LYS C 458 -20.43 -6.91 18.92
N ASP C 459 -21.71 -6.77 19.27
CA ASP C 459 -22.69 -7.72 18.74
C ASP C 459 -23.16 -7.36 17.33
N SER C 460 -22.57 -6.36 16.68
CA SER C 460 -23.07 -5.87 15.40
C SER C 460 -22.40 -6.51 14.18
N GLY C 461 -21.35 -7.29 14.36
CA GLY C 461 -20.81 -7.97 13.20
C GLY C 461 -19.44 -8.55 13.45
N LEU C 462 -18.91 -9.15 12.39
CA LEU C 462 -17.59 -9.75 12.40
C LEU C 462 -17.10 -9.71 10.95
N GLY C 463 -16.25 -8.73 10.64
CA GLY C 463 -15.71 -8.55 9.30
C GLY C 463 -16.21 -7.27 8.66
N ARG C 464 -15.70 -7.01 7.46
CA ARG C 464 -16.04 -5.81 6.73
C ARG C 464 -16.50 -6.15 5.33
N GLU C 465 -17.57 -5.50 4.91
CA GLU C 465 -17.94 -5.50 3.50
C GLU C 465 -17.60 -4.14 2.92
N GLY C 466 -18.11 -3.85 1.72
CA GLY C 466 -17.48 -2.85 0.89
C GLY C 466 -16.53 -3.61 -0.02
N ILE C 467 -16.58 -3.34 -1.33
CA ILE C 467 -16.07 -4.30 -2.33
C ILE C 467 -14.66 -4.79 -1.97
N ARG C 468 -13.71 -3.86 -1.77
CA ARG C 468 -12.32 -4.27 -1.53
C ARG C 468 -12.20 -5.21 -0.34
N TYR C 469 -12.95 -4.90 0.72
CA TYR C 469 -12.85 -5.62 1.99
C TYR C 469 -13.52 -6.98 1.90
N ALA C 470 -14.61 -7.07 1.15
CA ALA C 470 -15.24 -8.39 0.95
C ALA C 470 -14.35 -9.30 0.12
N ILE C 471 -13.66 -8.74 -0.88
CA ILE C 471 -12.74 -9.55 -1.69
C ILE C 471 -11.66 -10.12 -0.81
N GLU C 472 -11.16 -9.32 0.14
CA GLU C 472 -10.18 -9.79 1.09
C GLU C 472 -10.64 -11.06 1.79
N ASP C 473 -11.91 -11.11 2.21
CA ASP C 473 -12.38 -12.27 2.96
C ASP C 473 -12.71 -13.45 2.06
N MET C 474 -12.93 -13.22 0.77
CA MET C 474 -13.23 -14.28 -0.20
C MET C 474 -12.00 -14.78 -0.91
N THR C 475 -10.81 -14.41 -0.44
CA THR C 475 -9.56 -14.86 -1.02
C THR C 475 -8.61 -15.30 0.09
N GLU C 476 -7.61 -16.06 -0.31
CA GLU C 476 -6.55 -16.51 0.58
C GLU C 476 -5.23 -16.03 0.02
N LEU C 477 -4.33 -15.59 0.90
CA LEU C 477 -2.97 -15.32 0.46
C LEU C 477 -2.31 -16.62 0.01
N ARG C 478 -1.61 -16.57 -1.12
CA ARG C 478 -0.80 -17.70 -1.58
C ARG C 478 0.62 -17.18 -1.72
N LEU C 479 1.48 -17.52 -0.77
CA LEU C 479 2.86 -17.03 -0.76
C LEU C 479 3.73 -17.94 -1.62
N MET C 480 4.64 -17.32 -2.37
CA MET C 480 5.75 -18.03 -2.98
C MET C 480 7.06 -17.49 -2.39
N VAL C 481 7.85 -18.39 -1.80
CA VAL C 481 9.20 -18.07 -1.34
C VAL C 481 10.18 -18.65 -2.35
N VAL C 482 11.09 -17.81 -2.85
CA VAL C 482 12.07 -18.25 -3.83
C VAL C 482 13.44 -18.11 -3.22
N ARG C 483 14.20 -19.20 -3.18
CA ARG C 483 15.58 -19.14 -2.71
C ARG C 483 16.53 -19.14 -3.90
N ARG C 484 17.39 -18.14 -3.94
CA ARG C 484 18.50 -18.11 -4.87
C ARG C 484 19.78 -18.42 -4.13
N ARG C 485 20.61 -19.26 -4.72
CA ARG C 485 21.93 -19.58 -4.21
C ARG C 485 22.97 -19.36 -5.30
N MET D 9 21.22 -25.36 34.36
CA MET D 9 20.36 -25.71 35.49
C MET D 9 19.21 -24.73 35.60
N LEU D 10 18.00 -25.28 35.71
CA LEU D 10 16.77 -24.52 35.88
C LEU D 10 16.57 -24.11 37.33
N LYS D 11 15.71 -23.11 37.54
CA LYS D 11 15.23 -22.83 38.88
C LYS D 11 14.44 -24.02 39.40
N GLU D 12 14.43 -24.19 40.73
CA GLU D 12 13.69 -25.31 41.32
C GLU D 12 12.20 -25.18 41.06
N THR D 13 11.67 -23.96 41.12
CA THR D 13 10.26 -23.70 40.83
C THR D 13 10.12 -22.42 40.01
N TYR D 14 9.05 -22.35 39.22
CA TYR D 14 8.68 -21.16 38.45
C TYR D 14 7.27 -20.72 38.84
N PRO D 15 7.01 -19.41 38.83
CA PRO D 15 5.65 -18.93 39.08
C PRO D 15 4.86 -18.91 37.78
N TYR D 16 3.58 -18.62 37.90
CA TYR D 16 2.89 -18.13 36.72
C TYR D 16 2.77 -16.62 36.80
N TYR D 17 2.27 -16.01 35.73
CA TYR D 17 2.18 -14.55 35.68
C TYR D 17 0.70 -14.16 35.58
N LEU D 18 0.20 -13.52 36.63
CA LEU D 18 -1.17 -13.06 36.72
C LEU D 18 -1.15 -11.53 36.73
N ALA D 19 -1.74 -10.92 35.70
CA ALA D 19 -1.77 -9.46 35.60
C ALA D 19 -0.38 -8.87 35.80
N ASN D 20 0.58 -9.38 35.01
CA ASN D 20 1.97 -8.94 34.90
C ASN D 20 2.86 -9.37 36.06
N GLU D 21 2.36 -10.09 37.05
CA GLU D 21 3.16 -10.33 38.26
C GLU D 21 3.34 -11.82 38.53
N ALA D 22 4.54 -12.16 38.97
CA ALA D 22 4.88 -13.54 39.31
C ALA D 22 4.08 -13.97 40.54
N VAL D 23 3.39 -15.09 40.42
CA VAL D 23 2.65 -15.69 41.54
C VAL D 23 3.13 -17.12 41.68
N TYR D 24 3.80 -17.42 42.80
CA TYR D 24 4.19 -18.79 43.14
C TYR D 24 3.01 -19.49 43.82
N ALA D 25 1.91 -19.61 43.07
CA ALA D 25 0.66 -20.09 43.65
C ALA D 25 0.75 -21.51 44.15
N ASN D 26 1.53 -22.34 43.47
CA ASN D 26 1.73 -23.74 43.83
C ASN D 26 2.91 -24.25 43.00
N ALA D 27 3.20 -25.54 43.14
CA ALA D 27 4.20 -26.20 42.31
C ALA D 27 3.65 -27.49 41.71
N GLU D 28 2.39 -27.47 41.27
CA GLU D 28 1.71 -28.71 40.88
C GLU D 28 2.19 -29.28 39.54
N LEU D 29 2.62 -28.43 38.60
CA LEU D 29 2.97 -28.90 37.26
C LEU D 29 4.45 -29.30 37.23
N GLU D 30 4.72 -30.60 37.13
CA GLU D 30 6.08 -31.07 36.97
C GLU D 30 6.48 -31.08 35.51
N VAL D 31 7.69 -30.59 35.22
CA VAL D 31 8.20 -30.55 33.85
C VAL D 31 9.41 -31.48 33.77
N THR D 32 9.31 -32.50 32.92
CA THR D 32 10.37 -33.50 32.82
C THR D 32 11.38 -33.11 31.75
N ASP D 33 12.63 -33.52 32.00
CA ASP D 33 13.64 -33.60 30.95
C ASP D 33 13.22 -34.71 29.98
N LYS D 34 12.95 -34.33 28.73
CA LYS D 34 12.39 -35.29 27.78
C LYS D 34 13.39 -36.35 27.33
N TYR D 35 14.67 -36.19 27.67
CA TYR D 35 15.65 -37.22 27.36
C TYR D 35 15.90 -38.14 28.54
N THR D 36 16.10 -37.58 29.74
CA THR D 36 16.29 -38.44 30.90
C THR D 36 14.97 -38.93 31.48
N GLY D 37 13.87 -38.25 31.18
CA GLY D 37 12.59 -38.63 31.74
C GLY D 37 12.36 -38.19 33.17
N LYS D 38 13.36 -37.59 33.81
CA LYS D 38 13.23 -37.17 35.20
C LYS D 38 12.67 -35.76 35.30
N VAL D 39 12.06 -35.47 36.45
CA VAL D 39 11.47 -34.15 36.66
C VAL D 39 12.59 -33.12 36.74
N ALA D 40 12.54 -32.10 35.89
CA ALA D 40 13.56 -31.07 35.85
C ALA D 40 13.20 -29.83 36.65
N THR D 41 11.92 -29.48 36.70
CA THR D 41 11.47 -28.33 37.48
C THR D 41 9.97 -28.51 37.74
N ARG D 42 9.45 -27.67 38.62
CA ARG D 42 8.03 -27.62 38.91
C ARG D 42 7.56 -26.18 38.75
N VAL D 43 6.36 -25.99 38.22
CA VAL D 43 5.84 -24.65 37.96
C VAL D 43 4.43 -24.54 38.49
N ALA D 44 3.98 -23.29 38.66
CA ALA D 44 2.66 -23.01 39.20
C ALA D 44 1.59 -23.29 38.14
N LEU D 45 0.53 -23.99 38.55
CA LEU D 45 -0.54 -24.43 37.66
C LEU D 45 -1.78 -23.60 37.98
N ALA D 46 -2.29 -22.90 36.98
CA ALA D 46 -3.41 -21.99 37.19
C ALA D 46 -4.73 -22.76 37.23
N ASP D 47 -5.55 -22.50 38.25
CA ASP D 47 -6.90 -23.04 38.27
C ASP D 47 -7.85 -22.07 37.57
N ALA D 48 -9.13 -22.45 37.49
CA ALA D 48 -10.11 -21.62 36.77
C ALA D 48 -10.29 -20.27 37.44
N SER D 49 -10.14 -20.20 38.77
CA SER D 49 -10.26 -18.91 39.45
CA SER D 49 -10.26 -18.91 39.45
C SER D 49 -9.16 -17.94 39.02
N ALA D 50 -7.94 -18.45 38.83
CA ALA D 50 -6.83 -17.61 38.38
C ALA D 50 -7.03 -17.17 36.93
N ILE D 51 -7.52 -18.08 36.07
CA ILE D 51 -7.76 -17.71 34.68
C ILE D 51 -8.84 -16.64 34.59
N ASP D 52 -9.93 -16.82 35.33
CA ASP D 52 -10.97 -15.80 35.40
C ASP D 52 -10.39 -14.45 35.85
N ALA D 53 -9.54 -14.46 36.88
CA ALA D 53 -8.94 -13.21 37.34
C ALA D 53 -8.08 -12.58 36.25
N ALA D 54 -7.34 -13.40 35.51
CA ALA D 54 -6.50 -12.89 34.43
C ALA D 54 -7.35 -12.24 33.35
N ILE D 55 -8.48 -12.85 33.03
CA ILE D 55 -9.36 -12.30 32.00
C ILE D 55 -9.93 -10.96 32.44
N ALA D 56 -10.41 -10.89 33.70
CA ALA D 56 -10.92 -9.62 34.22
C ALA D 56 -9.85 -8.54 34.19
N ALA D 57 -8.61 -8.90 34.54
CA ALA D 57 -7.52 -7.92 34.52
C ALA D 57 -7.23 -7.45 33.10
N ALA D 58 -7.35 -8.36 32.13
CA ALA D 58 -7.10 -7.98 30.75
C ALA D 58 -8.15 -6.99 30.27
N VAL D 59 -9.43 -7.23 30.58
CA VAL D 59 -10.48 -6.28 30.27
C VAL D 59 -10.14 -4.91 30.83
N GLY D 60 -9.73 -4.86 32.10
CA GLY D 60 -9.43 -3.59 32.73
C GLY D 60 -8.22 -2.89 32.13
N ALA D 61 -7.30 -3.65 31.55
CA ALA D 61 -6.08 -3.05 31.00
C ALA D 61 -6.26 -2.47 29.60
N GLN D 62 -7.42 -2.70 28.95
CA GLN D 62 -7.62 -2.28 27.57
C GLN D 62 -7.35 -0.78 27.38
N LYS D 63 -8.02 0.05 28.18
CA LYS D 63 -7.88 1.50 27.99
C LYS D 63 -6.47 1.97 28.33
N PRO D 64 -5.86 1.60 29.47
CA PRO D 64 -4.46 2.02 29.69
C PRO D 64 -3.52 1.56 28.60
N LEU D 65 -3.70 0.33 28.10
CA LEU D 65 -2.84 -0.19 27.05
C LEU D 65 -3.02 0.58 25.75
N ARG D 66 -4.28 0.89 25.41
CA ARG D 66 -4.56 1.70 24.24
C ARG D 66 -3.97 3.10 24.36
N ALA D 67 -3.82 3.61 25.58
CA ALA D 67 -3.29 4.96 25.75
C ALA D 67 -1.79 5.05 25.50
N LEU D 68 -1.07 3.92 25.47
CA LEU D 68 0.37 3.97 25.25
C LEU D 68 0.67 4.40 23.82
N PRO D 69 1.55 5.39 23.61
CA PRO D 69 1.94 5.73 22.24
C PRO D 69 2.81 4.64 21.64
N ALA D 70 2.86 4.64 20.30
CA ALA D 70 3.55 3.58 19.57
C ALA D 70 5.00 3.43 20.02
N PHE D 71 5.72 4.56 20.19
CA PHE D 71 7.12 4.46 20.58
C PHE D 71 7.29 3.82 21.97
N ARG D 72 6.27 3.90 22.83
CA ARG D 72 6.37 3.20 24.12
C ARG D 72 6.24 1.69 23.92
N ARG D 73 5.33 1.27 23.05
CA ARG D 73 5.22 -0.16 22.76
CA ARG D 73 5.21 -0.15 22.74
C ARG D 73 6.49 -0.68 22.10
N GLN D 74 7.09 0.10 21.20
CA GLN D 74 8.36 -0.29 20.61
C GLN D 74 9.44 -0.44 21.68
N ALA D 75 9.50 0.49 22.63
CA ALA D 75 10.49 0.40 23.69
C ALA D 75 10.29 -0.85 24.53
N ILE D 76 9.02 -1.23 24.75
CA ILE D 76 8.74 -2.46 25.50
C ILE D 76 9.25 -3.69 24.73
N LEU D 77 9.00 -3.73 23.42
CA LEU D 77 9.48 -4.86 22.62
C LEU D 77 11.00 -4.90 22.53
N GLU D 78 11.64 -3.73 22.44
CA GLU D 78 13.10 -3.70 22.36
C GLU D 78 13.73 -4.16 23.67
N HIS D 79 13.12 -3.82 24.81
CA HIS D 79 13.60 -4.36 26.08
C HIS D 79 13.60 -5.89 26.06
N CYS D 80 12.53 -6.49 25.53
CA CYS D 80 12.48 -7.95 25.41
C CYS D 80 13.63 -8.47 24.56
N VAL D 81 13.86 -7.85 23.39
CA VAL D 81 14.95 -8.27 22.51
C VAL D 81 16.29 -8.27 23.26
N ALA D 82 16.56 -7.18 23.98
CA ALA D 82 17.84 -7.07 24.68
C ALA D 82 17.98 -8.15 25.75
N ARG D 83 16.90 -8.42 26.48
CA ARG D 83 16.95 -9.42 27.56
C ARG D 83 17.03 -10.83 27.00
N PHE D 84 16.32 -11.11 25.90
CA PHE D 84 16.44 -12.41 25.26
C PHE D 84 17.87 -12.64 24.78
N ARG D 85 18.47 -11.63 24.14
CA ARG D 85 19.89 -11.70 23.78
C ARG D 85 20.75 -11.95 25.00
N GLU D 86 20.48 -11.23 26.08
CA GLU D 86 21.26 -11.38 27.31
C GLU D 86 21.19 -12.82 27.83
N ARG D 87 19.98 -13.37 27.86
CA ARG D 87 19.68 -14.67 28.44
C ARG D 87 19.63 -15.77 27.40
N PHE D 88 20.40 -15.61 26.32
CA PHE D 88 20.33 -16.50 25.16
C PHE D 88 20.63 -17.95 25.54
N ASP D 89 21.73 -18.17 26.28
CA ASP D 89 22.10 -19.54 26.63
C ASP D 89 21.11 -20.14 27.61
N GLU D 90 20.61 -19.34 28.56
CA GLU D 90 19.61 -19.81 29.50
C GLU D 90 18.37 -20.31 28.78
N LEU D 91 17.89 -19.53 27.81
CA LEU D 91 16.67 -19.91 27.08
C LEU D 91 16.88 -21.18 26.28
N ALA D 92 18.00 -21.26 25.55
CA ALA D 92 18.29 -22.43 24.74
C ALA D 92 18.41 -23.69 25.57
N GLN D 93 19.06 -23.59 26.74
CA GLN D 93 19.22 -24.76 27.59
C GLN D 93 17.88 -25.21 28.17
N ALA D 94 17.02 -24.28 28.58
CA ALA D 94 15.71 -24.66 29.09
C ALA D 94 14.90 -25.35 28.00
N LEU D 95 14.92 -24.77 26.80
CA LEU D 95 14.29 -25.38 25.64
C LEU D 95 14.85 -26.78 25.39
N CYS D 96 16.16 -26.92 25.47
CA CYS D 96 16.78 -28.21 25.25
C CYS D 96 16.27 -29.24 26.25
N ILE D 97 16.11 -28.85 27.51
CA ILE D 97 15.62 -29.76 28.55
C ILE D 97 14.14 -30.06 28.35
N GLU D 98 13.30 -29.02 28.37
CA GLU D 98 11.85 -29.26 28.43
C GLU D 98 11.27 -29.77 27.12
N ALA D 99 11.91 -29.49 25.99
CA ALA D 99 11.43 -30.00 24.71
C ALA D 99 12.25 -31.18 24.18
N GLY D 100 13.35 -31.52 24.86
CA GLY D 100 14.26 -32.50 24.29
C GLY D 100 14.87 -32.07 22.98
N LYS D 101 14.95 -30.76 22.72
CA LYS D 101 15.36 -30.27 21.42
CA LYS D 101 15.36 -30.24 21.42
C LYS D 101 16.87 -30.16 21.36
N PRO D 102 17.52 -30.71 20.33
CA PRO D 102 18.99 -30.63 20.23
C PRO D 102 19.47 -29.20 20.41
N ILE D 103 20.61 -29.07 21.12
CA ILE D 103 21.03 -27.77 21.63
C ILE D 103 21.25 -26.77 20.49
N ASN D 104 21.80 -27.24 19.37
CA ASN D 104 22.02 -26.32 18.25
C ASN D 104 20.70 -25.79 17.70
N ASP D 105 19.68 -26.63 17.67
CA ASP D 105 18.37 -26.22 17.17
C ASP D 105 17.61 -25.40 18.21
N SER D 106 17.82 -25.70 19.49
CA SER D 106 17.33 -24.81 20.54
C SER D 106 17.90 -23.40 20.39
N LYS D 107 19.23 -23.29 20.24
CA LYS D 107 19.84 -21.99 19.96
C LYS D 107 19.23 -21.36 18.71
N GLY D 108 18.98 -22.17 17.67
CA GLY D 108 18.30 -21.67 16.48
C GLY D 108 16.96 -21.03 16.79
N GLU D 109 16.17 -21.66 17.67
CA GLU D 109 14.84 -21.13 17.97
C GLU D 109 14.92 -19.84 18.80
N VAL D 110 15.87 -19.77 19.73
CA VAL D 110 16.07 -18.52 20.47
C VAL D 110 16.40 -17.39 19.51
N THR D 111 17.25 -17.66 18.51
CA THR D 111 17.52 -16.67 17.48
C THR D 111 16.24 -16.22 16.78
N ARG D 112 15.36 -17.17 16.47
CA ARG D 112 14.07 -16.82 15.86
C ARG D 112 13.20 -16.01 16.80
N LEU D 113 13.17 -16.39 18.08
CA LEU D 113 12.44 -15.61 19.09
C LEU D 113 12.87 -14.15 19.06
N ILE D 114 14.18 -13.92 19.00
CA ILE D 114 14.68 -12.56 18.93
C ILE D 114 14.21 -11.87 17.64
N ASP D 115 14.33 -12.58 16.51
CA ASP D 115 13.90 -12.01 15.23
C ASP D 115 12.44 -11.61 15.27
N THR D 116 11.59 -12.49 15.82
CA THR D 116 10.16 -12.22 15.87
C THR D 116 9.86 -10.96 16.69
N PHE D 117 10.47 -10.85 17.88
CA PHE D 117 10.27 -9.62 18.65
C PHE D 117 10.90 -8.41 17.97
N ARG D 118 11.99 -8.60 17.23
CA ARG D 118 12.61 -7.47 16.53
C ARG D 118 11.69 -6.95 15.43
N VAL D 119 11.14 -7.85 14.63
CA VAL D 119 10.18 -7.45 13.60
C VAL D 119 9.01 -6.73 14.24
N ALA D 120 8.51 -7.24 15.37
CA ALA D 120 7.36 -6.60 16.00
C ALA D 120 7.71 -5.20 16.52
N ALA D 121 8.91 -5.02 17.07
CA ALA D 121 9.36 -3.69 17.46
C ALA D 121 9.33 -2.71 16.29
N GLU D 122 9.81 -3.14 15.12
CA GLU D 122 9.73 -2.30 13.92
C GLU D 122 8.28 -2.03 13.54
N GLU D 123 7.44 -3.07 13.53
CA GLU D 123 6.07 -2.87 13.05
C GLU D 123 5.24 -2.02 14.02
N SER D 124 5.63 -1.97 15.30
CA SER D 124 4.80 -1.27 16.29
C SER D 124 4.66 0.22 15.97
N VAL D 125 5.61 0.82 15.27
CA VAL D 125 5.51 2.25 14.92
C VAL D 125 5.04 2.48 13.49
N ARG D 126 4.51 1.46 12.83
CA ARG D 126 4.06 1.64 11.45
C ARG D 126 2.79 0.85 11.17
N ILE D 127 1.90 0.76 12.16
CA ILE D 127 0.64 0.05 11.96
C ILE D 127 -0.24 0.78 10.95
N GLU D 128 -0.85 0.00 10.05
CA GLU D 128 -1.50 0.55 8.86
C GLU D 128 -2.74 1.37 9.18
N GLY D 129 -2.79 2.60 8.66
CA GLY D 129 -4.00 3.37 8.51
C GLY D 129 -4.20 3.73 7.04
N GLY D 130 -5.31 4.38 6.75
CA GLY D 130 -5.61 4.67 5.36
C GLY D 130 -6.56 5.82 5.15
N LEU D 131 -6.52 6.34 3.93
CA LEU D 131 -7.50 7.30 3.40
C LEU D 131 -8.33 6.59 2.34
N VAL D 132 -9.61 6.92 2.25
CA VAL D 132 -10.51 6.34 1.26
C VAL D 132 -11.19 7.48 0.51
N ASN D 133 -11.09 7.48 -0.83
CA ASN D 133 -11.87 8.43 -1.60
C ASN D 133 -13.32 7.97 -1.65
N LEU D 134 -14.21 8.76 -1.08
CA LEU D 134 -15.63 8.39 -1.04
C LEU D 134 -16.46 9.06 -2.12
N GLU D 135 -15.88 10.00 -2.88
CA GLU D 135 -16.66 10.79 -3.84
C GLU D 135 -16.76 10.01 -5.15
N ILE D 136 -17.49 8.89 -5.09
CA ILE D 136 -17.63 8.01 -6.24
C ILE D 136 -18.96 8.18 -6.94
N SER D 137 -19.83 9.05 -6.45
CA SER D 137 -21.16 9.28 -7.03
C SER D 137 -21.68 10.59 -6.48
N PRO D 138 -22.65 11.22 -7.16
CA PRO D 138 -23.11 12.55 -6.70
C PRO D 138 -23.59 12.56 -5.25
N ARG D 139 -24.28 11.50 -4.83
CA ARG D 139 -24.77 11.39 -3.45
C ARG D 139 -23.65 11.58 -2.42
N ALA D 140 -22.44 11.15 -2.75
CA ALA D 140 -21.34 11.15 -1.80
C ALA D 140 -20.42 12.37 -1.97
N GLN D 141 -20.85 13.38 -2.73
CA GLN D 141 -20.01 14.57 -2.87
C GLN D 141 -19.79 15.22 -1.51
N GLY D 142 -18.54 15.56 -1.21
CA GLY D 142 -18.20 16.22 0.03
C GLY D 142 -17.85 15.31 1.18
N TYR D 143 -17.88 14.00 0.99
CA TYR D 143 -17.49 13.05 2.03
C TYR D 143 -16.05 12.57 1.82
N SER D 144 -15.32 12.41 2.91
CA SER D 144 -13.99 11.81 2.86
C SER D 144 -13.88 10.78 3.97
N GLY D 145 -13.07 9.76 3.71
CA GLY D 145 -12.97 8.61 4.59
C GLY D 145 -11.55 8.44 5.10
N TYR D 146 -11.43 8.13 6.38
CA TYR D 146 -10.16 7.89 7.05
C TYR D 146 -10.35 6.64 7.88
N TYR D 147 -9.34 5.78 7.92
CA TYR D 147 -9.49 4.65 8.82
C TYR D 147 -8.18 4.37 9.52
N LYS D 148 -8.30 3.85 10.74
CA LYS D 148 -7.15 3.42 11.52
C LYS D 148 -7.49 2.09 12.16
N ARG D 149 -6.46 1.41 12.66
CA ARG D 149 -6.63 0.11 13.29
C ARG D 149 -6.61 0.28 14.82
N VAL D 150 -7.61 -0.30 15.49
CA VAL D 150 -7.68 -0.26 16.95
C VAL D 150 -7.56 -1.68 17.48
N PRO D 151 -7.08 -1.90 18.72
CA PRO D 151 -6.99 -3.26 19.25
C PRO D 151 -8.34 -3.97 19.18
N ILE D 152 -8.32 -5.26 18.88
CA ILE D 152 -9.57 -6.01 18.83
C ILE D 152 -10.16 -6.18 20.23
N GLY D 153 -9.30 -6.17 21.26
CA GLY D 153 -9.72 -6.47 22.61
C GLY D 153 -8.83 -7.53 23.25
N PRO D 154 -9.24 -8.06 24.41
CA PRO D 154 -8.45 -9.10 25.07
C PRO D 154 -8.30 -10.34 24.20
N CYS D 155 -7.08 -10.87 24.12
CA CYS D 155 -6.78 -12.01 23.28
C CYS D 155 -6.46 -13.25 24.10
N SER D 156 -6.98 -14.39 23.67
CA SER D 156 -6.65 -15.68 24.24
C SER D 156 -5.67 -16.40 23.32
N PHE D 157 -4.53 -16.82 23.86
CA PHE D 157 -3.43 -17.41 23.10
C PHE D 157 -3.12 -18.81 23.64
N ILE D 158 -3.05 -19.79 22.74
CA ILE D 158 -2.71 -21.17 23.11
C ILE D 158 -1.60 -21.62 22.18
N SER D 159 -0.47 -22.05 22.76
CA SER D 159 0.73 -22.43 22.01
C SER D 159 1.11 -23.88 22.27
N PRO D 160 1.90 -24.51 21.36
CA PRO D 160 2.19 -25.94 21.48
C PRO D 160 3.57 -26.25 22.06
N PHE D 161 3.96 -27.53 22.08
CA PHE D 161 5.19 -27.91 22.76
C PHE D 161 6.44 -27.74 21.89
N ASN D 162 6.31 -27.74 20.57
CA ASN D 162 7.48 -28.04 19.75
C ASN D 162 8.35 -26.82 19.43
N PHE D 163 7.75 -25.64 19.26
CA PHE D 163 8.48 -24.37 19.23
C PHE D 163 7.92 -23.50 20.36
N PRO D 164 8.16 -23.85 21.62
CA PRO D 164 7.46 -23.13 22.69
C PRO D 164 7.77 -21.65 22.74
N LEU D 165 9.02 -21.26 22.43
CA LEU D 165 9.39 -19.84 22.42
C LEU D 165 8.81 -19.13 21.20
N ASN D 166 9.19 -19.57 19.99
CA ASN D 166 8.86 -18.76 18.81
C ASN D 166 7.37 -18.76 18.48
N LEU D 167 6.67 -19.87 18.73
CA LEU D 167 5.24 -19.84 18.40
C LEU D 167 4.45 -19.05 19.44
N ALA D 168 4.92 -19.01 20.69
CA ALA D 168 4.34 -18.04 21.62
C ALA D 168 4.65 -16.61 21.18
N ALA D 169 5.88 -16.36 20.72
CA ALA D 169 6.28 -15.03 20.27
C ALA D 169 5.39 -14.52 19.14
N HIS D 170 4.99 -15.42 18.24
CA HIS D 170 4.19 -14.97 17.09
C HIS D 170 2.78 -14.55 17.47
N LYS D 171 2.39 -14.76 18.73
CA LYS D 171 1.18 -14.15 19.26
C LYS D 171 1.48 -13.02 20.23
N VAL D 172 2.43 -13.21 21.14
CA VAL D 172 2.73 -12.21 22.17
C VAL D 172 3.26 -10.92 21.55
N ALA D 173 4.27 -11.01 20.70
CA ALA D 173 4.87 -9.81 20.14
C ALA D 173 3.89 -9.01 19.28
N PRO D 174 3.08 -9.62 18.42
CA PRO D 174 2.03 -8.83 17.73
C PRO D 174 1.07 -8.15 18.70
N ALA D 175 0.67 -8.84 19.77
CA ALA D 175 -0.26 -8.26 20.74
C ALA D 175 0.35 -7.03 21.41
N LEU D 176 1.64 -7.10 21.74
CA LEU D 176 2.32 -5.93 22.30
C LEU D 176 2.38 -4.79 21.29
N ALA D 177 2.66 -5.11 20.02
CA ALA D 177 2.71 -4.08 18.99
C ALA D 177 1.34 -3.44 18.78
N ALA D 178 0.27 -4.23 18.85
CA ALA D 178 -1.07 -3.75 18.55
C ALA D 178 -1.80 -3.14 19.74
N GLY D 179 -1.34 -3.37 20.96
CA GLY D 179 -2.03 -2.84 22.12
C GLY D 179 -3.15 -3.72 22.63
N CYS D 180 -3.08 -5.04 22.43
CA CYS D 180 -4.10 -5.93 22.97
C CYS D 180 -3.62 -6.57 24.25
N PRO D 181 -4.42 -6.54 25.31
CA PRO D 181 -4.13 -7.39 26.47
C PRO D 181 -4.32 -8.85 26.11
N PHE D 182 -3.50 -9.72 26.69
CA PHE D 182 -3.60 -11.13 26.34
C PHE D 182 -3.38 -12.02 27.55
N VAL D 183 -3.90 -13.24 27.45
CA VAL D 183 -3.68 -14.33 28.40
C VAL D 183 -3.16 -15.52 27.60
N LEU D 184 -1.94 -15.95 27.89
CA LEU D 184 -1.28 -17.03 27.15
C LEU D 184 -1.29 -18.30 27.97
N LYS D 185 -1.73 -19.40 27.36
CA LYS D 185 -1.61 -20.74 27.92
C LYS D 185 -0.54 -21.53 27.17
N PRO D 186 0.65 -21.68 27.71
CA PRO D 186 1.66 -22.51 27.04
C PRO D 186 1.31 -23.98 27.15
N ALA D 187 2.02 -24.80 26.37
CA ALA D 187 1.89 -26.24 26.49
C ALA D 187 2.40 -26.70 27.85
N SER D 188 1.64 -27.61 28.49
CA SER D 188 2.00 -28.04 29.83
C SER D 188 3.31 -28.83 29.85
N ARG D 189 3.66 -29.48 28.74
CA ARG D 189 4.93 -30.20 28.68
C ARG D 189 6.13 -29.27 28.57
N THR D 190 5.95 -28.02 28.11
CA THR D 190 7.06 -27.11 27.81
C THR D 190 6.68 -25.68 28.20
N PRO D 191 6.39 -25.42 29.48
CA PRO D 191 5.95 -24.08 29.86
C PRO D 191 7.07 -23.12 30.25
N ILE D 192 8.32 -23.57 30.36
CA ILE D 192 9.35 -22.73 30.98
C ILE D 192 9.69 -21.54 30.09
N GLY D 193 9.84 -21.77 28.78
CA GLY D 193 10.16 -20.67 27.88
C GLY D 193 9.18 -19.52 28.01
N ALA D 194 7.88 -19.83 28.00
CA ALA D 194 6.85 -18.81 28.15
C ALA D 194 6.96 -18.11 29.51
N LEU D 195 7.29 -18.85 30.56
CA LEU D 195 7.44 -18.23 31.88
C LEU D 195 8.69 -17.35 31.95
N ILE D 196 9.71 -17.64 31.14
CA ILE D 196 10.85 -16.74 31.08
C ILE D 196 10.51 -15.48 30.29
N ILE D 197 9.74 -15.64 29.21
CA ILE D 197 9.17 -14.49 28.53
C ILE D 197 8.35 -13.65 29.51
N GLY D 198 7.58 -14.32 30.38
CA GLY D 198 6.79 -13.57 31.37
C GLY D 198 7.66 -12.76 32.31
N GLU D 199 8.73 -13.38 32.84
CA GLU D 199 9.65 -12.65 33.70
C GLU D 199 10.18 -11.40 33.02
N VAL D 200 10.56 -11.51 31.74
CA VAL D 200 11.09 -10.36 31.01
C VAL D 200 10.01 -9.30 30.83
N LEU D 201 8.81 -9.71 30.40
CA LEU D 201 7.73 -8.73 30.24
C LEU D 201 7.38 -8.05 31.55
N ALA D 202 7.53 -8.76 32.68
CA ALA D 202 7.19 -8.22 33.98
C ALA D 202 8.13 -7.09 34.38
N GLU D 203 9.30 -7.00 33.76
CA GLU D 203 10.24 -5.91 33.98
C GLU D 203 9.81 -4.59 33.31
N THR D 204 8.92 -4.66 32.32
CA THR D 204 8.58 -3.48 31.54
C THR D 204 7.46 -2.69 32.21
N ASP D 205 7.20 -1.49 31.68
CA ASP D 205 6.17 -0.63 32.26
C ASP D 205 4.79 -0.83 31.63
N LEU D 206 4.52 -2.03 31.10
CA LEU D 206 3.17 -2.36 30.63
C LEU D 206 2.15 -2.15 31.75
N PRO D 207 0.96 -1.63 31.44
CA PRO D 207 -0.10 -1.50 32.45
C PRO D 207 -0.44 -2.86 33.06
N LYS D 208 -0.78 -2.85 34.35
CA LYS D 208 -1.11 -4.10 35.02
C LYS D 208 -2.36 -4.71 34.39
N GLY D 209 -2.32 -6.02 34.17
CA GLY D 209 -3.35 -6.69 33.42
C GLY D 209 -3.08 -6.81 31.95
N ALA D 210 -2.02 -6.17 31.43
CA ALA D 210 -1.69 -6.27 30.01
C ALA D 210 -1.36 -7.71 29.61
N PHE D 211 -0.81 -8.51 30.52
CA PHE D 211 -0.55 -9.89 30.16
C PHE D 211 -0.69 -10.79 31.36
N SER D 212 -1.15 -12.00 31.08
CA SER D 212 -1.03 -13.13 31.98
C SER D 212 -0.50 -14.31 31.19
N ILE D 213 0.33 -15.12 31.85
CA ILE D 213 0.85 -16.35 31.27
C ILE D 213 0.57 -17.44 32.29
N LEU D 214 -0.36 -18.33 31.97
CA LEU D 214 -0.92 -19.27 32.93
C LEU D 214 -0.78 -20.69 32.42
N PRO D 215 0.10 -21.51 32.99
CA PRO D 215 0.07 -22.93 32.66
C PRO D 215 -1.25 -23.54 33.11
N ALA D 216 -1.81 -24.38 32.25
CA ALA D 216 -3.02 -25.14 32.56
C ALA D 216 -3.10 -26.30 31.58
N HIS D 217 -3.48 -27.45 32.11
CA HIS D 217 -3.73 -28.62 31.27
C HIS D 217 -4.99 -28.39 30.44
N ARG D 218 -5.04 -29.04 29.28
CA ARG D 218 -6.18 -28.87 28.38
C ARG D 218 -7.51 -29.12 29.09
N ASP D 219 -7.57 -30.09 30.01
CA ASP D 219 -8.87 -30.33 30.62
C ASP D 219 -9.27 -29.24 31.63
N GLY D 220 -8.34 -28.38 32.03
CA GLY D 220 -8.67 -27.23 32.85
C GLY D 220 -8.72 -25.91 32.12
N ALA D 221 -8.71 -25.91 30.79
CA ALA D 221 -8.47 -24.70 30.02
C ALA D 221 -9.71 -24.23 29.25
N ASP D 222 -10.90 -24.68 29.66
CA ASP D 222 -12.12 -24.40 28.88
C ASP D 222 -12.31 -22.90 28.64
N LEU D 223 -11.98 -22.08 29.65
CA LEU D 223 -12.24 -20.63 29.55
C LEU D 223 -11.44 -19.97 28.43
N PHE D 224 -10.26 -20.52 28.10
CA PHE D 224 -9.46 -19.92 27.02
C PHE D 224 -10.20 -19.95 25.69
N THR D 225 -11.14 -20.87 25.53
CA THR D 225 -11.96 -20.96 24.33
C THR D 225 -13.33 -20.31 24.48
N THR D 226 -13.99 -20.50 25.63
CA THR D 226 -15.40 -20.16 25.73
C THR D 226 -15.67 -18.79 26.34
N ASP D 227 -14.72 -18.18 27.06
CA ASP D 227 -15.08 -16.97 27.79
C ASP D 227 -15.36 -15.84 26.82
N GLU D 228 -16.50 -15.16 27.02
CA GLU D 228 -17.01 -14.15 26.10
C GLU D 228 -16.26 -12.83 26.19
N ARG D 229 -15.40 -12.65 27.21
CA ARG D 229 -14.63 -11.41 27.30
C ARG D 229 -13.42 -11.41 26.37
N PHE D 230 -12.95 -12.58 25.94
CA PHE D 230 -11.94 -12.64 24.89
C PHE D 230 -12.58 -12.23 23.57
N LYS D 231 -11.88 -11.42 22.79
CA LYS D 231 -12.34 -11.01 21.47
C LYS D 231 -11.66 -11.78 20.34
N LEU D 232 -10.57 -12.48 20.64
CA LEU D 232 -9.85 -13.29 19.67
C LEU D 232 -9.34 -14.52 20.40
N LEU D 233 -9.50 -15.69 19.77
CA LEU D 233 -8.76 -16.89 20.14
C LEU D 233 -7.75 -17.17 19.04
N SER D 234 -6.48 -17.21 19.40
CA SER D 234 -5.44 -17.59 18.45
C SER D 234 -4.77 -18.86 18.95
N PHE D 235 -4.97 -19.95 18.22
CA PHE D 235 -4.54 -21.29 18.59
C PHE D 235 -3.50 -21.81 17.61
N THR D 236 -2.40 -22.33 18.14
CA THR D 236 -1.39 -23.06 17.39
C THR D 236 -1.24 -24.44 18.01
N GLY D 237 -1.42 -25.48 17.19
CA GLY D 237 -1.41 -26.83 17.73
C GLY D 237 -1.95 -27.81 16.71
N SER D 238 -2.44 -28.95 17.21
CA SER D 238 -2.84 -30.03 16.31
C SER D 238 -4.14 -29.68 15.60
N PRO D 239 -4.30 -30.11 14.35
CA PRO D 239 -5.59 -29.90 13.64
C PRO D 239 -6.78 -30.45 14.39
N THR D 240 -6.66 -31.64 15.01
CA THR D 240 -7.81 -32.21 15.72
C THR D 240 -8.32 -31.27 16.81
N VAL D 241 -7.39 -30.70 17.59
CA VAL D 241 -7.80 -29.78 18.65
C VAL D 241 -8.34 -28.48 18.06
N GLY D 242 -7.59 -27.89 17.12
CA GLY D 242 -7.93 -26.55 16.65
C GLY D 242 -9.34 -26.44 16.08
N TRP D 243 -9.73 -27.40 15.25
CA TRP D 243 -11.07 -27.33 14.64
C TRP D 243 -12.17 -27.58 15.68
N GLU D 244 -11.88 -28.36 16.73
CA GLU D 244 -12.86 -28.52 17.79
C GLU D 244 -13.01 -27.24 18.60
N LEU D 245 -11.89 -26.55 18.87
CA LEU D 245 -11.97 -25.31 19.63
C LEU D 245 -12.75 -24.25 18.87
N LYS D 246 -12.61 -24.21 17.54
CA LYS D 246 -13.38 -23.26 16.74
C LYS D 246 -14.88 -23.44 16.97
N LYS D 247 -15.34 -24.70 17.08
CA LYS D 247 -16.75 -24.97 17.29
C LYS D 247 -17.26 -24.36 18.58
N LYS D 248 -16.41 -24.27 19.60
CA LYS D 248 -16.86 -23.84 20.93
C LYS D 248 -16.50 -22.40 21.24
N ALA D 249 -15.96 -21.66 20.28
CA ALA D 249 -15.38 -20.36 20.59
C ALA D 249 -16.44 -19.29 20.85
N GLY D 250 -17.68 -19.50 20.42
CA GLY D 250 -18.69 -18.46 20.57
C GLY D 250 -18.50 -17.33 19.57
N LYS D 251 -18.69 -16.09 20.03
CA LYS D 251 -18.67 -14.92 19.14
C LYS D 251 -17.27 -14.53 18.67
N LYS D 252 -16.22 -14.89 19.40
CA LYS D 252 -14.90 -14.32 19.18
C LYS D 252 -14.34 -14.73 17.82
N LYS D 253 -13.48 -13.87 17.26
CA LYS D 253 -12.69 -14.25 16.10
C LYS D 253 -11.79 -15.42 16.45
N VAL D 254 -11.58 -16.32 15.47
CA VAL D 254 -10.73 -17.50 15.67
C VAL D 254 -9.64 -17.50 14.61
N VAL D 255 -8.39 -17.66 15.06
CA VAL D 255 -7.24 -17.86 14.17
C VAL D 255 -6.65 -19.22 14.51
N LEU D 256 -6.37 -20.03 13.49
CA LEU D 256 -5.86 -21.39 13.70
C LEU D 256 -4.58 -21.60 12.90
N GLU D 257 -3.55 -22.09 13.57
CA GLU D 257 -2.27 -22.44 12.96
C GLU D 257 -2.03 -23.91 13.29
N LEU D 258 -2.22 -24.80 12.31
CA LEU D 258 -2.25 -26.22 12.60
C LEU D 258 -1.11 -26.96 11.91
N GLY D 259 -1.31 -28.19 11.48
CA GLY D 259 -0.21 -28.93 10.88
C GLY D 259 -0.52 -29.52 9.53
N GLY D 260 0.28 -30.49 9.09
CA GLY D 260 0.06 -31.11 7.80
C GLY D 260 1.10 -32.19 7.56
N ASN D 261 1.12 -32.68 6.31
CA ASN D 261 2.06 -33.71 5.87
C ASN D 261 2.84 -33.16 4.68
N ALA D 262 3.66 -32.13 4.94
CA ALA D 262 4.26 -31.32 3.89
C ALA D 262 5.09 -32.16 2.91
N ALA D 263 5.00 -31.81 1.63
CA ALA D 263 5.67 -32.50 0.55
C ALA D 263 6.71 -31.59 -0.10
N ALA D 264 7.74 -32.23 -0.66
CA ALA D 264 8.78 -31.58 -1.45
C ALA D 264 8.91 -32.33 -2.77
N ILE D 265 8.81 -31.59 -3.87
CA ILE D 265 9.05 -32.12 -5.22
C ILE D 265 10.50 -31.86 -5.58
N VAL D 266 11.17 -32.86 -6.14
CA VAL D 266 12.47 -32.68 -6.75
C VAL D 266 12.30 -32.93 -8.24
N ASP D 267 12.56 -31.91 -9.04
CA ASP D 267 12.28 -31.93 -10.46
C ASP D 267 13.39 -32.62 -11.25
N ALA D 268 13.13 -32.81 -12.54
CA ALA D 268 14.03 -33.60 -13.40
C ALA D 268 15.37 -32.93 -13.65
N ASP D 269 15.47 -31.61 -13.44
CA ASP D 269 16.65 -30.86 -13.80
C ASP D 269 17.63 -30.70 -12.64
N GLN D 270 17.48 -31.47 -11.55
CA GLN D 270 18.18 -31.18 -10.31
C GLN D 270 19.49 -31.96 -10.15
N ARG D 271 19.97 -32.64 -11.20
CA ARG D 271 21.09 -33.56 -11.01
C ARG D 271 22.31 -32.87 -10.41
N GLU D 272 22.66 -31.68 -10.93
CA GLU D 272 23.92 -31.07 -10.54
C GLU D 272 23.90 -30.49 -9.13
N VAL D 273 22.72 -30.33 -8.53
CA VAL D 273 22.59 -29.74 -7.21
C VAL D 273 21.99 -30.74 -6.20
N LEU D 274 22.07 -32.04 -6.49
CA LEU D 274 21.43 -33.04 -5.62
C LEU D 274 21.99 -33.06 -4.21
N ASP D 275 23.28 -32.78 -4.02
CA ASP D 275 23.82 -32.74 -2.66
C ASP D 275 23.19 -31.61 -1.86
N TYR D 276 22.99 -30.44 -2.49
CA TYR D 276 22.23 -29.38 -1.86
C TYR D 276 20.80 -29.82 -1.54
N VAL D 277 20.13 -30.43 -2.52
CA VAL D 277 18.74 -30.84 -2.33
C VAL D 277 18.64 -31.83 -1.17
N VAL D 278 19.47 -32.87 -1.20
CA VAL D 278 19.44 -33.91 -0.15
C VAL D 278 19.69 -33.30 1.21
N GLU D 279 20.62 -32.34 1.30
CA GLU D 279 20.93 -31.71 2.58
C GLU D 279 19.69 -31.00 3.14
N ARG D 280 18.98 -30.26 2.28
CA ARG D 280 17.78 -29.56 2.72
C ARG D 280 16.64 -30.54 3.03
N LEU D 281 16.53 -31.61 2.24
CA LEU D 281 15.52 -32.63 2.53
C LEU D 281 15.74 -33.26 3.89
N ALA D 282 16.99 -33.59 4.21
CA ALA D 282 17.29 -34.19 5.49
C ALA D 282 17.06 -33.20 6.62
N PHE D 283 17.47 -31.94 6.45
CA PHE D 283 17.12 -30.91 7.42
C PHE D 283 15.61 -30.84 7.61
N GLY D 284 14.87 -30.75 6.52
CA GLY D 284 13.43 -30.59 6.63
C GLY D 284 12.75 -31.78 7.28
N ALA D 285 13.20 -32.98 6.94
CA ALA D 285 12.52 -34.17 7.43
C ALA D 285 12.87 -34.50 8.87
N TYR D 286 14.09 -34.16 9.31
CA TYR D 286 14.60 -34.69 10.56
C TYR D 286 14.97 -33.64 11.60
N TYR D 287 14.96 -32.35 11.23
CA TYR D 287 15.14 -31.27 12.21
C TYR D 287 14.15 -31.44 13.35
N GLN D 288 14.65 -31.23 14.58
CA GLN D 288 13.97 -31.55 15.83
CA GLN D 288 13.88 -31.50 15.79
C GLN D 288 13.13 -32.82 15.70
N SER D 289 13.74 -33.85 15.12
CA SER D 289 13.13 -35.18 14.99
C SER D 289 11.78 -35.12 14.30
N GLY D 290 11.66 -34.24 13.30
CA GLY D 290 10.43 -34.17 12.54
C GLY D 290 9.27 -33.51 13.25
N GLN D 291 9.47 -32.99 14.46
CA GLN D 291 8.41 -32.35 15.22
C GLN D 291 8.29 -30.87 14.83
N SER D 292 7.90 -30.68 13.57
CA SER D 292 7.66 -29.37 12.98
C SER D 292 6.36 -29.42 12.18
N CYS D 293 5.55 -28.38 12.31
CA CYS D 293 4.32 -28.32 11.52
C CYS D 293 4.56 -28.24 10.02
N ILE D 294 5.79 -27.94 9.58
CA ILE D 294 6.13 -27.93 8.16
C ILE D 294 7.31 -28.86 7.91
N GLY D 295 7.48 -29.86 8.77
CA GLY D 295 8.47 -30.89 8.52
C GLY D 295 8.20 -31.62 7.21
N VAL D 296 9.29 -31.96 6.52
CA VAL D 296 9.19 -32.71 5.26
C VAL D 296 8.72 -34.13 5.60
N GLN D 297 7.52 -34.48 5.15
CA GLN D 297 7.02 -35.83 5.35
C GLN D 297 7.05 -36.66 4.07
N ARG D 298 6.78 -36.04 2.92
CA ARG D 298 6.67 -36.75 1.65
C ARG D 298 7.67 -36.13 0.67
N ILE D 299 8.44 -36.97 -0.01
CA ILE D 299 9.45 -36.53 -0.98
C ILE D 299 9.06 -37.13 -2.32
N ILE D 300 8.82 -36.27 -3.32
CA ILE D 300 8.29 -36.68 -4.61
C ILE D 300 9.33 -36.33 -5.67
N ALA D 301 10.05 -37.33 -6.17
CA ALA D 301 11.26 -37.10 -6.94
C ALA D 301 11.15 -37.64 -8.35
N HIS D 302 11.65 -36.87 -9.31
CA HIS D 302 11.51 -37.21 -10.71
C HIS D 302 12.38 -38.42 -11.06
N ALA D 303 11.83 -39.29 -11.91
CA ALA D 303 12.52 -40.50 -12.34
C ALA D 303 13.94 -40.22 -12.85
N ASP D 304 14.17 -39.06 -13.47
CA ASP D 304 15.48 -38.77 -14.05
C ASP D 304 16.57 -38.65 -12.99
N VAL D 305 16.23 -38.17 -11.78
CA VAL D 305 17.20 -38.03 -10.70
C VAL D 305 16.98 -39.02 -9.57
N TYR D 306 15.98 -39.91 -9.69
CA TYR D 306 15.51 -40.67 -8.54
C TYR D 306 16.59 -41.59 -7.98
N ASP D 307 17.31 -42.29 -8.86
CA ASP D 307 18.28 -43.28 -8.38
C ASP D 307 19.43 -42.60 -7.63
N ALA D 308 19.97 -41.51 -8.18
CA ALA D 308 21.03 -40.78 -7.51
C ALA D 308 20.52 -40.08 -6.25
N LEU D 309 19.29 -39.56 -6.28
CA LEU D 309 18.72 -38.94 -5.10
C LEU D 309 18.49 -39.97 -4.00
N ARG D 310 18.01 -41.16 -4.38
CA ARG D 310 17.78 -42.23 -3.42
C ARG D 310 19.06 -42.63 -2.71
N GLU D 311 20.12 -42.88 -3.47
CA GLU D 311 21.39 -43.28 -2.87
C GLU D 311 21.93 -42.21 -1.94
N LYS D 312 21.92 -40.95 -2.38
CA LYS D 312 22.41 -39.85 -1.56
C LYS D 312 21.57 -39.67 -0.30
N LEU D 313 20.25 -39.78 -0.43
CA LEU D 313 19.37 -39.54 0.71
C LEU D 313 19.49 -40.63 1.76
N ILE D 314 19.62 -41.88 1.33
CA ILE D 314 19.84 -42.96 2.28
C ILE D 314 21.14 -42.73 3.05
N ALA D 315 22.22 -42.42 2.32
CA ALA D 315 23.50 -42.16 2.97
C ALA D 315 23.39 -40.98 3.94
N LYS D 316 22.73 -39.91 3.52
CA LYS D 316 22.59 -38.74 4.39
C LYS D 316 21.77 -39.09 5.63
N THR D 317 20.63 -39.76 5.44
CA THR D 317 19.78 -40.11 6.56
C THR D 317 20.53 -40.98 7.58
N ARG D 318 21.28 -41.97 7.09
CA ARG D 318 22.02 -42.84 8.00
C ARG D 318 23.16 -42.12 8.71
N SER D 319 23.61 -40.98 8.18
CA SER D 319 24.72 -40.26 8.81
C SER D 319 24.28 -39.40 9.99
N LEU D 320 22.98 -39.17 10.16
CA LEU D 320 22.51 -38.25 11.19
C LEU D 320 22.71 -38.85 12.58
N LYS D 321 23.33 -38.10 13.48
CA LYS D 321 23.62 -38.57 14.83
C LYS D 321 22.39 -38.42 15.73
N MET D 322 22.01 -39.51 16.39
CA MET D 322 20.88 -39.54 17.30
C MET D 322 21.39 -39.73 18.73
N GLY D 323 20.73 -39.08 19.69
CA GLY D 323 21.14 -39.27 21.09
C GLY D 323 20.75 -38.09 21.97
N ASP D 324 21.58 -37.85 22.99
CA ASP D 324 21.40 -36.81 23.99
C ASP D 324 21.33 -35.45 23.31
N PRO D 325 20.18 -34.76 23.38
CA PRO D 325 20.08 -33.43 22.75
C PRO D 325 20.97 -32.39 23.38
N LYS D 326 21.49 -32.62 24.60
CA LYS D 326 22.47 -31.71 25.18
C LYS D 326 23.79 -31.77 24.44
N ASP D 327 24.02 -32.83 23.67
CA ASP D 327 25.27 -32.98 22.91
C ASP D 327 25.16 -32.17 21.63
N PRO D 328 26.09 -31.25 21.35
CA PRO D 328 26.02 -30.49 20.09
C PRO D 328 26.14 -31.36 18.86
N ALA D 329 26.72 -32.56 18.98
CA ALA D 329 26.78 -33.47 17.84
C ALA D 329 25.44 -34.09 17.50
N THR D 330 24.44 -34.02 18.38
CA THR D 330 23.17 -34.69 18.16
C THR D 330 22.33 -33.92 17.16
N PHE D 331 21.86 -34.61 16.12
CA PHE D 331 20.84 -34.01 15.26
C PHE D 331 19.45 -34.53 15.54
N VAL D 332 19.31 -35.79 15.96
CA VAL D 332 18.02 -36.40 16.25
C VAL D 332 17.92 -36.64 17.75
N GLY D 333 17.19 -35.77 18.45
CA GLY D 333 16.91 -36.00 19.84
C GLY D 333 15.68 -36.89 20.04
N PRO D 334 15.22 -37.01 21.28
CA PRO D 334 14.02 -37.83 21.54
C PRO D 334 12.76 -37.16 21.02
N MET D 335 11.79 -37.99 20.65
CA MET D 335 10.44 -37.48 20.46
C MET D 335 9.86 -37.08 21.82
N ILE D 336 8.75 -36.33 21.77
CA ILE D 336 8.25 -35.69 22.98
C ILE D 336 7.80 -36.72 24.02
N SER D 337 7.46 -37.93 23.60
CA SER D 337 7.07 -38.97 24.55
C SER D 337 7.22 -40.33 23.87
N GLU D 338 7.30 -41.37 24.71
CA GLU D 338 7.27 -42.73 24.20
C GLU D 338 5.96 -43.02 23.50
N SER D 339 4.85 -42.52 24.03
CA SER D 339 3.55 -42.81 23.43
C SER D 339 3.46 -42.22 22.03
N GLU D 340 4.10 -41.08 21.80
CA GLU D 340 4.08 -40.49 20.46
C GLU D 340 4.98 -41.26 19.51
N ALA D 341 6.13 -41.73 20.01
CA ALA D 341 6.95 -42.63 19.21
C ALA D 341 6.22 -43.92 18.90
N ARG D 342 5.45 -44.45 19.86
CA ARG D 342 4.66 -45.65 19.61
C ARG D 342 3.56 -45.40 18.58
N ARG D 343 2.88 -44.25 18.65
CA ARG D 343 1.91 -43.89 17.61
C ARG D 343 2.53 -43.99 16.23
N LEU D 344 3.66 -43.30 16.02
CA LEU D 344 4.26 -43.24 14.69
C LEU D 344 4.82 -44.61 14.29
N ALA D 345 5.39 -45.34 15.24
CA ALA D 345 5.90 -46.68 14.94
C ALA D 345 4.77 -47.59 14.46
N GLY D 346 3.58 -47.43 15.02
CA GLY D 346 2.44 -48.23 14.58
C GLY D 346 2.04 -47.96 13.14
N TRP D 347 2.00 -46.69 12.75
CA TRP D 347 1.74 -46.36 11.34
C TRP D 347 2.84 -46.92 10.44
N MET D 348 4.09 -46.78 10.86
CA MET D 348 5.20 -47.31 10.08
C MET D 348 5.08 -48.83 9.91
N GLU D 349 4.80 -49.55 11.00
CA GLU D 349 4.62 -50.99 10.92
C GLU D 349 3.45 -51.37 10.02
N ALA D 350 2.33 -50.63 10.13
CA ALA D 350 1.20 -50.91 9.25
C ALA D 350 1.57 -50.69 7.79
N ALA D 351 2.35 -49.64 7.51
CA ALA D 351 2.75 -49.37 6.13
C ALA D 351 3.66 -50.48 5.61
N VAL D 352 4.62 -50.92 6.42
CA VAL D 352 5.50 -52.01 6.02
C VAL D 352 4.72 -53.29 5.81
N ALA D 353 3.75 -53.57 6.70
CA ALA D 353 2.95 -54.77 6.54
C ALA D 353 2.17 -54.76 5.22
N ALA D 354 1.84 -53.56 4.72
CA ALA D 354 1.10 -53.41 3.47
C ALA D 354 2.02 -53.35 2.24
N GLY D 355 3.33 -53.53 2.41
CA GLY D 355 4.24 -53.58 1.29
C GLY D 355 5.35 -52.54 1.28
N ALA D 356 5.33 -51.55 2.18
CA ALA D 356 6.37 -50.55 2.17
C ALA D 356 7.69 -51.15 2.68
N LYS D 357 8.80 -50.50 2.32
CA LYS D 357 10.13 -50.91 2.75
C LYS D 357 10.83 -49.75 3.45
N ILE D 358 11.36 -50.01 4.64
CA ILE D 358 12.27 -49.07 5.28
C ILE D 358 13.61 -49.17 4.58
N VAL D 359 14.11 -48.05 4.05
CA VAL D 359 15.41 -48.07 3.38
C VAL D 359 16.51 -47.40 4.22
N ALA D 360 16.15 -46.76 5.34
CA ALA D 360 17.15 -46.21 6.25
C ALA D 360 16.51 -46.02 7.61
N GLY D 361 17.27 -46.29 8.66
CA GLY D 361 16.76 -46.07 10.01
C GLY D 361 15.75 -47.15 10.39
N GLY D 362 14.65 -46.71 10.99
CA GLY D 362 13.55 -47.60 11.32
C GLY D 362 13.53 -48.12 12.73
N LYS D 363 14.61 -48.00 13.49
CA LYS D 363 14.64 -48.54 14.84
C LYS D 363 14.14 -47.50 15.84
N VAL D 364 13.34 -47.98 16.80
CA VAL D 364 12.74 -47.14 17.83
C VAL D 364 13.04 -47.77 19.19
N ASP D 365 13.54 -46.94 20.12
CA ASP D 365 13.86 -47.40 21.48
C ASP D 365 13.33 -46.34 22.45
N GLY D 366 12.21 -46.65 23.10
CA GLY D 366 11.55 -45.62 23.90
C GLY D 366 11.14 -44.46 23.02
N ALA D 367 11.57 -43.25 23.40
CA ALA D 367 11.29 -42.04 22.62
C ALA D 367 12.35 -41.77 21.56
N MET D 368 13.40 -42.58 21.50
CA MET D 368 14.48 -42.40 20.53
C MET D 368 14.08 -43.05 19.23
N PHE D 369 13.58 -42.25 18.29
CA PHE D 369 13.13 -42.72 16.98
C PHE D 369 14.20 -42.33 15.98
N GLU D 370 14.76 -43.32 15.28
CA GLU D 370 15.80 -43.06 14.30
C GLU D 370 15.27 -42.22 13.15
N ALA D 371 16.15 -41.40 12.57
CA ALA D 371 15.82 -40.80 11.28
C ALA D 371 15.60 -41.91 10.26
N THR D 372 14.38 -41.96 9.72
CA THR D 372 13.89 -43.13 8.99
C THR D 372 13.35 -42.70 7.63
N LEU D 373 13.70 -43.45 6.58
CA LEU D 373 13.24 -43.20 5.21
C LEU D 373 12.59 -44.47 4.68
N LEU D 374 11.41 -44.32 4.06
CA LEU D 374 10.67 -45.42 3.47
C LEU D 374 10.44 -45.18 1.97
N GLU D 375 10.30 -46.28 1.25
CA GLU D 375 9.76 -46.32 -0.11
C GLU D 375 8.52 -47.21 -0.15
N GLY D 376 7.74 -47.04 -1.20
CA GLY D 376 6.60 -47.92 -1.41
C GLY D 376 5.44 -47.76 -0.46
N VAL D 377 5.33 -46.62 0.21
CA VAL D 377 4.23 -46.38 1.14
C VAL D 377 2.97 -46.06 0.34
N GLY D 378 1.91 -46.84 0.55
CA GLY D 378 0.68 -46.62 -0.18
C GLY D 378 0.04 -45.28 0.18
N ARG D 379 -0.57 -44.64 -0.83
CA ARG D 379 -1.12 -43.32 -0.58
C ARG D 379 -2.30 -43.34 0.38
N ASP D 380 -2.86 -44.53 0.67
CA ASP D 380 -3.98 -44.65 1.60
C ASP D 380 -3.54 -44.98 3.02
N GLN D 381 -2.24 -45.05 3.29
CA GLN D 381 -1.73 -45.41 4.61
C GLN D 381 -1.75 -44.22 5.56
N ASP D 382 -2.01 -44.52 6.84
CA ASP D 382 -1.93 -43.49 7.88
C ASP D 382 -0.58 -42.79 7.83
N LEU D 383 0.48 -43.55 7.56
CA LEU D 383 1.80 -42.94 7.48
C LEU D 383 1.87 -41.89 6.38
N TYR D 384 1.09 -42.07 5.32
CA TYR D 384 1.10 -41.14 4.19
C TYR D 384 0.21 -39.94 4.47
N ARG D 385 -1.02 -40.19 4.94
CA ARG D 385 -2.06 -39.18 4.94
C ARG D 385 -2.17 -38.41 6.26
N LYS D 386 -1.74 -38.99 7.38
CA LYS D 386 -1.82 -38.27 8.63
C LYS D 386 -0.51 -37.54 8.92
N GLU D 387 -0.55 -36.61 9.88
CA GLU D 387 0.65 -35.88 10.27
C GLU D 387 1.58 -36.79 11.06
N ALA D 388 2.72 -37.13 10.46
CA ALA D 388 3.68 -38.01 11.13
C ALA D 388 4.21 -37.40 12.42
N PHE D 389 4.64 -36.13 12.36
CA PHE D 389 5.24 -35.43 13.50
C PHE D 389 6.31 -36.26 14.20
N GLY D 390 7.21 -36.79 13.39
CA GLY D 390 8.33 -37.59 13.85
C GLY D 390 9.32 -37.75 12.72
N PRO D 391 10.54 -38.38 13.01
CA PRO D 391 11.65 -38.40 12.03
C PRO D 391 11.48 -39.47 10.96
N VAL D 392 10.37 -39.39 10.23
CA VAL D 392 10.05 -40.32 9.16
C VAL D 392 9.74 -39.50 7.90
N ALA D 393 10.30 -39.93 6.76
CA ALA D 393 9.99 -39.33 5.47
C ALA D 393 9.72 -40.44 4.46
N LEU D 394 8.85 -40.14 3.50
CA LEU D 394 8.41 -41.11 2.51
C LEU D 394 8.87 -40.65 1.12
N LEU D 395 9.54 -41.56 0.40
CA LEU D 395 10.08 -41.27 -0.92
C LEU D 395 9.22 -41.92 -1.99
N GLU D 396 8.82 -41.15 -3.00
CA GLU D 396 8.04 -41.67 -4.10
C GLU D 396 8.51 -41.03 -5.39
N ARG D 397 8.20 -41.68 -6.51
CA ARG D 397 8.76 -41.34 -7.81
C ARG D 397 7.66 -40.86 -8.75
N PHE D 398 7.99 -39.88 -9.60
CA PHE D 398 7.07 -39.38 -10.61
C PHE D 398 7.83 -39.09 -11.90
N SER D 399 7.08 -38.93 -12.99
CA SER D 399 7.65 -38.48 -14.25
CA SER D 399 7.62 -38.53 -14.29
C SER D 399 6.90 -37.31 -14.87
N ASP D 400 5.62 -37.13 -14.53
CA ASP D 400 4.78 -36.07 -15.08
C ASP D 400 4.58 -34.99 -14.02
N PHE D 401 4.98 -33.75 -14.33
CA PHE D 401 4.99 -32.71 -13.31
C PHE D 401 3.58 -32.47 -12.75
N ASP D 402 2.55 -32.56 -13.60
CA ASP D 402 1.18 -32.42 -13.11
C ASP D 402 0.82 -33.52 -12.12
N ASP D 403 1.32 -34.73 -12.35
CA ASP D 403 1.16 -35.81 -11.40
C ASP D 403 1.82 -35.46 -10.06
N ALA D 404 3.02 -34.87 -10.10
CA ALA D 404 3.68 -34.46 -8.86
C ALA D 404 2.85 -33.41 -8.12
N LEU D 405 2.29 -32.45 -8.84
CA LEU D 405 1.44 -31.45 -8.20
C LEU D 405 0.22 -32.10 -7.57
N ALA D 406 -0.45 -32.99 -8.33
CA ALA D 406 -1.62 -33.70 -7.81
C ALA D 406 -1.27 -34.50 -6.55
N ARG D 407 -0.07 -35.10 -6.51
CA ARG D 407 0.31 -35.85 -5.31
C ARG D 407 0.52 -34.93 -4.11
N VAL D 408 1.16 -33.78 -4.33
CA VAL D 408 1.27 -32.80 -3.24
C VAL D 408 -0.10 -32.49 -2.65
N ASN D 409 -1.08 -32.26 -3.52
CA ASN D 409 -2.42 -31.86 -3.11
C ASN D 409 -3.28 -33.01 -2.59
N ASP D 410 -2.83 -34.25 -2.75
CA ASP D 410 -3.57 -35.44 -2.35
C ASP D 410 -3.48 -35.59 -0.82
N SER D 411 -4.26 -34.77 -0.13
CA SER D 411 -4.07 -34.62 1.30
C SER D 411 -5.23 -33.83 1.88
N ASP D 412 -5.53 -34.08 3.17
CA ASP D 412 -6.45 -33.20 3.88
C ASP D 412 -5.85 -31.83 4.17
N PHE D 413 -4.53 -31.70 4.08
CA PHE D 413 -3.80 -30.54 4.58
C PHE D 413 -3.29 -29.66 3.45
N GLY D 414 -2.74 -28.52 3.83
CA GLY D 414 -2.25 -27.54 2.87
C GLY D 414 -1.53 -26.39 3.56
N LEU D 415 -0.44 -26.72 4.26
CA LEU D 415 0.31 -25.69 4.98
C LEU D 415 1.38 -25.12 4.06
N GLN D 416 2.46 -25.86 3.82
CA GLN D 416 3.47 -25.44 2.84
C GLN D 416 3.92 -26.64 2.03
N ALA D 417 4.41 -26.35 0.82
CA ALA D 417 5.05 -27.32 -0.04
C ALA D 417 6.31 -26.70 -0.62
N GLY D 418 7.22 -27.56 -1.08
CA GLY D 418 8.48 -27.12 -1.66
C GLY D 418 8.72 -27.77 -3.02
N VAL D 419 9.38 -27.01 -3.90
CA VAL D 419 9.69 -27.49 -5.25
C VAL D 419 11.11 -27.09 -5.59
N PHE D 420 11.99 -28.08 -5.77
CA PHE D 420 13.34 -27.86 -6.28
C PHE D 420 13.31 -27.97 -7.81
N THR D 421 13.43 -26.83 -8.49
CA THR D 421 13.36 -26.81 -9.94
C THR D 421 14.08 -25.56 -10.44
N ASP D 422 14.56 -25.62 -11.69
CA ASP D 422 14.98 -24.40 -12.38
C ASP D 422 14.08 -24.10 -13.57
N SER D 423 12.93 -24.77 -13.68
CA SER D 423 11.97 -24.46 -14.73
C SER D 423 11.07 -23.32 -14.26
N LEU D 424 11.19 -22.18 -14.94
CA LEU D 424 10.28 -21.06 -14.69
C LEU D 424 8.82 -21.50 -14.75
N SER D 425 8.46 -22.27 -15.77
CA SER D 425 7.06 -22.63 -15.96
C SER D 425 6.59 -23.58 -14.88
N HIS D 426 7.47 -24.51 -14.44
CA HIS D 426 7.09 -25.38 -13.33
C HIS D 426 6.92 -24.60 -12.04
N ALA D 427 7.79 -23.62 -11.79
CA ALA D 427 7.60 -22.78 -10.61
C ALA D 427 6.27 -22.03 -10.67
N GLN D 428 5.97 -21.45 -11.84
CA GLN D 428 4.68 -20.76 -12.01
C GLN D 428 3.52 -21.70 -11.74
N ARG D 429 3.57 -22.91 -12.31
CA ARG D 429 2.49 -23.86 -12.12
CA ARG D 429 2.50 -23.87 -12.12
C ARG D 429 2.33 -24.28 -10.67
N ALA D 430 3.45 -24.45 -9.96
CA ALA D 430 3.37 -24.83 -8.55
C ALA D 430 2.73 -23.73 -7.71
N TRP D 431 3.12 -22.47 -7.95
CA TRP D 431 2.53 -21.36 -7.21
C TRP D 431 1.03 -21.29 -7.46
N ASP D 432 0.62 -21.59 -8.69
CA ASP D 432 -0.77 -21.48 -9.10
CA ASP D 432 -0.77 -21.50 -9.12
C ASP D 432 -1.62 -22.63 -8.59
N GLU D 433 -1.07 -23.84 -8.55
CA GLU D 433 -1.91 -25.02 -8.37
C GLU D 433 -1.70 -25.78 -7.08
N LEU D 434 -0.69 -25.43 -6.29
CA LEU D 434 -0.52 -26.11 -5.01
C LEU D 434 -1.41 -25.43 -3.98
N GLU D 435 -2.35 -26.19 -3.42
CA GLU D 435 -3.34 -25.63 -2.48
C GLU D 435 -2.73 -25.64 -1.08
N VAL D 436 -1.85 -24.67 -0.85
CA VAL D 436 -1.12 -24.53 0.40
C VAL D 436 -1.07 -23.04 0.72
N GLY D 437 -0.77 -22.74 2.00
CA GLY D 437 -0.51 -21.36 2.37
C GLY D 437 0.69 -20.79 1.64
N GLY D 438 1.77 -21.58 1.53
CA GLY D 438 3.01 -21.12 0.95
C GLY D 438 3.76 -22.17 0.16
N VAL D 439 4.30 -21.76 -0.98
CA VAL D 439 5.08 -22.62 -1.88
C VAL D 439 6.52 -22.13 -1.83
N VAL D 440 7.44 -23.03 -1.50
CA VAL D 440 8.85 -22.69 -1.44
C VAL D 440 9.55 -23.26 -2.67
N ILE D 441 10.29 -22.39 -3.38
CA ILE D 441 11.02 -22.79 -4.58
C ILE D 441 12.51 -22.90 -4.23
N ASN D 442 13.08 -24.08 -4.46
CA ASN D 442 14.49 -24.37 -4.24
C ASN D 442 14.88 -24.34 -2.77
N ASP D 443 13.90 -24.54 -1.89
CA ASP D 443 14.16 -24.99 -0.52
C ASP D 443 12.95 -25.81 -0.10
N VAL D 444 13.09 -26.50 1.04
CA VAL D 444 12.04 -27.39 1.52
C VAL D 444 10.84 -26.58 2.00
N PRO D 445 9.66 -27.21 2.15
CA PRO D 445 8.54 -26.51 2.80
C PRO D 445 8.81 -26.11 4.24
N SER D 446 9.84 -26.66 4.89
CA SER D 446 10.14 -26.38 6.29
C SER D 446 10.76 -25.00 6.51
N PHE D 447 10.98 -24.22 5.46
CA PHE D 447 11.54 -22.88 5.63
C PHE D 447 10.50 -21.86 6.09
N ARG D 448 10.89 -21.05 7.07
CA ARG D 448 10.07 -19.92 7.50
C ARG D 448 10.98 -18.81 8.01
N VAL D 449 10.71 -17.58 7.58
CA VAL D 449 11.30 -16.39 8.18
C VAL D 449 10.16 -15.62 8.85
N ASP D 450 10.46 -14.98 9.98
CA ASP D 450 9.38 -14.63 10.90
C ASP D 450 8.61 -13.37 10.52
N ASN D 451 8.94 -12.67 9.44
CA ASN D 451 8.11 -11.60 8.96
C ASN D 451 7.14 -12.05 7.86
N MET D 452 7.31 -13.27 7.28
CA MET D 452 6.52 -13.60 6.10
C MET D 452 5.11 -14.04 6.50
N PRO D 453 4.12 -13.83 5.63
CA PRO D 453 2.79 -14.38 5.93
C PRO D 453 2.89 -15.89 6.01
N TYR D 454 2.34 -16.46 7.08
CA TYR D 454 2.54 -17.87 7.35
C TYR D 454 1.25 -18.49 7.86
N GLY D 455 0.80 -19.55 7.20
CA GLY D 455 -0.36 -20.28 7.69
C GLY D 455 -0.83 -21.29 6.68
N GLY D 456 -1.94 -21.93 7.02
CA GLY D 456 -2.41 -23.05 6.22
C GLY D 456 -3.79 -22.86 5.65
N VAL D 457 -4.10 -23.61 4.59
CA VAL D 457 -5.47 -23.69 4.08
C VAL D 457 -5.90 -25.15 4.25
N LYS D 458 -7.09 -25.49 3.75
CA LYS D 458 -7.66 -26.82 3.97
C LYS D 458 -7.63 -27.12 5.46
N ASP D 459 -7.23 -28.32 5.87
CA ASP D 459 -7.29 -28.62 7.30
C ASP D 459 -6.08 -28.08 8.07
N SER D 460 -5.21 -27.29 7.43
CA SER D 460 -3.98 -26.88 8.08
C SER D 460 -4.08 -25.53 8.77
N GLY D 461 -5.18 -24.81 8.63
CA GLY D 461 -5.32 -23.59 9.40
C GLY D 461 -6.39 -22.66 8.87
N LEU D 462 -6.48 -21.51 9.54
CA LEU D 462 -7.40 -20.44 9.15
C LEU D 462 -6.75 -19.13 9.61
N GLY D 463 -6.23 -18.36 8.66
CA GLY D 463 -5.59 -17.09 8.96
C GLY D 463 -4.08 -17.17 8.77
N ARG D 464 -3.43 -16.03 9.00
CA ARG D 464 -1.98 -15.93 8.81
C ARG D 464 -1.30 -15.28 10.01
N GLU D 465 -0.17 -15.85 10.40
CA GLU D 465 0.74 -15.22 11.35
C GLU D 465 1.95 -14.71 10.57
N GLY D 466 3.02 -14.38 11.29
CA GLY D 466 3.99 -13.43 10.76
C GLY D 466 3.52 -12.04 11.19
N ILE D 467 4.45 -11.21 11.68
CA ILE D 467 4.09 -10.08 12.55
C ILE D 467 2.99 -9.21 11.94
N ARG D 468 3.22 -8.67 10.73
CA ARG D 468 2.22 -7.76 10.13
C ARG D 468 0.85 -8.43 10.04
N TYR D 469 0.83 -9.70 9.68
CA TYR D 469 -0.43 -10.41 9.44
C TYR D 469 -1.13 -10.73 10.75
N ALA D 470 -0.37 -11.03 11.80
CA ALA D 470 -0.98 -11.23 13.13
C ALA D 470 -1.58 -9.95 13.68
N ILE D 471 -0.87 -8.82 13.54
CA ILE D 471 -1.40 -7.53 13.96
C ILE D 471 -2.75 -7.26 13.29
N GLU D 472 -2.86 -7.63 12.02
CA GLU D 472 -4.08 -7.38 11.28
C GLU D 472 -5.27 -8.12 11.89
N ASP D 473 -5.08 -9.38 12.30
CA ASP D 473 -6.16 -10.11 12.96
C ASP D 473 -6.40 -9.65 14.39
N MET D 474 -5.40 -9.03 15.04
CA MET D 474 -5.56 -8.51 16.39
C MET D 474 -6.09 -7.10 16.44
N THR D 475 -6.54 -6.54 15.31
CA THR D 475 -7.06 -5.18 15.27
C THR D 475 -8.34 -5.14 14.44
N GLU D 476 -9.10 -4.07 14.63
CA GLU D 476 -10.31 -3.80 13.86
C GLU D 476 -10.14 -2.48 13.13
N LEU D 477 -10.67 -2.39 11.90
CA LEU D 477 -10.72 -1.09 11.25
C LEU D 477 -11.75 -0.23 11.97
N ARG D 478 -11.39 1.04 12.18
CA ARG D 478 -12.30 2.04 12.73
C ARG D 478 -12.36 3.17 11.70
N LEU D 479 -13.45 3.22 10.94
CA LEU D 479 -13.58 4.21 9.88
C LEU D 479 -14.11 5.52 10.42
N MET D 480 -13.56 6.64 9.95
CA MET D 480 -14.17 7.94 10.16
C MET D 480 -14.59 8.52 8.81
N VAL D 481 -15.88 8.80 8.67
CA VAL D 481 -16.42 9.48 7.50
C VAL D 481 -16.68 10.92 7.92
N VAL D 482 -16.22 11.88 7.12
CA VAL D 482 -16.38 13.30 7.41
C VAL D 482 -17.12 13.95 6.24
N ARG D 483 -18.27 14.55 6.52
CA ARG D 483 -19.01 15.30 5.51
C ARG D 483 -18.66 16.77 5.64
N ARG D 484 -18.15 17.35 4.57
CA ARG D 484 -18.06 18.79 4.44
C ARG D 484 -19.17 19.28 3.52
N ARG D 485 -19.76 20.42 3.87
CA ARG D 485 -20.82 20.96 3.03
C ARG D 485 -20.50 22.35 2.47
#